data_9GJX
#
_entry.id   9GJX
#
_cell.length_a   76.776
_cell.length_b   115.807
_cell.length_c   103.807
_cell.angle_alpha   90.00
_cell.angle_beta   110.29
_cell.angle_gamma   90.00
#
_symmetry.space_group_name_H-M   'P 1 21 1'
#
loop_
_entity.id
_entity.type
_entity.pdbx_description
1 polymer 'NADH-dependent nitro/flavin oxidoreductase'
2 non-polymer 'FLAVIN MONONUCLEOTIDE'
3 non-polymer GLYCEROL
4 non-polymer 1,2-ETHANEDIOL
5 non-polymer DI(HYDROXYETHYL)ETHER
6 non-polymer 5-(AZIRIDIN-1-YL)-2,4-DINITROBENZAMIDE
7 non-polymer 'SULFATE ION'
8 water water
#
_entity_poly.entity_id   1
_entity_poly.type   'polypeptide(L)'
_entity_poly.pdbx_seq_one_letter_code
;MGSSHHHHHHSSGLVPRGSHMMTEQSKKQEILDAFQFRHATKEFDPDRKISDEDFQFILEAGRLSPSSVGLEPWQFVVVQ
NKELREKLRQVSWGAQGQLPTASHFVLLLGRTAKEMRRDSGYVADQLKHVKKMPEDIIENMLKEDGVLESFQDGDFHLYE
SDRAMFDWVSKQTYIALANMMTAAALIGIDSCPIEGFNYDKVHDILEKEGVLEDGRFDISVMAAFGYRVKEPRPKTRRAL
DQIVKWVE
;
_entity_poly.pdbx_strand_id   A,B,C,D,E,F
#
# COMPACT_ATOMS: atom_id res chain seq x y z
N THR A 23 35.42 4.14 64.09
CA THR A 23 34.67 5.40 64.32
C THR A 23 33.73 5.70 63.13
N GLU A 24 32.48 6.03 63.45
CA GLU A 24 31.51 6.41 62.42
C GLU A 24 31.73 7.82 61.90
N GLN A 25 32.37 8.67 62.70
CA GLN A 25 32.70 10.03 62.28
C GLN A 25 33.91 10.03 61.33
N SER A 26 34.88 9.16 61.57
CA SER A 26 35.98 8.99 60.63
C SER A 26 35.48 8.30 59.36
N LYS A 27 34.55 7.36 59.51
CA LYS A 27 33.89 6.78 58.35
C LYS A 27 33.26 7.86 57.48
N LYS A 28 32.50 8.78 58.10
CA LYS A 28 31.84 9.82 57.35
C LYS A 28 32.85 10.76 56.71
N GLN A 29 33.96 11.02 57.40
CA GLN A 29 34.97 11.88 56.80
C GLN A 29 35.58 11.20 55.58
N GLU A 30 35.88 9.92 55.71
CA GLU A 30 36.47 9.17 54.61
C GLU A 30 35.56 9.21 53.39
N ILE A 31 34.28 8.99 53.59
CA ILE A 31 33.35 8.97 52.48
C ILE A 31 33.24 10.35 51.85
N LEU A 32 33.17 11.38 52.69
CA LEU A 32 33.16 12.74 52.17
C LEU A 32 34.45 13.09 51.45
N ASP A 33 35.57 12.47 51.85
CA ASP A 33 36.81 12.72 51.11
C ASP A 33 36.66 12.19 49.69
N ALA A 34 35.99 11.04 49.54
CA ALA A 34 35.82 10.46 48.21
C ALA A 34 34.96 11.36 47.34
N PHE A 35 33.92 11.94 47.93
CA PHE A 35 33.07 12.85 47.16
C PHE A 35 33.84 14.10 46.73
N GLN A 36 34.80 14.56 47.54
CA GLN A 36 35.63 15.68 47.11
C GLN A 36 36.64 15.23 46.06
N PHE A 37 37.25 14.07 46.27
CA PHE A 37 38.19 13.49 45.31
C PHE A 37 37.58 13.36 43.92
N ARG A 38 36.40 12.79 43.82
CA ARG A 38 35.77 12.64 42.51
C ARG A 38 35.61 14.02 41.87
N HIS A 39 36.15 14.17 40.67
CA HIS A 39 35.88 15.32 39.82
C HIS A 39 35.67 14.82 38.40
N ALA A 40 35.18 15.73 37.56
CA ALA A 40 35.00 15.50 36.13
C ALA A 40 36.35 15.51 35.42
N THR A 41 37.08 14.41 35.55
CA THR A 41 38.39 14.27 34.94
C THR A 41 38.29 14.41 33.43
N LYS A 42 39.06 15.33 32.86
CA LYS A 42 39.00 15.59 31.43
C LYS A 42 40.01 14.75 30.67
N GLU A 43 41.11 14.34 31.32
CA GLU A 43 42.17 13.58 30.69
C GLU A 43 42.72 12.61 31.75
N PHE A 44 42.98 11.36 31.36
CA PHE A 44 43.52 10.38 32.28
C PHE A 44 44.97 10.02 31.92
N ASP A 45 45.63 9.32 32.82
CA ASP A 45 46.99 8.81 32.59
C ASP A 45 46.91 7.75 31.51
N PRO A 46 47.51 7.96 30.33
CA PRO A 46 47.39 6.98 29.24
C PRO A 46 48.16 5.67 29.47
N ASP A 47 48.99 5.56 30.50
CA ASP A 47 49.72 4.32 30.77
C ASP A 47 49.37 3.69 32.11
N ARG A 48 48.24 4.05 32.71
CA ARG A 48 47.79 3.49 33.98
C ARG A 48 46.42 2.86 33.76
N LYS A 49 46.33 1.56 33.95
CA LYS A 49 45.09 0.85 33.68
C LYS A 49 44.47 0.41 34.98
N ILE A 50 43.15 0.61 35.10
CA ILE A 50 42.42 0.05 36.24
C ILE A 50 42.57 -1.46 36.18
N SER A 51 42.83 -2.09 37.32
CA SER A 51 42.91 -3.55 37.31
C SER A 51 41.54 -4.17 37.11
N ASP A 52 41.54 -5.41 36.65
CA ASP A 52 40.27 -6.07 36.35
C ASP A 52 39.41 -6.27 37.60
N GLU A 53 40.00 -6.69 38.72
CA GLU A 53 39.22 -6.80 39.94
C GLU A 53 38.55 -5.46 40.28
N ASP A 54 39.33 -4.39 40.20
CA ASP A 54 38.84 -3.05 40.53
C ASP A 54 37.72 -2.63 39.58
N PHE A 55 37.89 -2.88 38.29
CA PHE A 55 36.83 -2.50 37.36
C PHE A 55 35.60 -3.39 37.50
N GLN A 56 35.77 -4.66 37.88
CA GLN A 56 34.62 -5.52 38.19
C GLN A 56 33.88 -4.99 39.41
N PHE A 57 34.64 -4.50 40.39
CA PHE A 57 34.01 -3.88 41.54
C PHE A 57 33.17 -2.66 41.10
N ILE A 58 33.69 -1.90 40.14
CA ILE A 58 32.95 -0.74 39.69
C ILE A 58 31.67 -1.17 39.00
N LEU A 59 31.76 -2.16 38.11
CA LEU A 59 30.57 -2.58 37.38
C LEU A 59 29.54 -3.17 38.31
N GLU A 60 29.99 -3.94 39.29
CA GLU A 60 29.07 -4.52 40.28
C GLU A 60 28.31 -3.43 41.05
N ALA A 61 28.99 -2.32 41.40
CA ALA A 61 28.28 -1.16 41.94
C ALA A 61 27.17 -0.70 41.02
N GLY A 62 27.43 -0.72 39.71
CA GLY A 62 26.37 -0.50 38.75
C GLY A 62 25.26 -1.53 38.85
N ARG A 63 25.63 -2.81 38.82
CA ARG A 63 24.63 -3.88 38.76
C ARG A 63 23.73 -3.88 39.99
N LEU A 64 24.29 -3.55 41.15
CA LEU A 64 23.53 -3.60 42.40
C LEU A 64 22.64 -2.39 42.59
N SER A 65 22.64 -1.48 41.62
CA SER A 65 21.87 -0.24 41.72
C SER A 65 20.37 -0.51 41.74
N PRO A 66 19.61 0.24 42.52
CA PRO A 66 18.15 0.12 42.46
C PRO A 66 17.61 0.72 41.17
N SER A 67 16.44 0.23 40.76
CA SER A 67 15.76 0.66 39.55
C SER A 67 14.26 0.66 39.80
N SER A 68 13.57 1.60 39.16
CA SER A 68 12.13 1.71 39.34
C SER A 68 11.45 0.43 38.93
N VAL A 69 10.56 -0.06 39.78
CA VAL A 69 9.85 -1.31 39.56
C VAL A 69 10.83 -2.47 39.50
N GLY A 70 12.07 -2.26 39.93
CA GLY A 70 13.08 -3.30 39.87
C GLY A 70 13.36 -3.88 38.50
N LEU A 71 13.12 -3.11 37.43
CA LEU A 71 13.18 -3.65 36.07
C LEU A 71 14.58 -3.58 35.44
N GLU A 72 15.54 -2.95 36.11
CA GLU A 72 16.92 -2.85 35.65
C GLU A 72 17.01 -2.56 34.15
N PRO A 73 16.44 -1.50 33.67
CA PRO A 73 16.30 -1.30 32.22
C PRO A 73 17.58 -0.83 31.53
N TRP A 74 18.68 -1.53 31.77
CA TRP A 74 19.96 -1.03 31.31
C TRP A 74 20.89 -2.14 30.83
N GLN A 75 21.90 -1.72 30.07
CA GLN A 75 23.09 -2.48 29.74
C GLN A 75 24.29 -1.55 29.87
N PHE A 76 25.40 -2.09 30.34
CA PHE A 76 26.68 -1.40 30.44
C PHE A 76 27.61 -1.96 29.37
N VAL A 77 27.93 -1.18 28.36
CA VAL A 77 28.80 -1.62 27.28
C VAL A 77 30.20 -1.05 27.49
N VAL A 78 31.18 -1.92 27.70
CA VAL A 78 32.56 -1.51 27.95
C VAL A 78 33.30 -1.43 26.61
N VAL A 79 33.60 -0.21 26.18
CA VAL A 79 34.07 0.03 24.82
C VAL A 79 35.57 0.20 24.91
N GLN A 80 36.30 -0.90 24.77
CA GLN A 80 37.76 -0.86 24.73
C GLN A 80 38.30 -0.88 23.31
N ASN A 81 37.57 -1.45 22.37
CA ASN A 81 37.93 -1.39 20.97
C ASN A 81 38.32 0.04 20.58
N LYS A 82 39.50 0.19 19.98
CA LYS A 82 40.00 1.52 19.65
C LYS A 82 39.28 2.13 18.46
N GLU A 83 38.96 1.34 17.45
CA GLU A 83 38.22 1.90 16.31
C GLU A 83 36.90 2.52 16.76
N LEU A 84 36.17 1.81 17.61
CA LEU A 84 34.87 2.32 18.01
C LEU A 84 35.01 3.56 18.89
N ARG A 85 36.01 3.57 19.79
CA ARG A 85 36.25 4.76 20.60
C ARG A 85 36.43 5.96 19.70
N GLU A 86 37.17 5.78 18.60
CA GLU A 86 37.49 6.88 17.72
C GLU A 86 36.29 7.31 16.91
N LYS A 87 35.45 6.36 16.51
CA LYS A 87 34.19 6.77 15.87
C LYS A 87 33.40 7.66 16.83
N LEU A 88 33.35 7.28 18.11
CA LEU A 88 32.59 8.06 19.06
C LEU A 88 33.26 9.40 19.29
N ARG A 89 34.58 9.42 19.39
CA ARG A 89 35.28 10.66 19.66
C ARG A 89 34.89 11.72 18.63
N GLN A 90 34.72 11.31 17.37
N GLN A 90 34.70 11.29 17.37
CA GLN A 90 34.48 12.27 16.30
CA GLN A 90 34.45 12.22 16.28
C GLN A 90 33.12 12.94 16.41
C GLN A 90 33.13 12.95 16.43
N VAL A 91 32.17 12.35 17.13
CA VAL A 91 30.85 12.95 17.30
C VAL A 91 30.55 13.27 18.77
N SER A 92 31.59 13.34 19.61
CA SER A 92 31.41 13.51 21.07
C SER A 92 32.33 14.64 21.51
N TRP A 93 31.88 15.87 21.31
CA TRP A 93 32.71 17.03 21.59
C TRP A 93 32.95 17.21 23.08
N GLY A 94 32.14 16.57 23.94
CA GLY A 94 32.48 16.58 25.35
C GLY A 94 33.47 15.51 25.81
N ALA A 95 33.90 14.59 24.94
CA ALA A 95 34.74 13.47 25.37
C ALA A 95 36.11 13.48 24.71
N GLN A 96 36.58 14.64 24.26
CA GLN A 96 37.76 14.66 23.41
C GLN A 96 38.98 14.12 24.14
N GLY A 97 39.12 14.46 25.42
CA GLY A 97 40.25 13.97 26.20
C GLY A 97 39.99 12.59 26.80
N GLN A 98 38.73 12.33 27.17
CA GLN A 98 38.42 11.15 27.96
C GLN A 98 38.47 9.90 27.10
N LEU A 99 37.85 9.93 25.93
CA LEU A 99 37.78 8.74 25.08
C LEU A 99 39.15 8.17 24.77
N PRO A 100 40.13 8.97 24.35
CA PRO A 100 41.42 8.38 23.98
C PRO A 100 42.24 7.89 25.16
N THR A 101 42.03 8.44 26.35
CA THR A 101 42.91 8.17 27.46
C THR A 101 42.29 7.34 28.58
N ALA A 102 40.97 7.18 28.58
CA ALA A 102 40.35 6.40 29.64
C ALA A 102 40.93 4.98 29.66
N SER A 103 41.19 4.48 30.87
CA SER A 103 41.45 3.07 31.06
C SER A 103 40.26 2.24 30.57
N HIS A 104 39.06 2.60 31.01
CA HIS A 104 37.85 1.91 30.64
C HIS A 104 36.79 2.93 30.29
N PHE A 105 36.04 2.65 29.23
CA PHE A 105 35.01 3.56 28.79
C PHE A 105 33.70 2.80 28.68
N VAL A 106 32.65 3.37 29.24
CA VAL A 106 31.37 2.70 29.37
C VAL A 106 30.25 3.51 28.74
N LEU A 107 29.52 2.87 27.83
CA LEU A 107 28.24 3.34 27.37
C LEU A 107 27.19 2.74 28.26
N LEU A 108 26.33 3.56 28.83
CA LEU A 108 25.16 3.10 29.56
C LEU A 108 23.99 3.19 28.60
N LEU A 109 23.45 2.03 28.22
CA LEU A 109 22.26 1.94 27.40
C LEU A 109 21.03 1.77 28.28
N GLY A 110 19.91 2.30 27.78
CA GLY A 110 18.62 2.07 28.40
C GLY A 110 17.78 1.20 27.49
N ARG A 111 16.95 0.35 28.10
CA ARG A 111 15.93 -0.35 27.33
C ARG A 111 15.04 0.68 26.67
N THR A 112 14.57 0.34 25.47
CA THR A 112 13.72 1.24 24.71
C THR A 112 12.28 1.09 25.12
N ALA A 113 11.47 2.07 24.70
CA ALA A 113 10.06 2.16 25.09
C ALA A 113 9.29 0.85 24.82
N LYS A 114 9.61 0.15 23.74
CA LYS A 114 8.83 -1.06 23.45
C LYS A 114 9.18 -2.20 24.39
N GLU A 115 10.27 -2.08 25.13
CA GLU A 115 10.68 -3.09 26.09
C GLU A 115 10.06 -2.89 27.46
N MET A 116 9.31 -1.81 27.67
CA MET A 116 9.00 -1.41 29.03
C MET A 116 7.53 -1.39 29.37
N ARG A 117 6.65 -1.79 28.46
CA ARG A 117 5.22 -1.74 28.72
C ARG A 117 4.79 -3.01 29.45
N ARG A 118 3.55 -3.00 29.98
CA ARG A 118 3.03 -4.18 30.65
C ARG A 118 3.06 -5.41 29.75
N ASP A 119 2.95 -5.25 28.44
CA ASP A 119 2.86 -6.37 27.52
C ASP A 119 4.20 -6.70 26.86
N SER A 120 5.30 -6.12 27.32
CA SER A 120 6.60 -6.38 26.71
C SER A 120 7.20 -7.65 27.29
N GLY A 121 7.87 -8.40 26.45
CA GLY A 121 8.49 -9.62 26.94
C GLY A 121 9.53 -9.36 28.01
N TYR A 122 10.31 -8.29 27.84
CA TYR A 122 11.42 -8.05 28.76
C TYR A 122 10.91 -7.87 30.18
N VAL A 123 9.88 -7.03 30.35
CA VAL A 123 9.27 -6.84 31.66
C VAL A 123 8.83 -8.18 32.24
N ALA A 124 8.07 -8.94 31.45
CA ALA A 124 7.48 -10.18 31.95
C ALA A 124 8.57 -11.14 32.40
N ASP A 125 9.58 -11.31 31.55
CA ASP A 125 10.70 -12.20 31.90
C ASP A 125 11.48 -11.68 33.10
N GLN A 126 11.73 -10.37 33.16
CA GLN A 126 12.49 -9.80 34.27
C GLN A 126 11.80 -10.06 35.60
N LEU A 127 10.49 -9.88 35.64
CA LEU A 127 9.78 -9.98 36.92
C LEU A 127 9.62 -11.44 37.34
N LYS A 128 9.56 -12.34 36.37
CA LYS A 128 9.30 -13.75 36.68
C LYS A 128 10.60 -14.48 37.01
N HIS A 129 11.61 -14.38 36.15
CA HIS A 129 12.80 -15.20 36.28
C HIS A 129 13.91 -14.55 37.05
N VAL A 130 14.02 -13.22 37.06
CA VAL A 130 15.02 -12.55 37.88
C VAL A 130 14.45 -12.21 39.25
N LYS A 131 13.29 -11.56 39.28
CA LYS A 131 12.72 -11.07 40.53
C LYS A 131 11.90 -12.11 41.27
N LYS A 132 11.56 -13.23 40.62
CA LYS A 132 10.82 -14.33 41.28
C LYS A 132 9.52 -13.78 41.88
N MET A 133 8.88 -12.91 41.16
CA MET A 133 7.60 -12.39 41.58
C MET A 133 6.54 -13.47 41.37
N PRO A 134 5.77 -13.83 42.38
CA PRO A 134 4.79 -14.91 42.23
C PRO A 134 3.72 -14.57 41.19
N GLU A 135 3.16 -15.61 40.57
CA GLU A 135 2.25 -15.40 39.45
C GLU A 135 1.08 -14.48 39.82
N ASP A 136 0.46 -14.68 40.98
CA ASP A 136 -0.67 -13.81 41.34
C ASP A 136 -0.23 -12.35 41.34
N ILE A 137 0.96 -12.08 41.88
CA ILE A 137 1.47 -10.71 41.88
C ILE A 137 1.74 -10.23 40.45
N ILE A 138 2.35 -11.08 39.62
CA ILE A 138 2.69 -10.65 38.27
C ILE A 138 1.47 -10.06 37.60
N GLU A 139 0.38 -10.81 37.58
CA GLU A 139 -0.73 -10.42 36.73
C GLU A 139 -1.50 -9.26 37.34
N ASN A 140 -1.56 -9.14 38.66
CA ASN A 140 -1.99 -7.86 39.21
C ASN A 140 -1.11 -6.75 38.64
N MET A 141 0.18 -6.98 38.56
CA MET A 141 1.10 -5.93 38.15
C MET A 141 0.92 -5.58 36.67
N LEU A 142 0.65 -6.58 35.82
CA LEU A 142 0.70 -6.34 34.38
C LEU A 142 -0.65 -6.45 33.68
N LYS A 143 -1.73 -6.61 34.42
CA LYS A 143 -3.05 -6.58 33.78
C LYS A 143 -3.30 -5.19 33.19
N GLU A 144 -4.37 -5.10 32.40
CA GLU A 144 -4.81 -3.82 31.88
C GLU A 144 -5.26 -2.95 33.05
N ASP A 145 -4.82 -1.69 33.07
CA ASP A 145 -5.02 -0.84 34.24
C ASP A 145 -4.46 -1.50 35.51
N GLY A 146 -3.45 -2.33 35.36
CA GLY A 146 -2.76 -2.89 36.50
C GLY A 146 -1.86 -1.89 37.19
N VAL A 147 -1.10 -2.39 38.15
CA VAL A 147 -0.16 -1.54 38.87
C VAL A 147 0.78 -0.84 37.88
N LEU A 148 1.35 -1.60 36.94
CA LEU A 148 2.40 -1.03 36.11
C LEU A 148 1.84 0.06 35.20
N GLU A 149 0.73 -0.23 34.53
CA GLU A 149 0.10 0.74 33.64
C GLU A 149 -0.47 1.92 34.43
N SER A 150 -1.11 1.64 35.56
CA SER A 150 -1.66 2.70 36.37
C SER A 150 -0.58 3.72 36.69
N PHE A 151 0.62 3.25 37.03
CA PHE A 151 1.72 4.14 37.33
C PHE A 151 2.29 4.77 36.06
N GLN A 152 2.64 3.95 35.08
CA GLN A 152 3.31 4.47 33.89
C GLN A 152 2.46 5.54 33.21
N ASP A 153 1.21 5.22 32.94
CA ASP A 153 0.36 6.14 32.19
C ASP A 153 -0.24 7.20 33.12
N GLY A 154 -1.05 6.77 34.09
CA GLY A 154 -1.75 7.72 34.91
C GLY A 154 -0.83 8.59 35.75
N ASP A 155 0.10 7.96 36.48
CA ASP A 155 0.86 8.72 37.47
C ASP A 155 1.98 9.55 36.83
N PHE A 156 2.62 9.04 35.78
CA PHE A 156 3.84 9.65 35.25
C PHE A 156 3.77 9.99 33.76
N HIS A 157 2.71 9.57 33.05
CA HIS A 157 2.44 10.03 31.69
C HIS A 157 3.50 9.53 30.70
N LEU A 158 3.95 8.32 30.90
CA LEU A 158 5.00 7.76 30.09
C LEU A 158 4.50 7.31 28.73
N TYR A 159 3.18 7.28 28.51
CA TYR A 159 2.61 6.86 27.23
C TYR A 159 2.49 8.02 26.25
N GLU A 160 2.81 9.24 26.66
CA GLU A 160 2.68 10.41 25.81
C GLU A 160 3.63 10.38 24.63
N SER A 161 4.79 9.76 24.78
CA SER A 161 5.69 9.56 23.65
C SER A 161 6.70 8.48 24.02
N ASP A 162 7.25 7.85 22.99
CA ASP A 162 8.39 6.97 23.19
C ASP A 162 9.49 7.69 23.96
N ARG A 163 9.69 9.00 23.70
CA ARG A 163 10.75 9.71 24.41
C ARG A 163 10.45 9.77 25.91
N ALA A 164 9.19 10.01 26.27
CA ALA A 164 8.85 10.12 27.68
C ALA A 164 9.18 8.83 28.41
N MET A 165 8.84 7.69 27.79
CA MET A 165 9.18 6.38 28.35
C MET A 165 10.67 6.22 28.49
N PHE A 166 11.41 6.61 27.46
CA PHE A 166 12.84 6.32 27.44
C PHE A 166 13.58 7.20 28.43
N ASP A 167 13.14 8.45 28.56
CA ASP A 167 13.79 9.36 29.51
C ASP A 167 13.58 8.87 30.94
N TRP A 168 12.46 8.22 31.20
CA TRP A 168 12.26 7.60 32.50
C TRP A 168 13.20 6.44 32.69
N VAL A 169 13.39 5.61 31.65
CA VAL A 169 14.39 4.54 31.69
C VAL A 169 15.74 5.15 31.99
N SER A 170 16.06 6.22 31.26
CA SER A 170 17.37 6.85 31.35
C SER A 170 17.62 7.41 32.74
N LYS A 171 16.57 7.87 33.43
CA LYS A 171 16.81 8.30 34.81
C LYS A 171 17.30 7.14 35.65
N GLN A 172 16.73 5.94 35.44
CA GLN A 172 17.22 4.77 36.14
C GLN A 172 18.71 4.63 35.90
N THR A 173 19.15 4.81 34.65
CA THR A 173 20.55 4.58 34.33
C THR A 173 21.45 5.57 35.05
N TYR A 174 20.98 6.79 35.33
CA TYR A 174 21.82 7.72 36.06
C TYR A 174 22.07 7.28 37.50
N ILE A 175 21.18 6.47 38.07
CA ILE A 175 21.45 5.89 39.38
C ILE A 175 22.67 4.97 39.29
N ALA A 176 22.68 4.09 38.28
CA ALA A 176 23.83 3.22 38.08
C ALA A 176 25.08 4.03 37.82
N LEU A 177 24.93 5.19 37.16
CA LEU A 177 26.10 6.00 36.81
C LEU A 177 26.73 6.62 38.04
N ALA A 178 25.90 7.16 38.92
CA ALA A 178 26.45 7.79 40.11
C ALA A 178 27.16 6.76 40.97
N ASN A 179 26.54 5.61 41.14
CA ASN A 179 27.07 4.60 42.02
C ASN A 179 28.40 4.08 41.49
N MET A 180 28.51 3.87 40.17
CA MET A 180 29.78 3.39 39.63
C MET A 180 30.87 4.42 39.84
N MET A 181 30.51 5.70 39.65
CA MET A 181 31.45 6.81 39.84
C MET A 181 31.86 6.92 41.30
N THR A 182 30.89 6.87 42.19
CA THR A 182 31.15 6.93 43.61
C THR A 182 31.97 5.74 44.08
N ALA A 183 31.64 4.55 43.59
CA ALA A 183 32.40 3.38 43.98
C ALA A 183 33.86 3.56 43.60
N ALA A 184 34.11 3.98 42.36
CA ALA A 184 35.47 4.21 41.89
C ALA A 184 36.21 5.19 42.79
N ALA A 185 35.56 6.29 43.11
CA ALA A 185 36.24 7.33 43.86
C ALA A 185 36.62 6.81 45.24
N LEU A 186 35.70 6.05 45.86
CA LEU A 186 35.96 5.47 47.19
C LEU A 186 37.21 4.59 47.21
N ILE A 187 37.62 4.02 46.09
CA ILE A 187 38.91 3.36 46.05
C ILE A 187 39.93 4.17 45.25
N GLY A 188 39.68 5.46 45.11
CA GLY A 188 40.72 6.29 44.52
C GLY A 188 40.85 6.22 43.03
N ILE A 189 39.80 5.81 42.32
CA ILE A 189 39.82 5.78 40.86
C ILE A 189 38.96 6.93 40.31
N ASP A 190 39.51 7.65 39.34
CA ASP A 190 38.84 8.82 38.81
C ASP A 190 37.84 8.43 37.74
N SER A 191 36.99 9.39 37.41
CA SER A 191 35.99 9.15 36.36
C SER A 191 35.53 10.50 35.81
N CYS A 192 34.62 10.43 34.82
CA CYS A 192 33.97 11.59 34.22
C CYS A 192 32.63 11.15 33.64
N PRO A 193 31.50 11.69 34.08
CA PRO A 193 30.26 11.44 33.36
C PRO A 193 30.24 12.27 32.10
N ILE A 194 29.59 11.74 31.08
CA ILE A 194 29.67 12.33 29.75
C ILE A 194 28.31 12.30 29.06
N GLU A 195 27.74 13.49 28.84
CA GLU A 195 26.58 13.70 28.00
C GLU A 195 26.94 14.45 26.72
N GLY A 196 28.17 14.93 26.60
CA GLY A 196 28.50 15.80 25.49
C GLY A 196 28.72 15.07 24.19
N PHE A 197 27.68 14.42 23.67
CA PHE A 197 27.75 13.71 22.40
C PHE A 197 26.54 14.06 21.55
N ASN A 198 26.70 13.96 20.24
CA ASN A 198 25.57 14.14 19.34
C ASN A 198 24.72 12.87 19.37
N TYR A 199 23.49 12.99 19.88
CA TYR A 199 22.66 11.81 20.04
C TYR A 199 22.42 11.10 18.71
N ASP A 200 22.01 11.85 17.68
CA ASP A 200 21.66 11.21 16.43
C ASP A 200 22.85 10.41 15.90
N LYS A 201 24.03 10.99 15.92
CA LYS A 201 25.18 10.35 15.30
C LYS A 201 25.67 9.17 16.13
N VAL A 202 25.52 9.25 17.45
CA VAL A 202 25.93 8.13 18.28
C VAL A 202 24.93 7.02 18.14
N HIS A 203 23.64 7.37 18.13
CA HIS A 203 22.62 6.34 17.95
C HIS A 203 22.88 5.59 16.66
N ASP A 204 23.24 6.31 15.59
CA ASP A 204 23.43 5.66 14.30
C ASP A 204 24.66 4.77 14.35
N ILE A 205 25.77 5.28 14.91
CA ILE A 205 26.96 4.47 15.03
C ILE A 205 26.65 3.15 15.72
N LEU A 206 26.01 3.22 16.89
CA LEU A 206 25.82 1.99 17.65
C LEU A 206 24.78 1.09 16.99
N GLU A 207 23.77 1.67 16.35
CA GLU A 207 22.80 0.85 15.63
C GLU A 207 23.51 0.01 14.59
N LYS A 208 24.31 0.67 13.73
CA LYS A 208 25.01 -0.05 12.67
C LYS A 208 25.88 -1.16 13.22
N GLU A 209 26.56 -0.92 14.34
CA GLU A 209 27.49 -1.94 14.83
C GLU A 209 26.80 -3.07 15.57
N GLY A 210 25.49 -3.00 15.79
CA GLY A 210 24.78 -4.03 16.50
C GLY A 210 24.65 -3.85 18.01
N VAL A 211 25.19 -2.76 18.55
CA VAL A 211 25.18 -2.59 20.00
C VAL A 211 23.77 -2.36 20.52
N LEU A 212 22.89 -1.78 19.72
CA LEU A 212 21.55 -1.49 20.19
C LEU A 212 20.62 -2.69 20.09
N GLU A 213 21.07 -3.79 19.47
CA GLU A 213 20.45 -5.11 19.60
C GLU A 213 19.02 -5.12 19.06
N ASP A 214 18.93 -4.82 17.77
CA ASP A 214 17.64 -4.80 17.07
C ASP A 214 16.62 -3.96 17.84
N GLY A 215 17.04 -2.75 18.23
CA GLY A 215 16.14 -1.80 18.85
C GLY A 215 15.71 -2.12 20.27
N ARG A 216 16.38 -3.03 20.97
CA ARG A 216 16.05 -3.25 22.36
C ARG A 216 16.61 -2.16 23.26
N PHE A 217 17.67 -1.48 22.80
CA PHE A 217 18.41 -0.52 23.59
C PHE A 217 18.64 0.75 22.79
N ASP A 218 18.86 1.86 23.52
CA ASP A 218 19.39 3.09 22.95
C ASP A 218 20.36 3.74 23.95
N ILE A 219 21.20 4.65 23.43
CA ILE A 219 22.21 5.29 24.28
C ILE A 219 21.53 6.23 25.27
N SER A 220 21.97 6.19 26.52
CA SER A 220 21.53 7.11 27.58
C SER A 220 22.62 8.10 27.97
N VAL A 221 23.78 7.60 28.40
CA VAL A 221 24.88 8.45 28.88
C VAL A 221 26.15 7.62 28.86
N MET A 222 27.29 8.30 28.91
CA MET A 222 28.57 7.62 28.85
C MET A 222 29.37 7.92 30.10
N ALA A 223 30.41 7.12 30.32
CA ALA A 223 31.23 7.24 31.51
C ALA A 223 32.64 6.73 31.23
N ALA A 224 33.64 7.57 31.55
CA ALA A 224 35.05 7.23 31.47
C ALA A 224 35.62 6.92 32.85
N PHE A 225 36.60 6.03 32.90
CA PHE A 225 37.28 5.75 34.15
C PHE A 225 38.78 5.63 33.94
N GLY A 226 39.53 5.99 34.98
CA GLY A 226 40.99 5.94 34.93
C GLY A 226 41.60 6.71 36.09
N TYR A 227 42.88 7.06 35.92
CA TYR A 227 43.62 7.79 36.94
C TYR A 227 43.97 9.19 36.45
N ARG A 228 43.79 10.18 37.33
CA ARG A 228 44.03 11.57 36.96
C ARG A 228 45.50 11.76 36.58
N VAL A 229 45.74 12.81 35.79
CA VAL A 229 47.07 13.22 35.36
C VAL A 229 47.56 14.44 36.13
N LYS A 230 46.62 15.34 36.46
CA LYS A 230 46.87 16.59 37.14
C LYS A 230 46.02 16.63 38.40
N GLU A 231 46.42 17.41 39.37
CA GLU A 231 45.50 17.70 40.46
C GLU A 231 44.43 18.66 39.97
N PRO A 232 43.18 18.47 40.35
CA PRO A 232 42.11 19.34 39.87
C PRO A 232 42.02 20.64 40.64
N ARG A 233 41.40 21.63 39.98
CA ARG A 233 40.99 22.84 40.66
C ARG A 233 40.07 22.46 41.81
N PRO A 234 39.97 23.31 42.84
CA PRO A 234 39.08 22.97 43.96
C PRO A 234 37.62 22.91 43.55
N LYS A 235 36.86 22.12 44.29
CA LYS A 235 35.47 21.86 43.96
C LYS A 235 34.56 23.01 44.38
N THR A 236 33.58 23.31 43.53
CA THR A 236 32.64 24.39 43.79
C THR A 236 31.22 23.84 43.76
N ARG A 237 30.44 24.18 44.78
CA ARG A 237 29.04 23.78 44.85
C ARG A 237 28.26 24.89 45.51
N ARG A 238 26.98 24.97 45.18
CA ARG A 238 26.08 25.84 45.93
C ARG A 238 26.15 25.48 47.40
N ALA A 239 25.74 26.39 48.27
CA ALA A 239 25.79 26.18 49.69
C ALA A 239 24.63 25.30 50.14
N LEU A 240 24.89 24.47 51.15
CA LEU A 240 23.80 23.68 51.70
C LEU A 240 22.59 24.56 52.01
N ASP A 241 22.85 25.81 52.42
CA ASP A 241 21.78 26.75 52.78
C ASP A 241 20.88 27.07 51.60
N GLN A 242 21.43 27.08 50.38
CA GLN A 242 20.60 27.37 49.21
C GLN A 242 19.78 26.16 48.76
N ILE A 243 20.31 24.94 48.92
CA ILE A 243 19.72 23.81 48.22
C ILE A 243 18.82 22.96 49.09
N VAL A 244 18.87 23.15 50.40
CA VAL A 244 18.06 22.38 51.33
C VAL A 244 17.02 23.32 51.91
N LYS A 245 15.76 23.00 51.69
CA LYS A 245 14.64 23.59 52.40
C LYS A 245 14.05 22.54 53.32
N TRP A 246 13.69 22.97 54.53
CA TRP A 246 13.01 22.12 55.50
C TRP A 246 11.57 22.61 55.63
N VAL A 247 10.64 21.69 55.79
CA VAL A 247 9.23 22.01 56.03
C VAL A 247 8.86 21.29 57.31
N GLU A 248 9.09 21.94 58.45
CA GLU A 248 8.87 21.29 59.74
C GLU A 248 7.37 21.26 60.06
N MET B 21 46.34 -4.96 49.10
CA MET B 21 46.36 -6.23 48.37
C MET B 21 45.23 -7.10 48.90
N MET B 22 45.27 -7.35 50.20
CA MET B 22 44.12 -7.90 50.92
C MET B 22 43.36 -6.83 51.69
N THR B 23 44.03 -5.71 51.99
CA THR B 23 43.40 -4.60 52.68
C THR B 23 42.52 -3.80 51.73
N GLU B 24 42.96 -3.62 50.50
CA GLU B 24 42.14 -2.92 49.50
C GLU B 24 40.96 -3.78 49.09
N GLN B 25 41.18 -5.08 48.92
CA GLN B 25 40.09 -6.01 48.63
C GLN B 25 39.08 -6.02 49.77
N SER B 26 39.51 -5.66 50.98
CA SER B 26 38.60 -5.64 52.11
C SER B 26 37.80 -4.34 52.11
N LYS B 27 38.43 -3.23 51.71
CA LYS B 27 37.67 -1.99 51.59
C LYS B 27 36.57 -2.12 50.53
N LYS B 28 36.89 -2.77 49.40
CA LYS B 28 35.87 -3.03 48.38
C LYS B 28 34.74 -3.89 48.94
N GLN B 29 35.06 -4.87 49.79
CA GLN B 29 34.02 -5.70 50.36
C GLN B 29 33.10 -4.86 51.24
N GLU B 30 33.67 -4.00 52.08
CA GLU B 30 32.85 -3.11 52.89
C GLU B 30 31.88 -2.32 52.03
N ILE B 31 32.38 -1.73 50.94
CA ILE B 31 31.51 -0.97 50.06
C ILE B 31 30.40 -1.85 49.49
N LEU B 32 30.76 -3.01 48.94
CA LEU B 32 29.72 -3.85 48.35
C LEU B 32 28.67 -4.24 49.38
N ASP B 33 29.11 -4.44 50.62
CA ASP B 33 28.20 -4.76 51.71
C ASP B 33 27.19 -3.64 51.91
N ALA B 34 27.62 -2.41 51.77
CA ALA B 34 26.66 -1.31 51.88
C ALA B 34 25.67 -1.37 50.73
N PHE B 35 26.15 -1.67 49.51
CA PHE B 35 25.21 -1.77 48.40
C PHE B 35 24.24 -2.93 48.60
N GLN B 36 24.68 -3.99 49.29
CA GLN B 36 23.75 -5.09 49.55
C GLN B 36 22.84 -4.75 50.72
N PHE B 37 23.34 -3.96 51.66
CA PHE B 37 22.53 -3.49 52.77
C PHE B 37 21.37 -2.63 52.27
N ARG B 38 21.63 -1.75 51.31
CA ARG B 38 20.59 -0.86 50.83
C ARG B 38 19.52 -1.64 50.08
N HIS B 39 18.27 -1.34 50.38
CA HIS B 39 17.16 -2.04 49.76
C HIS B 39 15.95 -1.11 49.83
N ALA B 40 14.95 -1.40 49.01
CA ALA B 40 13.77 -0.54 48.99
C ALA B 40 12.94 -0.73 50.26
N THR B 41 13.26 0.05 51.30
CA THR B 41 12.66 -0.20 52.61
C THR B 41 11.19 0.27 52.62
N LYS B 42 10.29 -0.63 52.97
CA LYS B 42 8.88 -0.35 52.81
C LYS B 42 8.29 0.34 54.03
N GLU B 43 8.97 0.28 55.17
CA GLU B 43 8.44 0.74 56.44
C GLU B 43 9.64 0.94 57.37
N PHE B 44 9.63 2.04 58.10
CA PHE B 44 10.72 2.35 59.00
C PHE B 44 10.24 2.33 60.45
N ASP B 45 11.22 2.31 61.36
CA ASP B 45 10.99 2.37 62.80
C ASP B 45 10.63 3.80 63.19
N PRO B 46 9.37 4.05 63.57
CA PRO B 46 8.92 5.44 63.79
C PRO B 46 9.52 6.12 64.99
N ASP B 47 10.22 5.39 65.87
CA ASP B 47 10.83 5.98 67.06
C ASP B 47 12.29 6.34 66.84
N ARG B 48 13.04 5.48 66.15
N ARG B 48 13.04 5.52 66.11
CA ARG B 48 14.45 5.74 65.87
CA ARG B 48 14.47 5.74 65.89
C ARG B 48 14.58 6.84 64.82
C ARG B 48 14.66 6.78 64.80
N LYS B 49 15.20 7.94 65.18
CA LYS B 49 15.39 9.06 64.28
C LYS B 49 16.86 9.14 63.86
N ILE B 50 17.08 9.59 62.63
CA ILE B 50 18.46 9.80 62.18
C ILE B 50 19.03 11.04 62.88
N SER B 51 20.23 10.91 63.41
CA SER B 51 20.83 12.03 64.10
C SER B 51 20.96 13.19 63.12
N ASP B 52 20.96 14.40 63.68
CA ASP B 52 21.06 15.60 62.87
C ASP B 52 22.37 15.62 62.10
N GLU B 53 23.48 15.24 62.76
N GLU B 53 23.45 15.19 62.74
CA GLU B 53 24.76 15.18 62.05
CA GLU B 53 24.75 15.19 62.09
C GLU B 53 24.68 14.19 60.90
C GLU B 53 24.83 14.13 61.00
N ASP B 54 24.16 12.99 61.18
CA ASP B 54 24.13 11.96 60.16
C ASP B 54 23.30 12.37 58.94
N PHE B 55 22.16 13.02 59.17
CA PHE B 55 21.35 13.41 58.03
C PHE B 55 21.99 14.54 57.25
N GLN B 56 22.72 15.42 57.93
N GLN B 56 22.73 15.42 57.93
CA GLN B 56 23.44 16.48 57.23
CA GLN B 56 23.43 16.47 57.19
C GLN B 56 24.54 15.90 56.36
C GLN B 56 24.56 15.89 56.35
N PHE B 57 25.13 14.76 56.79
CA PHE B 57 26.11 14.04 55.97
C PHE B 57 25.45 13.46 54.72
N ILE B 58 24.27 12.87 54.89
CA ILE B 58 23.48 12.38 53.76
C ILE B 58 23.24 13.50 52.76
N LEU B 59 22.75 14.65 53.24
CA LEU B 59 22.47 15.80 52.37
C LEU B 59 23.73 16.26 51.67
N GLU B 60 24.86 16.20 52.37
CA GLU B 60 26.11 16.63 51.77
C GLU B 60 26.43 15.77 50.58
N ALA B 61 26.08 14.49 50.66
CA ALA B 61 26.30 13.59 49.54
C ALA B 61 25.52 14.05 48.33
N GLY B 62 24.31 14.57 48.56
CA GLY B 62 23.57 15.14 47.46
C GLY B 62 24.27 16.37 46.93
N ARG B 63 24.67 17.26 47.85
CA ARG B 63 25.20 18.54 47.43
C ARG B 63 26.43 18.33 46.58
N LEU B 64 27.23 17.34 46.92
CA LEU B 64 28.52 17.12 46.28
C LEU B 64 28.40 16.32 44.99
N SER B 65 27.17 16.00 44.58
CA SER B 65 26.96 15.19 43.40
C SER B 65 27.34 15.96 42.14
N PRO B 66 27.85 15.29 41.13
CA PRO B 66 28.12 15.95 39.86
C PRO B 66 26.80 16.19 39.13
N SER B 67 26.84 17.10 38.16
CA SER B 67 25.67 17.47 37.39
C SER B 67 26.12 17.99 36.04
N SER B 68 25.28 17.78 35.02
CA SER B 68 25.64 18.24 33.69
C SER B 68 25.92 19.75 33.71
N VAL B 69 27.05 20.13 33.14
CA VAL B 69 27.46 21.53 33.07
C VAL B 69 27.62 22.09 34.47
N GLY B 70 27.73 21.22 35.48
CA GLY B 70 27.87 21.67 36.85
C GLY B 70 26.79 22.64 37.31
N LEU B 71 25.58 22.54 36.77
CA LEU B 71 24.51 23.49 37.07
C LEU B 71 23.69 23.12 38.31
N GLU B 72 23.87 21.93 38.87
CA GLU B 72 23.25 21.53 40.14
C GLU B 72 21.77 21.95 40.17
N PRO B 73 20.98 21.57 39.18
CA PRO B 73 19.60 22.05 39.04
C PRO B 73 18.60 21.38 39.98
N TRP B 74 18.94 21.32 41.27
CA TRP B 74 18.10 20.63 42.22
C TRP B 74 17.83 21.47 43.47
N GLN B 75 16.79 21.07 44.18
CA GLN B 75 16.54 21.48 45.55
C GLN B 75 16.04 20.26 46.30
N PHE B 76 16.53 20.09 47.53
CA PHE B 76 16.09 18.98 48.39
C PHE B 76 15.18 19.56 49.48
N VAL B 77 13.93 19.09 49.53
CA VAL B 77 12.93 19.56 50.47
C VAL B 77 12.70 18.45 51.50
N VAL B 78 13.08 18.72 52.76
CA VAL B 78 12.88 17.76 53.85
C VAL B 78 11.50 17.98 54.44
N VAL B 79 10.59 17.04 54.22
CA VAL B 79 9.20 17.17 54.63
C VAL B 79 9.03 16.35 55.91
N GLN B 80 9.21 17.01 57.05
CA GLN B 80 8.92 16.44 58.35
C GLN B 80 7.50 16.76 58.84
N ASN B 81 6.91 17.84 58.37
CA ASN B 81 5.56 18.18 58.75
C ASN B 81 4.61 17.02 58.50
N LYS B 82 3.95 16.57 59.57
CA LYS B 82 3.07 15.41 59.48
C LYS B 82 1.91 15.67 58.54
N GLU B 83 1.29 16.85 58.61
N GLU B 83 1.32 16.87 58.59
CA GLU B 83 0.14 17.14 57.77
CA GLU B 83 0.15 17.18 57.77
C GLU B 83 0.48 17.03 56.29
C GLU B 83 0.48 17.06 56.29
N LEU B 84 1.58 17.67 55.87
CA LEU B 84 1.98 17.59 54.47
C LEU B 84 2.32 16.15 54.07
N ARG B 85 3.13 15.46 54.89
CA ARG B 85 3.42 14.06 54.60
C ARG B 85 2.14 13.32 54.28
N GLU B 86 1.11 13.51 55.10
CA GLU B 86 -0.14 12.80 54.93
C GLU B 86 -0.89 13.24 53.68
N LYS B 87 -0.85 14.53 53.35
CA LYS B 87 -1.42 14.97 52.08
C LYS B 87 -0.73 14.25 50.91
N LEU B 88 0.61 14.20 50.95
CA LEU B 88 1.33 13.49 49.89
C LEU B 88 0.97 12.01 49.90
N ARG B 89 0.83 11.44 51.11
CA ARG B 89 0.52 10.02 51.22
C ARG B 89 -0.79 9.67 50.54
N GLN B 90 -1.76 10.60 50.56
CA GLN B 90 -3.06 10.29 49.98
C GLN B 90 -2.97 10.11 48.47
N VAL B 91 -1.89 10.59 47.84
CA VAL B 91 -1.74 10.55 46.40
C VAL B 91 -0.48 9.80 45.97
N SER B 92 0.18 9.12 46.89
CA SER B 92 1.42 8.39 46.58
C SER B 92 1.28 6.93 46.98
N TRP B 93 0.70 6.13 46.09
CA TRP B 93 0.42 4.75 46.40
C TRP B 93 1.69 3.95 46.64
N GLY B 94 2.84 4.42 46.14
CA GLY B 94 4.10 3.78 46.46
C GLY B 94 4.72 4.13 47.79
N ALA B 95 4.14 5.08 48.52
CA ALA B 95 4.78 5.56 49.73
C ALA B 95 3.92 5.33 50.97
N GLN B 96 2.97 4.41 50.89
CA GLN B 96 2.02 4.25 52.00
C GLN B 96 2.75 3.98 53.30
N GLY B 97 3.68 3.02 53.31
CA GLY B 97 4.40 2.70 54.52
C GLY B 97 5.48 3.69 54.91
N GLN B 98 6.18 4.23 53.91
CA GLN B 98 7.37 5.03 54.19
C GLN B 98 7.02 6.39 54.78
N LEU B 99 5.97 7.05 54.24
CA LEU B 99 5.71 8.45 54.62
C LEU B 99 5.35 8.60 56.09
N PRO B 100 4.48 7.78 56.66
CA PRO B 100 4.20 7.95 58.11
C PRO B 100 5.40 7.63 59.00
N THR B 101 6.29 6.70 58.59
CA THR B 101 7.31 6.17 59.49
C THR B 101 8.73 6.67 59.26
N ALA B 102 9.00 7.36 58.15
CA ALA B 102 10.38 7.72 57.83
C ALA B 102 10.94 8.71 58.85
N SER B 103 12.12 8.42 59.38
CA SER B 103 12.83 9.45 60.11
C SER B 103 12.84 10.75 59.29
N HIS B 104 13.25 10.66 58.02
CA HIS B 104 13.28 11.82 57.18
C HIS B 104 12.75 11.52 55.80
N PHE B 105 11.98 12.45 55.24
CA PHE B 105 11.44 12.32 53.88
C PHE B 105 11.93 13.50 53.06
N VAL B 106 12.35 13.24 51.84
CA VAL B 106 12.95 14.27 51.01
C VAL B 106 12.25 14.28 49.66
N LEU B 107 11.88 15.46 49.20
CA LEU B 107 11.40 15.67 47.85
C LEU B 107 12.56 16.23 47.07
N LEU B 108 12.96 15.53 46.03
CA LEU B 108 13.98 16.03 45.11
C LEU B 108 13.23 16.82 44.05
N LEU B 109 13.54 18.11 43.97
CA LEU B 109 12.97 19.02 42.98
C LEU B 109 13.99 19.34 41.90
N GLY B 110 13.49 19.54 40.69
CA GLY B 110 14.33 19.93 39.57
C GLY B 110 13.94 21.31 39.06
N ARG B 111 14.92 22.11 38.68
CA ARG B 111 14.64 23.37 38.00
C ARG B 111 13.81 23.13 36.76
N THR B 112 12.98 24.11 36.42
CA THR B 112 12.09 24.01 35.28
C THR B 112 12.78 24.59 34.04
N ALA B 113 12.14 24.40 32.88
CA ALA B 113 12.82 24.55 31.60
C ALA B 113 13.34 25.96 31.41
N LYS B 114 12.57 26.94 31.85
CA LYS B 114 12.95 28.32 31.58
C LYS B 114 14.06 28.78 32.50
N GLU B 115 14.42 27.96 33.49
CA GLU B 115 15.55 28.25 34.36
C GLU B 115 16.87 27.79 33.77
N MET B 116 16.82 26.95 32.73
CA MET B 116 17.97 26.16 32.28
C MET B 116 18.55 26.64 30.94
N ARG B 117 18.12 27.80 30.46
CA ARG B 117 18.60 28.26 29.17
C ARG B 117 19.85 29.13 29.35
N ARG B 118 20.53 29.36 28.24
CA ARG B 118 21.82 30.01 28.28
C ARG B 118 21.75 31.43 28.81
N ASP B 119 20.59 32.08 28.67
CA ASP B 119 20.40 33.45 29.17
C ASP B 119 19.41 33.52 30.34
N SER B 120 19.12 32.38 30.96
CA SER B 120 18.48 32.39 32.27
C SER B 120 19.45 32.87 33.34
N GLY B 121 18.91 33.55 34.35
CA GLY B 121 19.77 34.06 35.41
C GLY B 121 20.30 32.95 36.30
N TYR B 122 19.47 31.94 36.55
CA TYR B 122 19.96 30.80 37.31
C TYR B 122 21.25 30.29 36.69
N VAL B 123 21.20 30.04 35.39
CA VAL B 123 22.39 29.55 34.70
C VAL B 123 23.49 30.59 34.79
N ALA B 124 23.22 31.83 34.39
CA ALA B 124 24.27 32.83 34.35
C ALA B 124 24.91 33.02 35.73
N ASP B 125 24.10 33.14 36.79
CA ASP B 125 24.68 33.34 38.12
C ASP B 125 25.40 32.08 38.60
N GLN B 126 24.82 30.89 38.34
CA GLN B 126 25.45 29.66 38.81
C GLN B 126 26.85 29.52 38.24
N LEU B 127 27.00 29.74 36.92
CA LEU B 127 28.31 29.57 36.31
C LEU B 127 29.24 30.72 36.68
N LYS B 128 28.71 31.94 36.75
CA LYS B 128 29.60 33.07 37.02
C LYS B 128 30.06 33.06 38.48
N HIS B 129 29.16 32.84 39.44
CA HIS B 129 29.56 33.03 40.83
C HIS B 129 29.82 31.73 41.60
N VAL B 130 29.12 30.64 41.32
CA VAL B 130 29.41 29.39 42.03
C VAL B 130 30.57 28.67 41.36
N LYS B 131 30.47 28.40 40.06
CA LYS B 131 31.55 27.75 39.33
C LYS B 131 32.73 28.67 39.02
N LYS B 132 32.56 30.00 39.15
CA LYS B 132 33.65 30.97 38.94
C LYS B 132 34.22 30.85 37.52
N MET B 133 33.36 30.55 36.57
CA MET B 133 33.79 30.39 35.19
C MET B 133 34.34 31.72 34.69
N PRO B 134 35.57 31.76 34.18
CA PRO B 134 36.11 33.03 33.67
C PRO B 134 35.35 33.54 32.45
N GLU B 135 35.61 34.82 32.15
CA GLU B 135 34.73 35.56 31.25
C GLU B 135 34.78 35.04 29.81
N ASP B 136 35.97 34.75 29.28
CA ASP B 136 36.03 34.24 27.92
C ASP B 136 35.34 32.89 27.82
N ILE B 137 35.48 32.04 28.85
CA ILE B 137 34.79 30.75 28.83
C ILE B 137 33.28 30.95 28.85
N ILE B 138 32.80 31.69 29.85
CA ILE B 138 31.37 31.84 30.01
C ILE B 138 30.76 32.46 28.76
N GLU B 139 31.53 33.29 28.05
CA GLU B 139 31.01 33.91 26.82
C GLU B 139 30.85 32.86 25.74
N ASN B 140 31.86 32.01 25.57
CA ASN B 140 31.72 30.90 24.63
C ASN B 140 30.63 29.94 25.08
N MET B 141 30.47 29.77 26.39
CA MET B 141 29.49 28.80 26.86
C MET B 141 28.08 29.30 26.59
N LEU B 142 27.77 30.55 26.96
CA LEU B 142 26.37 30.99 26.93
C LEU B 142 25.97 31.82 25.72
N LYS B 143 26.90 32.17 24.85
CA LYS B 143 26.55 32.90 23.63
C LYS B 143 25.59 32.09 22.76
N GLU B 144 24.90 32.79 21.87
CA GLU B 144 23.99 32.13 20.96
C GLU B 144 24.77 31.15 20.11
N ASP B 145 24.19 29.95 19.95
CA ASP B 145 24.87 28.84 19.30
C ASP B 145 26.24 28.61 19.93
N GLY B 146 26.36 28.94 21.22
CA GLY B 146 27.52 28.58 21.99
C GLY B 146 27.41 27.16 22.51
N VAL B 147 28.36 26.81 23.39
CA VAL B 147 28.51 25.42 23.83
C VAL B 147 27.22 24.90 24.44
N LEU B 148 26.56 25.72 25.28
CA LEU B 148 25.39 25.23 26.00
C LEU B 148 24.25 24.98 25.02
N GLU B 149 23.91 25.98 24.21
CA GLU B 149 22.80 25.85 23.28
C GLU B 149 23.07 24.76 22.25
N SER B 150 24.31 24.66 21.77
CA SER B 150 24.60 23.63 20.79
C SER B 150 24.37 22.26 21.40
N PHE B 151 24.74 22.10 22.68
CA PHE B 151 24.52 20.82 23.33
C PHE B 151 23.03 20.61 23.62
N GLN B 152 22.38 21.64 24.18
CA GLN B 152 21.01 21.46 24.61
C GLN B 152 20.10 21.20 23.43
N ASP B 153 20.30 21.95 22.35
CA ASP B 153 19.40 21.96 21.23
C ASP B 153 19.85 20.99 20.14
N GLY B 154 21.07 21.15 19.65
CA GLY B 154 21.59 20.24 18.64
C GLY B 154 21.80 18.82 19.14
N ASP B 155 22.56 18.65 20.23
CA ASP B 155 22.98 17.30 20.60
C ASP B 155 21.86 16.51 21.28
N PHE B 156 21.19 17.10 22.28
CA PHE B 156 20.22 16.39 23.09
C PHE B 156 18.76 16.77 22.82
N HIS B 157 18.49 17.69 21.90
CA HIS B 157 17.11 17.95 21.47
C HIS B 157 16.23 18.41 22.63
N LEU B 158 16.83 19.16 23.56
CA LEU B 158 16.10 19.58 24.75
C LEU B 158 15.18 20.79 24.53
N TYR B 159 15.34 21.52 23.43
CA TYR B 159 14.42 22.61 23.15
C TYR B 159 13.06 22.09 22.69
N GLU B 160 12.94 20.81 22.35
CA GLU B 160 11.71 20.31 21.73
C GLU B 160 10.49 20.56 22.61
N SER B 161 10.67 20.62 23.92
CA SER B 161 9.53 20.82 24.80
C SER B 161 10.05 21.04 26.20
N ASP B 162 9.18 21.60 27.05
CA ASP B 162 9.56 21.80 28.45
C ASP B 162 9.80 20.46 29.15
N ARG B 163 9.07 19.42 28.77
CA ARG B 163 9.28 18.16 29.47
C ARG B 163 10.64 17.57 29.13
N ALA B 164 11.00 17.62 27.85
CA ALA B 164 12.32 17.13 27.48
C ALA B 164 13.39 17.84 28.29
N MET B 165 13.24 19.16 28.49
CA MET B 165 14.24 19.86 29.26
C MET B 165 14.17 19.47 30.72
N PHE B 166 12.97 19.24 31.23
CA PHE B 166 12.84 18.95 32.65
C PHE B 166 13.34 17.55 32.96
N ASP B 167 13.06 16.60 32.06
CA ASP B 167 13.50 15.22 32.26
C ASP B 167 15.02 15.15 32.24
N TRP B 168 15.67 15.99 31.44
CA TRP B 168 17.12 16.09 31.50
C TRP B 168 17.56 16.56 32.87
N VAL B 169 17.00 17.69 33.34
CA VAL B 169 17.23 18.11 34.71
C VAL B 169 16.95 16.96 35.69
N SER B 170 15.87 16.24 35.44
CA SER B 170 15.44 15.24 36.40
C SER B 170 16.47 14.13 36.49
N LYS B 171 17.09 13.77 35.35
CA LYS B 171 18.17 12.77 35.36
C LYS B 171 19.27 13.16 36.33
N GLN B 172 19.63 14.44 36.38
CA GLN B 172 20.68 14.87 37.28
C GLN B 172 20.26 14.67 38.73
N THR B 173 18.99 14.91 39.02
CA THR B 173 18.55 14.69 40.40
C THR B 173 18.66 13.23 40.78
N TYR B 174 18.73 12.32 39.80
CA TYR B 174 18.86 10.92 40.19
C TYR B 174 20.30 10.55 40.56
N ILE B 175 21.29 11.34 40.11
CA ILE B 175 22.65 11.21 40.65
C ILE B 175 22.66 11.54 42.13
N ALA B 176 22.06 12.67 42.50
CA ALA B 176 22.04 13.07 43.91
C ALA B 176 21.26 12.07 44.73
N LEU B 177 20.17 11.54 44.17
CA LEU B 177 19.40 10.53 44.88
C LEU B 177 20.22 9.28 45.12
N ALA B 178 20.95 8.82 44.12
CA ALA B 178 21.72 7.60 44.28
C ALA B 178 22.82 7.77 45.33
N ASN B 179 23.49 8.93 45.31
CA ASN B 179 24.56 9.13 46.28
C ASN B 179 24.03 9.29 47.69
N MET B 180 22.85 9.87 47.83
CA MET B 180 22.29 9.99 49.17
C MET B 180 22.02 8.61 49.74
N MET B 181 21.35 7.74 48.98
CA MET B 181 21.06 6.39 49.44
C MET B 181 22.34 5.62 49.76
N THR B 182 23.31 5.63 48.84
CA THR B 182 24.56 4.91 49.08
C THR B 182 25.28 5.44 50.32
N ALA B 183 25.31 6.76 50.49
CA ALA B 183 25.94 7.36 51.66
C ALA B 183 25.23 6.89 52.93
N ALA B 184 23.91 7.00 52.96
CA ALA B 184 23.14 6.49 54.07
C ALA B 184 23.50 5.02 54.35
N ALA B 185 23.54 4.19 53.31
CA ALA B 185 23.77 2.77 53.58
C ALA B 185 25.19 2.53 54.09
N LEU B 186 26.16 3.34 53.63
CA LEU B 186 27.54 3.12 54.07
C LEU B 186 27.66 3.23 55.59
N ILE B 187 26.79 4.00 56.24
CA ILE B 187 26.83 4.11 57.69
C ILE B 187 25.61 3.46 58.33
N GLY B 188 25.03 2.48 57.66
CA GLY B 188 23.99 1.69 58.30
C GLY B 188 22.60 2.29 58.29
N ILE B 189 22.32 3.23 57.42
CA ILE B 189 21.02 3.89 57.38
C ILE B 189 20.27 3.45 56.13
N ASP B 190 19.03 3.02 56.33
CA ASP B 190 18.16 2.59 55.27
C ASP B 190 17.50 3.75 54.56
N SER B 191 17.07 3.47 53.34
CA SER B 191 16.50 4.46 52.46
C SER B 191 15.43 3.78 51.63
N CYS B 192 14.56 4.60 50.99
CA CYS B 192 13.75 4.05 49.91
C CYS B 192 13.45 5.10 48.83
N PRO B 193 13.93 4.91 47.62
CA PRO B 193 13.58 5.83 46.53
C PRO B 193 12.17 5.56 46.08
N ILE B 194 11.46 6.65 45.70
CA ILE B 194 10.02 6.59 45.50
C ILE B 194 9.60 7.38 44.27
N GLU B 195 9.07 6.67 43.28
CA GLU B 195 8.38 7.28 42.15
C GLU B 195 6.87 7.06 42.19
N GLY B 196 6.38 6.24 43.12
CA GLY B 196 4.98 5.86 43.14
C GLY B 196 4.05 6.95 43.64
N PHE B 197 3.86 8.00 42.85
CA PHE B 197 3.05 9.13 43.23
C PHE B 197 2.42 9.74 41.97
N ASN B 198 1.25 10.35 42.14
CA ASN B 198 0.57 11.01 41.01
C ASN B 198 1.18 12.40 40.80
N TYR B 199 1.89 12.57 39.68
CA TYR B 199 2.60 13.82 39.45
C TYR B 199 1.65 15.01 39.58
N ASP B 200 0.49 14.93 38.92
CA ASP B 200 -0.43 16.05 38.86
C ASP B 200 -0.84 16.52 40.25
N LYS B 201 -1.46 15.61 41.02
CA LYS B 201 -1.90 15.98 42.35
C LYS B 201 -0.72 16.40 43.22
N VAL B 202 0.38 15.66 43.16
CA VAL B 202 1.55 16.06 43.94
C VAL B 202 2.04 17.41 43.47
N HIS B 203 2.03 17.62 42.15
CA HIS B 203 2.40 18.94 41.66
C HIS B 203 1.52 20.03 42.28
N ASP B 204 0.19 19.83 42.25
CA ASP B 204 -0.71 20.88 42.73
C ASP B 204 -0.49 21.12 44.23
N ILE B 205 -0.38 20.04 45.01
CA ILE B 205 -0.17 20.19 46.44
C ILE B 205 1.06 21.05 46.70
N LEU B 206 2.12 20.82 45.95
CA LEU B 206 3.37 21.52 46.23
C LEU B 206 3.32 22.95 45.71
N GLU B 207 2.50 23.19 44.68
CA GLU B 207 2.23 24.55 44.23
C GLU B 207 1.50 25.35 45.32
N LYS B 208 0.33 24.85 45.75
CA LYS B 208 -0.44 25.53 46.79
C LYS B 208 0.39 25.77 48.05
N GLU B 209 1.32 24.86 48.35
CA GLU B 209 2.18 24.99 49.52
C GLU B 209 3.31 25.99 49.31
N GLY B 210 3.50 26.50 48.10
CA GLY B 210 4.60 27.39 47.80
C GLY B 210 5.96 26.73 47.67
N VAL B 211 6.03 25.40 47.61
CA VAL B 211 7.32 24.73 47.62
C VAL B 211 8.04 24.90 46.29
N LEU B 212 7.29 25.02 45.19
CA LEU B 212 7.87 25.10 43.86
C LEU B 212 8.35 26.50 43.48
N GLU B 213 8.29 27.48 44.38
CA GLU B 213 8.85 28.81 44.17
C GLU B 213 8.45 29.40 42.82
N ASP B 214 7.14 29.59 42.65
CA ASP B 214 6.57 30.32 41.51
C ASP B 214 6.97 29.69 40.19
N GLY B 215 6.97 28.35 40.17
CA GLY B 215 7.26 27.61 38.95
C GLY B 215 8.71 27.45 38.60
N ARG B 216 9.64 27.84 39.49
CA ARG B 216 11.06 27.58 39.26
C ARG B 216 11.42 26.10 39.41
N PHE B 217 10.64 25.34 40.17
CA PHE B 217 10.93 23.95 40.43
C PHE B 217 9.70 23.11 40.11
N ASP B 218 9.91 21.81 40.02
CA ASP B 218 8.83 20.84 39.92
C ASP B 218 9.37 19.54 40.54
N ILE B 219 8.46 18.65 40.91
CA ILE B 219 8.83 17.44 41.62
C ILE B 219 9.53 16.47 40.67
N SER B 220 10.63 15.88 41.13
CA SER B 220 11.35 14.89 40.35
C SER B 220 11.13 13.47 40.86
N VAL B 221 11.44 13.24 42.14
CA VAL B 221 11.47 11.91 42.72
C VAL B 221 11.58 12.13 44.22
N MET B 222 11.15 11.14 44.99
CA MET B 222 11.24 11.31 46.42
C MET B 222 12.06 10.19 47.06
N ALA B 223 12.47 10.43 48.29
CA ALA B 223 13.38 9.52 48.94
C ALA B 223 13.07 9.55 50.44
N ALA B 224 12.98 8.36 51.03
CA ALA B 224 12.72 8.18 52.45
C ALA B 224 13.93 7.57 53.12
N PHE B 225 14.18 7.97 54.35
CA PHE B 225 15.35 7.54 55.10
C PHE B 225 14.95 7.20 56.52
N GLY B 226 15.65 6.24 57.10
CA GLY B 226 15.35 5.80 58.45
C GLY B 226 16.00 4.46 58.74
N TYR B 227 15.39 3.72 59.67
CA TYR B 227 15.91 2.45 60.16
C TYR B 227 14.86 1.35 59.95
N ARG B 228 15.28 0.25 59.35
CA ARG B 228 14.33 -0.81 59.04
C ARG B 228 13.65 -1.37 60.29
N VAL B 229 12.49 -1.99 60.07
CA VAL B 229 11.78 -2.72 61.11
C VAL B 229 11.76 -4.21 60.82
N LYS B 230 12.07 -4.61 59.59
CA LYS B 230 11.99 -5.99 59.14
C LYS B 230 13.21 -6.26 58.28
N GLU B 231 13.66 -7.51 58.28
CA GLU B 231 14.79 -7.81 57.42
C GLU B 231 14.28 -8.15 56.02
N PRO B 232 14.94 -7.73 54.96
CA PRO B 232 14.35 -7.87 53.62
C PRO B 232 14.58 -9.26 53.02
N ARG B 233 13.78 -9.56 52.01
CA ARG B 233 14.03 -10.72 51.20
C ARG B 233 15.38 -10.58 50.50
N PRO B 234 15.93 -11.68 50.02
CA PRO B 234 17.21 -11.61 49.31
C PRO B 234 17.12 -10.73 48.07
N LYS B 235 18.17 -9.96 47.84
CA LYS B 235 18.27 -9.08 46.68
C LYS B 235 18.37 -9.89 45.40
N THR B 236 17.72 -9.41 44.35
CA THR B 236 17.79 -10.03 43.04
C THR B 236 18.16 -9.00 41.99
N ARG B 237 19.12 -9.37 41.15
CA ARG B 237 19.54 -8.60 40.01
C ARG B 237 19.82 -9.53 38.86
N ARG B 238 19.80 -9.00 37.65
CA ARG B 238 20.19 -9.75 36.47
C ARG B 238 21.66 -10.13 36.57
N ALA B 239 22.03 -11.17 35.80
CA ALA B 239 23.39 -11.69 35.86
C ALA B 239 24.34 -10.70 35.23
N LEU B 240 25.59 -10.72 35.70
CA LEU B 240 26.57 -9.79 35.16
C LEU B 240 26.70 -9.92 33.65
N ASP B 241 26.67 -11.15 33.13
CA ASP B 241 26.77 -11.34 31.68
C ASP B 241 25.45 -11.04 30.98
N GLN B 242 24.43 -10.65 31.71
CA GLN B 242 23.21 -10.16 31.09
C GLN B 242 23.25 -8.63 30.93
N ILE B 243 23.85 -7.93 31.90
CA ILE B 243 23.80 -6.47 31.86
C ILE B 243 25.13 -5.84 31.44
N VAL B 244 26.21 -6.61 31.31
CA VAL B 244 27.50 -6.07 30.87
C VAL B 244 27.91 -6.72 29.57
N LYS B 245 28.30 -5.89 28.59
CA LYS B 245 28.88 -6.37 27.34
C LYS B 245 30.21 -5.68 27.11
N TRP B 246 31.22 -6.43 26.67
CA TRP B 246 32.52 -5.91 26.33
C TRP B 246 32.63 -5.83 24.83
N VAL B 247 33.23 -4.75 24.34
CA VAL B 247 33.56 -4.56 22.93
C VAL B 247 35.07 -4.33 22.91
N GLU B 248 35.82 -5.39 22.66
CA GLU B 248 37.26 -5.35 22.85
C GLU B 248 37.95 -5.00 21.54
N MET C 21 -3.66 19.03 -27.51
CA MET C 21 -3.03 20.06 -26.69
C MET C 21 -4.05 20.58 -25.70
N MET C 22 -4.99 21.40 -26.20
CA MET C 22 -6.02 21.94 -25.30
C MET C 22 -7.05 20.89 -24.90
N THR C 23 -7.15 19.80 -25.65
CA THR C 23 -7.97 18.69 -25.20
C THR C 23 -7.37 18.01 -23.98
N GLU C 24 -6.03 17.99 -23.87
CA GLU C 24 -5.42 17.39 -22.71
C GLU C 24 -5.58 18.28 -21.49
N GLN C 25 -5.46 19.61 -21.67
CA GLN C 25 -5.79 20.52 -20.59
C GLN C 25 -7.24 20.34 -20.16
N SER C 26 -8.16 20.12 -21.11
CA SER C 26 -9.56 19.96 -20.72
C SER C 26 -9.72 18.74 -19.85
N LYS C 27 -9.16 17.60 -20.29
CA LYS C 27 -9.30 16.35 -19.55
C LYS C 27 -8.74 16.50 -18.14
N LYS C 28 -7.55 17.09 -18.03
CA LYS C 28 -6.97 17.39 -16.74
C LYS C 28 -7.98 18.11 -15.86
N GLN C 29 -8.56 19.20 -16.40
CA GLN C 29 -9.52 19.99 -15.63
C GLN C 29 -10.71 19.15 -15.21
N GLU C 30 -11.19 18.29 -16.10
CA GLU C 30 -12.27 17.40 -15.74
C GLU C 30 -11.88 16.54 -14.56
N ILE C 31 -10.64 16.04 -14.53
CA ILE C 31 -10.25 15.15 -13.43
C ILE C 31 -10.12 15.95 -12.13
N LEU C 32 -9.61 17.18 -12.20
CA LEU C 32 -9.53 17.98 -10.99
C LEU C 32 -10.91 18.34 -10.45
N ASP C 33 -11.87 18.62 -11.35
CA ASP C 33 -13.24 18.90 -10.89
C ASP C 33 -13.77 17.73 -10.08
N ALA C 34 -13.44 16.49 -10.51
CA ALA C 34 -13.84 15.32 -9.75
C ALA C 34 -13.18 15.31 -8.37
N PHE C 35 -11.92 15.76 -8.30
CA PHE C 35 -11.22 15.81 -7.01
C PHE C 35 -11.80 16.87 -6.10
N GLN C 36 -12.30 17.96 -6.70
CA GLN C 36 -12.93 19.04 -5.95
C GLN C 36 -14.35 18.68 -5.56
N PHE C 37 -15.00 17.85 -6.37
CA PHE C 37 -16.37 17.42 -6.11
C PHE C 37 -16.43 16.47 -4.92
N ARG C 38 -15.47 15.54 -4.82
CA ARG C 38 -15.43 14.60 -3.71
C ARG C 38 -15.16 15.34 -2.41
N HIS C 39 -15.92 14.97 -1.38
CA HIS C 39 -15.71 15.52 -0.05
C HIS C 39 -16.22 14.51 0.97
N ALA C 40 -15.91 14.76 2.24
CA ALA C 40 -16.28 13.82 3.30
C ALA C 40 -17.76 13.97 3.59
N THR C 41 -18.59 13.25 2.82
CA THR C 41 -20.03 13.47 2.87
C THR C 41 -20.61 12.92 4.16
N LYS C 42 -21.33 13.76 4.89
CA LYS C 42 -21.75 13.43 6.24
C LYS C 42 -23.07 12.66 6.27
N GLU C 43 -23.87 12.77 5.21
CA GLU C 43 -25.20 12.16 5.16
C GLU C 43 -25.61 12.11 3.69
N PHE C 44 -26.28 11.04 3.31
CA PHE C 44 -26.63 10.80 1.92
C PHE C 44 -28.15 10.76 1.73
N ASP C 45 -28.54 10.89 0.46
CA ASP C 45 -29.95 10.81 0.09
C ASP C 45 -30.42 9.37 0.30
N PRO C 46 -31.36 9.11 1.23
CA PRO C 46 -31.73 7.72 1.51
C PRO C 46 -32.63 7.10 0.46
N ASP C 47 -33.12 7.89 -0.50
CA ASP C 47 -33.98 7.36 -1.57
C ASP C 47 -33.26 7.17 -2.90
N ARG C 48 -32.12 7.84 -3.11
CA ARG C 48 -31.30 7.66 -4.29
C ARG C 48 -30.33 6.51 -4.05
N LYS C 49 -30.48 5.43 -4.79
CA LYS C 49 -29.54 4.32 -4.70
C LYS C 49 -28.63 4.32 -5.93
N ILE C 50 -27.34 4.00 -5.69
CA ILE C 50 -26.39 3.84 -6.77
C ILE C 50 -26.80 2.61 -7.57
N SER C 51 -26.78 2.72 -8.90
CA SER C 51 -27.15 1.60 -9.75
C SER C 51 -26.18 0.44 -9.58
N ASP C 52 -26.68 -0.77 -9.85
CA ASP C 52 -25.84 -1.96 -9.78
C ASP C 52 -24.56 -1.76 -10.57
N GLU C 53 -24.71 -1.37 -11.84
CA GLU C 53 -23.55 -1.26 -12.72
C GLU C 53 -22.57 -0.21 -12.21
N ASP C 54 -23.09 0.92 -11.73
CA ASP C 54 -22.22 1.98 -11.22
C ASP C 54 -21.42 1.45 -10.03
N PHE C 55 -22.07 0.66 -9.18
CA PHE C 55 -21.37 0.25 -7.99
C PHE C 55 -20.40 -0.87 -8.28
N GLN C 56 -20.62 -1.62 -9.36
CA GLN C 56 -19.62 -2.59 -9.80
C GLN C 56 -18.39 -1.86 -10.30
N PHE C 57 -18.59 -0.77 -11.03
CA PHE C 57 -17.47 0.00 -11.50
C PHE C 57 -16.59 0.43 -10.35
N ILE C 58 -17.22 0.82 -9.23
CA ILE C 58 -16.45 1.33 -8.11
C ILE C 58 -15.68 0.20 -7.48
N LEU C 59 -16.32 -0.95 -7.27
CA LEU C 59 -15.59 -2.08 -6.73
C LEU C 59 -14.44 -2.44 -7.65
N GLU C 60 -14.64 -2.29 -8.96
CA GLU C 60 -13.62 -2.69 -9.91
C GLU C 60 -12.41 -1.76 -9.85
N ALA C 61 -12.62 -0.50 -9.45
CA ALA C 61 -11.49 0.38 -9.18
C ALA C 61 -10.70 -0.14 -7.98
N GLY C 62 -11.40 -0.64 -6.96
CA GLY C 62 -10.72 -1.25 -5.83
C GLY C 62 -9.98 -2.51 -6.23
N ARG C 63 -10.62 -3.35 -7.04
CA ARG C 63 -10.01 -4.60 -7.50
C ARG C 63 -8.75 -4.34 -8.34
N LEU C 64 -8.79 -3.32 -9.21
CA LEU C 64 -7.64 -3.08 -10.07
C LEU C 64 -6.52 -2.31 -9.36
N SER C 65 -6.70 -2.00 -8.10
CA SER C 65 -5.72 -1.23 -7.37
C SER C 65 -4.42 -2.02 -7.18
N PRO C 66 -3.28 -1.34 -7.20
CA PRO C 66 -2.01 -2.00 -6.90
C PRO C 66 -1.84 -2.26 -5.41
N SER C 67 -0.90 -3.15 -5.11
CA SER C 67 -0.67 -3.62 -3.74
C SER C 67 0.76 -4.10 -3.66
N SER C 68 1.31 -4.04 -2.46
CA SER C 68 2.72 -4.42 -2.26
C SER C 68 2.92 -5.91 -2.49
N VAL C 69 3.89 -6.25 -3.32
CA VAL C 69 4.19 -7.62 -3.72
C VAL C 69 3.02 -8.18 -4.53
N GLY C 70 2.04 -7.35 -4.87
CA GLY C 70 0.89 -7.84 -5.59
C GLY C 70 -0.01 -8.75 -4.78
N LEU C 71 0.04 -8.67 -3.46
CA LEU C 71 -0.64 -9.68 -2.66
C LEU C 71 -2.13 -9.41 -2.45
N GLU C 72 -2.65 -8.28 -2.90
CA GLU C 72 -4.07 -7.94 -2.81
C GLU C 72 -4.63 -8.37 -1.45
N PRO C 73 -4.07 -7.92 -0.36
CA PRO C 73 -4.40 -8.44 0.96
C PRO C 73 -5.69 -7.92 1.57
N TRP C 74 -6.77 -7.92 0.79
CA TRP C 74 -7.98 -7.24 1.23
C TRP C 74 -9.23 -8.03 0.88
N GLN C 75 -10.33 -7.59 1.49
CA GLN C 75 -11.69 -8.02 1.16
C GLN C 75 -12.59 -6.80 1.32
N PHE C 76 -13.48 -6.57 0.35
CA PHE C 76 -14.46 -5.49 0.43
C PHE C 76 -15.83 -6.08 0.79
N VAL C 77 -16.38 -5.67 1.94
CA VAL C 77 -17.63 -6.22 2.44
C VAL C 77 -18.70 -5.14 2.36
N VAL C 78 -19.74 -5.40 1.59
CA VAL C 78 -20.81 -4.45 1.34
C VAL C 78 -21.95 -4.73 2.31
N VAL C 79 -22.13 -3.85 3.29
CA VAL C 79 -23.07 -4.10 4.39
C VAL C 79 -24.33 -3.27 4.10
N GLN C 80 -25.27 -3.93 3.42
CA GLN C 80 -26.59 -3.39 3.16
C GLN C 80 -27.59 -3.75 4.26
N ASN C 81 -27.39 -4.87 4.93
CA ASN C 81 -28.23 -5.27 6.05
C ASN C 81 -28.36 -4.14 7.06
N LYS C 82 -29.60 -3.76 7.36
CA LYS C 82 -29.79 -2.62 8.25
C LYS C 82 -29.42 -2.95 9.69
N GLU C 83 -29.61 -4.21 10.11
CA GLU C 83 -29.26 -4.61 11.48
C GLU C 83 -27.78 -4.38 11.73
N LEU C 84 -26.93 -4.85 10.82
CA LEU C 84 -25.49 -4.71 11.01
C LEU C 84 -25.05 -3.25 10.89
N ARG C 85 -25.60 -2.50 9.92
CA ARG C 85 -25.31 -1.06 9.86
C ARG C 85 -25.61 -0.41 11.20
N GLU C 86 -26.72 -0.78 11.83
CA GLU C 86 -27.09 -0.14 13.10
C GLU C 86 -26.20 -0.61 14.24
N LYS C 87 -25.80 -1.88 14.23
CA LYS C 87 -24.90 -2.38 15.26
C LYS C 87 -23.57 -1.64 15.18
N LEU C 88 -23.01 -1.50 13.97
CA LEU C 88 -21.79 -0.72 13.80
C LEU C 88 -22.02 0.73 14.16
N ARG C 89 -23.18 1.27 13.78
CA ARG C 89 -23.48 2.67 14.05
C ARG C 89 -23.34 2.97 15.53
N GLN C 90 -23.81 2.06 16.39
CA GLN C 90 -23.76 2.33 17.82
C GLN C 90 -22.34 2.46 18.36
N VAL C 91 -21.33 2.08 17.58
CA VAL C 91 -19.97 2.07 18.09
C VAL C 91 -19.05 2.76 17.08
N SER C 92 -19.62 3.59 16.23
CA SER C 92 -18.87 4.29 15.18
C SER C 92 -19.34 5.74 15.21
N TRP C 93 -18.78 6.52 16.13
CA TRP C 93 -19.23 7.89 16.27
C TRP C 93 -18.95 8.70 15.01
N GLY C 94 -17.99 8.25 14.19
CA GLY C 94 -17.67 8.89 12.93
C GLY C 94 -18.66 8.66 11.81
N ALA C 95 -19.58 7.69 11.93
CA ALA C 95 -20.48 7.35 10.85
C ALA C 95 -21.95 7.47 11.24
N GLN C 96 -22.30 8.50 12.01
CA GLN C 96 -23.69 8.60 12.45
C GLN C 96 -24.62 8.93 11.30
N GLY C 97 -24.30 9.95 10.52
CA GLY C 97 -25.11 10.25 9.36
C GLY C 97 -24.98 9.23 8.24
N GLN C 98 -23.82 8.61 8.11
CA GLN C 98 -23.54 7.87 6.88
C GLN C 98 -24.18 6.50 6.90
N LEU C 99 -24.02 5.76 8.00
CA LEU C 99 -24.48 4.38 8.06
C LEU C 99 -25.96 4.24 7.74
N PRO C 100 -26.86 5.05 8.31
CA PRO C 100 -28.29 4.86 8.00
C PRO C 100 -28.68 5.33 6.63
N THR C 101 -27.94 6.26 6.02
CA THR C 101 -28.37 6.85 4.78
C THR C 101 -27.55 6.38 3.59
N ALA C 102 -26.44 5.71 3.79
CA ALA C 102 -25.58 5.46 2.65
C ALA C 102 -26.34 4.61 1.65
N SER C 103 -26.03 4.78 0.37
CA SER C 103 -26.53 3.86 -0.63
C SER C 103 -25.85 2.50 -0.48
N HIS C 104 -24.53 2.49 -0.47
CA HIS C 104 -23.77 1.29 -0.21
C HIS C 104 -22.75 1.64 0.85
N PHE C 105 -22.62 0.77 1.83
CA PHE C 105 -21.65 0.92 2.88
C PHE C 105 -20.68 -0.25 2.78
N VAL C 106 -19.40 0.05 2.86
CA VAL C 106 -18.34 -0.92 2.59
C VAL C 106 -17.39 -0.98 3.78
N LEU C 107 -17.11 -2.19 4.23
CA LEU C 107 -16.03 -2.46 5.16
C LEU C 107 -14.85 -2.93 4.34
N LEU C 108 -13.75 -2.22 4.43
CA LEU C 108 -12.50 -2.70 3.85
C LEU C 108 -11.77 -3.51 4.93
N LEU C 109 -11.62 -4.80 4.68
CA LEU C 109 -10.92 -5.71 5.57
C LEU C 109 -9.54 -5.97 5.01
N GLY C 110 -8.58 -6.17 5.92
CA GLY C 110 -7.23 -6.55 5.55
C GLY C 110 -6.91 -7.93 6.06
N ARG C 111 -6.07 -8.64 5.30
CA ARG C 111 -5.57 -9.93 5.73
C ARG C 111 -4.83 -9.77 7.06
N THR C 112 -4.99 -10.74 7.97
CA THR C 112 -4.27 -10.70 9.23
C THR C 112 -2.81 -11.10 9.03
N ALA C 113 -2.00 -10.83 10.05
CA ALA C 113 -0.56 -11.09 9.96
C ALA C 113 -0.30 -12.55 9.64
N LYS C 114 -1.11 -13.45 10.20
CA LYS C 114 -0.92 -14.88 9.98
C LYS C 114 -1.03 -15.24 8.50
N GLU C 115 -1.66 -14.37 7.71
CA GLU C 115 -1.92 -14.65 6.30
C GLU C 115 -0.81 -14.17 5.38
N MET C 116 0.18 -13.44 5.92
CA MET C 116 1.02 -12.59 5.07
C MET C 116 2.50 -12.94 5.09
N ARG C 117 2.89 -14.05 5.71
CA ARG C 117 4.29 -14.43 5.81
C ARG C 117 4.68 -15.41 4.70
N ARG C 118 6.00 -15.51 4.47
CA ARG C 118 6.56 -16.31 3.38
C ARG C 118 6.13 -17.77 3.38
N ASP C 119 5.53 -18.25 4.47
CA ASP C 119 5.04 -19.61 4.57
C ASP C 119 3.54 -19.64 4.81
N SER C 120 2.84 -18.57 4.45
CA SER C 120 1.38 -18.53 4.56
C SER C 120 0.77 -19.20 3.35
N GLY C 121 -0.34 -19.89 3.58
CA GLY C 121 -1.08 -20.45 2.46
C GLY C 121 -1.60 -19.37 1.52
N TYR C 122 -2.13 -18.28 2.07
CA TYR C 122 -2.66 -17.22 1.22
C TYR C 122 -1.59 -16.72 0.26
N VAL C 123 -0.42 -16.38 0.79
CA VAL C 123 0.62 -15.79 -0.04
C VAL C 123 0.97 -16.73 -1.17
N ALA C 124 1.17 -18.01 -0.82
CA ALA C 124 1.57 -19.01 -1.80
C ALA C 124 0.50 -19.22 -2.87
N ASP C 125 -0.75 -19.42 -2.43
N ASP C 125 -0.74 -19.45 -2.43
CA ASP C 125 -1.81 -19.60 -3.40
CA ASP C 125 -1.85 -19.56 -3.39
C ASP C 125 -1.99 -18.35 -4.28
C ASP C 125 -1.88 -18.35 -4.32
N GLN C 126 -1.71 -17.16 -3.75
CA GLN C 126 -1.92 -15.93 -4.51
C GLN C 126 -0.82 -15.74 -5.55
N LEU C 127 0.43 -15.92 -5.15
CA LEU C 127 1.52 -15.70 -6.10
C LEU C 127 1.54 -16.71 -7.23
N LYS C 128 1.05 -17.93 -6.97
CA LYS C 128 1.10 -18.99 -7.98
C LYS C 128 -0.15 -19.01 -8.86
N HIS C 129 -1.32 -19.04 -8.23
CA HIS C 129 -2.56 -19.24 -8.97
C HIS C 129 -3.15 -17.95 -9.50
N VAL C 130 -2.85 -16.78 -8.91
CA VAL C 130 -3.40 -15.51 -9.41
C VAL C 130 -2.31 -14.80 -10.19
N LYS C 131 -1.17 -14.57 -9.54
CA LYS C 131 -0.07 -13.86 -10.16
C LYS C 131 0.66 -14.70 -11.19
N LYS C 132 0.55 -16.03 -11.12
CA LYS C 132 1.18 -16.92 -12.11
C LYS C 132 2.70 -16.80 -12.06
N MET C 133 3.23 -16.60 -10.85
CA MET C 133 4.67 -16.52 -10.66
C MET C 133 5.32 -17.87 -10.96
N PRO C 134 6.32 -17.93 -11.84
CA PRO C 134 7.06 -19.19 -12.04
C PRO C 134 7.55 -19.75 -10.72
N GLU C 135 7.41 -21.08 -10.54
N GLU C 135 7.40 -21.07 -10.55
CA GLU C 135 7.86 -21.72 -9.31
CA GLU C 135 7.86 -21.72 -9.32
C GLU C 135 9.32 -21.39 -9.02
C GLU C 135 9.32 -21.39 -9.02
N ASP C 136 10.14 -21.28 -10.08
CA ASP C 136 11.52 -20.80 -9.92
C ASP C 136 11.55 -19.52 -9.09
N ILE C 137 10.83 -18.50 -9.55
CA ILE C 137 10.85 -17.19 -8.89
C ILE C 137 10.11 -17.25 -7.57
N ILE C 138 8.97 -17.95 -7.51
CA ILE C 138 8.28 -18.08 -6.23
C ILE C 138 9.27 -18.52 -5.15
N GLU C 139 10.14 -19.48 -5.49
CA GLU C 139 10.99 -20.09 -4.47
C GLU C 139 12.00 -19.08 -3.94
N ASN C 140 12.66 -18.35 -4.85
CA ASN C 140 13.52 -17.25 -4.44
C ASN C 140 12.76 -16.26 -3.58
N MET C 141 11.46 -16.12 -3.82
CA MET C 141 10.66 -15.11 -3.12
C MET C 141 10.30 -15.56 -1.70
N LEU C 142 9.98 -16.84 -1.49
CA LEU C 142 9.44 -17.25 -0.21
C LEU C 142 10.40 -18.07 0.65
N LYS C 143 11.59 -18.40 0.17
CA LYS C 143 12.54 -19.15 0.98
C LYS C 143 13.02 -18.31 2.14
N GLU C 144 13.41 -18.98 3.23
CA GLU C 144 13.90 -18.24 4.40
C GLU C 144 15.00 -17.27 3.97
N ASP C 145 14.98 -16.08 4.56
CA ASP C 145 15.79 -14.93 4.12
C ASP C 145 15.65 -14.66 2.63
N GLY C 146 14.54 -15.09 2.04
CA GLY C 146 14.23 -14.76 0.67
C GLY C 146 13.66 -13.36 0.53
N VAL C 147 13.34 -13.00 -0.73
CA VAL C 147 12.94 -11.64 -1.06
C VAL C 147 11.83 -11.16 -0.12
N LEU C 148 10.77 -11.95 0.02
CA LEU C 148 9.68 -11.52 0.88
C LEU C 148 10.15 -11.35 2.33
N GLU C 149 10.83 -12.36 2.89
CA GLU C 149 11.22 -12.27 4.29
C GLU C 149 12.25 -11.18 4.50
N SER C 150 13.22 -11.08 3.57
CA SER C 150 14.24 -10.05 3.69
C SER C 150 13.62 -8.65 3.62
N PHE C 151 12.49 -8.49 2.94
CA PHE C 151 11.87 -7.17 2.87
C PHE C 151 11.02 -6.89 4.11
N GLN C 152 10.08 -7.77 4.42
CA GLN C 152 9.24 -7.55 5.60
C GLN C 152 10.09 -7.39 6.85
N ASP C 153 11.03 -8.31 7.06
CA ASP C 153 11.76 -8.36 8.31
C ASP C 153 12.83 -7.27 8.35
N GLY C 154 13.77 -7.32 7.42
CA GLY C 154 14.92 -6.45 7.49
C GLY C 154 14.61 -5.04 7.05
N ASP C 155 14.00 -4.90 5.87
CA ASP C 155 13.73 -3.59 5.31
C ASP C 155 12.68 -2.82 6.12
N PHE C 156 11.52 -3.43 6.36
CA PHE C 156 10.37 -2.71 6.90
C PHE C 156 10.04 -3.09 8.34
N HIS C 157 10.83 -3.94 8.96
CA HIS C 157 10.68 -4.29 10.39
C HIS C 157 9.27 -4.75 10.72
N LEU C 158 8.71 -5.62 9.87
CA LEU C 158 7.32 -6.04 10.09
C LEU C 158 7.16 -7.16 11.12
N TYR C 159 8.18 -8.02 11.31
CA TYR C 159 8.09 -9.12 12.29
C TYR C 159 8.01 -8.63 13.74
N GLU C 160 8.13 -7.32 13.99
CA GLU C 160 8.15 -6.82 15.37
C GLU C 160 6.87 -7.12 16.13
N SER C 161 5.74 -7.09 15.44
CA SER C 161 4.45 -7.40 16.07
C SER C 161 3.44 -7.73 14.98
N ASP C 162 2.36 -8.39 15.39
CA ASP C 162 1.26 -8.65 14.47
C ASP C 162 0.70 -7.33 13.94
N ARG C 163 0.49 -6.35 14.84
CA ARG C 163 -0.08 -5.07 14.46
C ARG C 163 0.78 -4.40 13.40
N ALA C 164 2.09 -4.43 13.56
CA ALA C 164 2.96 -3.81 12.56
C ALA C 164 2.72 -4.46 11.20
N MET C 165 2.59 -5.79 11.20
CA MET C 165 2.34 -6.46 9.93
C MET C 165 0.99 -6.04 9.38
N PHE C 166 -0.01 -5.94 10.26
CA PHE C 166 -1.35 -5.64 9.79
C PHE C 166 -1.43 -4.20 9.27
N ASP C 167 -0.75 -3.26 9.94
CA ASP C 167 -0.81 -1.87 9.51
C ASP C 167 -0.22 -1.73 8.10
N TRP C 168 0.82 -2.52 7.78
CA TRP C 168 1.35 -2.54 6.42
C TRP C 168 0.29 -3.06 5.44
N VAL C 169 -0.41 -4.12 5.82
CA VAL C 169 -1.54 -4.56 5.02
C VAL C 169 -2.56 -3.44 4.94
N SER C 170 -2.82 -2.79 6.07
CA SER C 170 -3.84 -1.74 6.11
C SER C 170 -3.49 -0.62 5.13
N LYS C 171 -2.23 -0.20 5.11
CA LYS C 171 -1.77 0.76 4.13
C LYS C 171 -2.24 0.38 2.73
N GLN C 172 -2.07 -0.89 2.36
CA GLN C 172 -2.46 -1.31 1.02
C GLN C 172 -3.94 -1.08 0.78
N THR C 173 -4.78 -1.27 1.82
CA THR C 173 -6.21 -1.06 1.63
C THR C 173 -6.55 0.41 1.44
N TYR C 174 -5.72 1.32 1.93
CA TYR C 174 -6.01 2.73 1.69
C TYR C 174 -5.80 3.10 0.24
N ILE C 175 -5.01 2.31 -0.52
CA ILE C 175 -4.92 2.53 -1.95
C ILE C 175 -6.25 2.18 -2.62
N ALA C 176 -6.80 1.02 -2.27
CA ALA C 176 -8.10 0.66 -2.82
C ALA C 176 -9.15 1.70 -2.43
N LEU C 177 -9.11 2.15 -1.17
CA LEU C 177 -10.07 3.13 -0.73
C LEU C 177 -10.01 4.38 -1.61
N ALA C 178 -8.81 4.92 -1.82
CA ALA C 178 -8.69 6.17 -2.57
C ALA C 178 -9.26 6.00 -3.97
N ASN C 179 -8.90 4.90 -4.63
CA ASN C 179 -9.35 4.71 -6.00
C ASN C 179 -10.86 4.54 -6.05
N MET C 180 -11.45 3.86 -5.06
CA MET C 180 -12.90 3.70 -5.08
C MET C 180 -13.60 5.05 -4.96
N MET C 181 -13.17 5.87 -4.01
CA MET C 181 -13.76 7.20 -3.88
C MET C 181 -13.51 8.03 -5.14
N THR C 182 -12.32 7.92 -5.70
CA THR C 182 -12.02 8.71 -6.88
C THR C 182 -12.80 8.20 -8.08
N ALA C 183 -12.89 6.87 -8.24
CA ALA C 183 -13.70 6.30 -9.32
C ALA C 183 -15.14 6.82 -9.24
N ALA C 184 -15.71 6.81 -8.04
CA ALA C 184 -17.07 7.30 -7.85
C ALA C 184 -17.19 8.77 -8.25
N ALA C 185 -16.30 9.62 -7.74
CA ALA C 185 -16.48 11.04 -7.97
C ALA C 185 -16.33 11.40 -9.44
N LEU C 186 -15.53 10.61 -10.19
CA LEU C 186 -15.41 10.80 -11.61
C LEU C 186 -16.75 10.63 -12.33
N ILE C 187 -17.69 9.87 -11.76
CA ILE C 187 -19.03 9.73 -12.33
C ILE C 187 -20.11 10.35 -11.45
N GLY C 188 -19.75 11.28 -10.58
CA GLY C 188 -20.73 12.05 -9.84
C GLY C 188 -21.31 11.39 -8.61
N ILE C 189 -20.65 10.38 -8.06
CA ILE C 189 -21.13 9.69 -6.86
C ILE C 189 -20.30 10.13 -5.65
N ASP C 190 -20.98 10.58 -4.61
CA ASP C 190 -20.28 10.97 -3.39
C ASP C 190 -19.86 9.74 -2.59
N SER C 191 -18.98 9.98 -1.62
CA SER C 191 -18.51 8.95 -0.72
C SER C 191 -18.10 9.59 0.60
N CYS C 192 -17.66 8.74 1.54
CA CYS C 192 -17.00 9.22 2.76
C CYS C 192 -16.10 8.13 3.35
N PRO C 193 -14.79 8.36 3.37
CA PRO C 193 -13.91 7.44 4.10
C PRO C 193 -14.16 7.58 5.59
N ILE C 194 -14.02 6.48 6.31
CA ILE C 194 -14.48 6.44 7.70
C ILE C 194 -13.51 5.64 8.56
N GLU C 195 -12.80 6.32 9.47
CA GLU C 195 -12.03 5.71 10.55
C GLU C 195 -12.67 5.88 11.91
N GLY C 196 -13.76 6.61 12.02
CA GLY C 196 -14.34 6.99 13.29
C GLY C 196 -15.18 5.89 13.91
N PHE C 197 -14.52 4.82 14.35
CA PHE C 197 -15.20 3.73 14.98
C PHE C 197 -14.31 3.09 16.04
N ASN C 198 -14.92 2.64 17.13
CA ASN C 198 -14.18 1.91 18.15
C ASN C 198 -13.73 0.56 17.61
N TYR C 199 -12.42 0.40 17.43
CA TYR C 199 -11.90 -0.81 16.80
C TYR C 199 -12.32 -2.05 17.57
N ASP C 200 -12.12 -2.04 18.88
CA ASP C 200 -12.38 -3.24 19.68
C ASP C 200 -13.80 -3.72 19.49
N LYS C 201 -14.78 -2.85 19.75
CA LYS C 201 -16.17 -3.27 19.61
C LYS C 201 -16.48 -3.68 18.17
N VAL C 202 -16.01 -2.91 17.18
CA VAL C 202 -16.32 -3.25 15.79
C VAL C 202 -15.73 -4.60 15.47
N HIS C 203 -14.52 -4.85 16.00
CA HIS C 203 -13.88 -6.13 15.77
C HIS C 203 -14.75 -7.25 16.29
N ASP C 204 -15.24 -7.11 17.53
CA ASP C 204 -16.07 -8.15 18.12
C ASP C 204 -17.33 -8.35 17.29
N ILE C 205 -17.93 -7.25 16.81
CA ILE C 205 -19.15 -7.36 16.02
C ILE C 205 -18.88 -8.21 14.78
N LEU C 206 -17.77 -7.94 14.08
CA LEU C 206 -17.47 -8.70 12.88
C LEU C 206 -16.95 -10.12 13.19
N GLU C 207 -16.25 -10.30 14.32
CA GLU C 207 -15.92 -11.66 14.75
C GLU C 207 -17.19 -12.50 14.88
N LYS C 208 -18.13 -12.03 15.70
CA LYS C 208 -19.35 -12.80 15.98
C LYS C 208 -20.20 -13.03 14.72
N GLU C 209 -20.30 -12.05 13.84
CA GLU C 209 -21.10 -12.24 12.63
C GLU C 209 -20.46 -13.24 11.65
N GLY C 210 -19.18 -13.55 11.83
CA GLY C 210 -18.47 -14.37 10.87
C GLY C 210 -17.77 -13.63 9.75
N VAL C 211 -17.77 -12.30 9.76
CA VAL C 211 -17.22 -11.54 8.64
C VAL C 211 -15.71 -11.69 8.53
N LEU C 212 -15.01 -11.93 9.65
CA LEU C 212 -13.56 -12.01 9.65
C LEU C 212 -13.04 -13.41 9.31
N GLU C 213 -13.93 -14.37 9.06
CA GLU C 213 -13.57 -15.64 8.42
C GLU C 213 -12.46 -16.37 9.19
N ASP C 214 -12.78 -16.77 10.41
CA ASP C 214 -11.85 -17.58 11.22
C ASP C 214 -10.50 -16.88 11.41
N GLY C 215 -10.54 -15.55 11.54
CA GLY C 215 -9.32 -14.79 11.78
C GLY C 215 -8.44 -14.56 10.57
N ARG C 216 -8.95 -14.82 9.35
CA ARG C 216 -8.20 -14.46 8.15
C ARG C 216 -8.17 -12.95 7.89
N PHE C 217 -9.08 -12.19 8.50
CA PHE C 217 -9.29 -10.80 8.14
C PHE C 217 -9.55 -9.98 9.38
N ASP C 218 -9.11 -8.74 9.35
CA ASP C 218 -9.46 -7.76 10.38
C ASP C 218 -9.87 -6.45 9.70
N ILE C 219 -10.60 -5.61 10.45
CA ILE C 219 -11.12 -4.38 9.87
C ILE C 219 -10.00 -3.35 9.73
N SER C 220 -9.95 -2.69 8.57
CA SER C 220 -8.98 -1.64 8.29
C SER C 220 -9.63 -0.26 8.29
N VAL C 221 -10.62 -0.07 7.41
CA VAL C 221 -11.27 1.23 7.27
C VAL C 221 -12.62 1.01 6.59
N MET C 222 -13.50 1.99 6.71
CA MET C 222 -14.85 1.94 6.16
C MET C 222 -15.04 3.02 5.10
N ALA C 223 -16.04 2.82 4.25
CA ALA C 223 -16.29 3.80 3.19
C ALA C 223 -17.76 3.80 2.81
N ALA C 224 -18.41 4.95 2.88
CA ALA C 224 -19.81 5.07 2.47
C ALA C 224 -19.90 5.66 1.07
N PHE C 225 -20.98 5.32 0.36
CA PHE C 225 -21.20 5.88 -0.97
C PHE C 225 -22.68 6.20 -1.19
N GLY C 226 -22.93 7.25 -1.96
CA GLY C 226 -24.30 7.65 -2.24
C GLY C 226 -24.31 9.04 -2.84
N TYR C 227 -25.45 9.71 -2.73
CA TYR C 227 -25.66 11.04 -3.30
C TYR C 227 -25.88 12.07 -2.19
N ARG C 228 -25.19 13.20 -2.28
CA ARG C 228 -25.32 14.22 -1.25
C ARG C 228 -26.77 14.69 -1.11
N VAL C 229 -27.11 15.15 0.09
CA VAL C 229 -28.34 15.90 0.29
C VAL C 229 -28.07 17.38 0.53
N LYS C 230 -26.91 17.73 1.08
CA LYS C 230 -26.51 19.09 1.37
C LYS C 230 -25.25 19.42 0.58
N GLU C 231 -25.08 20.68 0.28
CA GLU C 231 -23.85 21.02 -0.44
C GLU C 231 -22.76 21.37 0.56
N PRO C 232 -21.51 21.01 0.29
CA PRO C 232 -20.47 21.19 1.30
C PRO C 232 -19.85 22.59 1.27
N ARG C 233 -19.24 22.93 2.39
CA ARG C 233 -18.41 24.11 2.48
C ARG C 233 -17.22 24.03 1.51
N PRO C 234 -16.60 25.16 1.24
CA PRO C 234 -15.42 25.13 0.35
C PRO C 234 -14.32 24.25 0.93
N LYS C 235 -13.75 23.39 0.09
CA LYS C 235 -12.65 22.52 0.46
C LYS C 235 -11.42 23.32 0.85
N THR C 236 -10.70 22.84 1.86
CA THR C 236 -9.47 23.50 2.32
C THR C 236 -8.31 22.51 2.29
N ARG C 237 -7.17 22.98 1.80
CA ARG C 237 -5.96 22.18 1.71
C ARG C 237 -4.77 23.10 1.91
N ARG C 238 -3.71 22.55 2.47
CA ARG C 238 -2.46 23.26 2.53
C ARG C 238 -2.05 23.72 1.14
N ALA C 239 -1.18 24.71 1.08
CA ALA C 239 -0.73 25.19 -0.21
C ALA C 239 0.32 24.24 -0.76
N LEU C 240 0.37 24.18 -2.10
CA LEU C 240 1.39 23.36 -2.75
C LEU C 240 2.79 23.71 -2.24
N ASP C 241 3.07 24.99 -2.04
CA ASP C 241 4.41 25.32 -1.58
C ASP C 241 4.61 24.99 -0.10
N GLN C 242 3.61 24.45 0.58
CA GLN C 242 3.81 23.93 1.92
C GLN C 242 4.03 22.43 1.95
N ILE C 243 3.53 21.70 0.95
CA ILE C 243 3.57 20.24 0.97
C ILE C 243 4.50 19.67 -0.08
N VAL C 244 5.16 20.48 -0.89
CA VAL C 244 6.09 19.98 -1.89
C VAL C 244 7.42 20.67 -1.74
N LYS C 245 8.49 19.89 -1.71
CA LYS C 245 9.86 20.40 -1.75
C LYS C 245 10.59 19.70 -2.89
N TRP C 246 11.33 20.46 -3.67
CA TRP C 246 12.21 19.91 -4.69
C TRP C 246 13.64 19.81 -4.18
N VAL C 247 14.31 18.72 -4.56
CA VAL C 247 15.74 18.52 -4.34
C VAL C 247 16.32 18.33 -5.74
N GLU C 248 16.81 19.41 -6.33
CA GLU C 248 17.31 19.39 -7.69
C GLU C 248 18.82 19.31 -7.71
N HIS D 20 -26.96 8.05 -25.30
CA HIS D 20 -27.09 8.98 -24.17
C HIS D 20 -26.78 8.28 -22.85
N MET D 21 -27.40 7.11 -22.63
CA MET D 21 -27.02 6.28 -21.48
C MET D 21 -25.71 5.53 -21.73
N MET D 22 -25.48 5.10 -22.98
CA MET D 22 -24.22 4.47 -23.37
C MET D 22 -23.04 5.42 -23.25
N THR D 23 -23.31 6.72 -23.10
CA THR D 23 -22.28 7.73 -22.94
C THR D 23 -21.62 7.66 -21.57
N GLU D 24 -22.42 7.38 -20.54
CA GLU D 24 -21.84 7.21 -19.21
C GLU D 24 -21.14 5.86 -19.10
N GLN D 25 -21.62 4.87 -19.88
CA GLN D 25 -20.95 3.58 -19.94
C GLN D 25 -19.59 3.70 -20.61
N SER D 26 -19.45 4.65 -21.53
CA SER D 26 -18.16 4.90 -22.17
C SER D 26 -17.22 5.69 -21.27
N LYS D 27 -17.76 6.57 -20.44
CA LYS D 27 -16.91 7.27 -19.48
C LYS D 27 -16.31 6.28 -18.50
N LYS D 28 -17.12 5.35 -18.00
CA LYS D 28 -16.58 4.35 -17.08
C LYS D 28 -15.51 3.49 -17.74
N GLN D 29 -15.67 3.20 -19.03
CA GLN D 29 -14.68 2.39 -19.71
C GLN D 29 -13.34 3.13 -19.84
N GLU D 30 -13.38 4.42 -20.22
CA GLU D 30 -12.13 5.18 -20.32
C GLU D 30 -11.40 5.20 -18.99
N ILE D 31 -12.15 5.22 -17.89
CA ILE D 31 -11.53 5.24 -16.58
C ILE D 31 -10.92 3.88 -16.27
N LEU D 32 -11.69 2.80 -16.46
CA LEU D 32 -11.14 1.47 -16.26
C LEU D 32 -9.92 1.25 -17.16
N ASP D 33 -9.98 1.72 -18.41
CA ASP D 33 -8.83 1.60 -19.28
C ASP D 33 -7.61 2.25 -18.68
N ALA D 34 -7.79 3.32 -17.91
CA ALA D 34 -6.65 3.94 -17.22
C ALA D 34 -6.14 3.05 -16.10
N PHE D 35 -7.04 2.40 -15.38
CA PHE D 35 -6.62 1.52 -14.27
C PHE D 35 -5.89 0.32 -14.80
N GLN D 36 -6.28 -0.14 -15.99
CA GLN D 36 -5.57 -1.23 -16.66
C GLN D 36 -4.23 -0.77 -17.21
N PHE D 37 -4.16 0.49 -17.66
CA PHE D 37 -2.93 1.07 -18.19
C PHE D 37 -1.89 1.25 -17.11
N ARG D 38 -2.30 1.63 -15.90
CA ARG D 38 -1.34 1.80 -14.82
C ARG D 38 -0.81 0.44 -14.43
N HIS D 39 0.51 0.25 -14.53
CA HIS D 39 1.18 -0.96 -14.05
C HIS D 39 2.39 -0.55 -13.20
N ALA D 40 2.98 -1.53 -12.51
CA ALA D 40 4.13 -1.30 -11.65
C ALA D 40 5.40 -1.24 -12.51
N THR D 41 5.58 -0.09 -13.15
CA THR D 41 6.65 0.07 -14.11
C THR D 41 8.03 -0.06 -13.48
N LYS D 42 8.91 -0.79 -14.17
CA LYS D 42 10.24 -1.12 -13.66
C LYS D 42 11.31 -0.17 -14.18
N GLU D 43 11.18 0.27 -15.43
CA GLU D 43 12.16 1.11 -16.09
C GLU D 43 11.40 2.15 -16.91
N PHE D 44 11.89 3.38 -16.93
CA PHE D 44 11.27 4.47 -17.67
C PHE D 44 12.17 4.95 -18.80
N ASP D 45 11.57 5.68 -19.72
CA ASP D 45 12.35 6.31 -20.78
C ASP D 45 13.18 7.47 -20.25
N PRO D 46 14.51 7.35 -20.18
CA PRO D 46 15.30 8.44 -19.59
C PRO D 46 15.35 9.70 -20.42
N ASP D 47 14.90 9.67 -21.66
CA ASP D 47 14.91 10.83 -22.52
C ASP D 47 13.54 11.49 -22.67
N ARG D 48 12.49 10.94 -22.04
CA ARG D 48 11.16 11.53 -22.12
C ARG D 48 10.77 12.04 -20.74
N LYS D 49 10.73 13.36 -20.60
CA LYS D 49 10.42 13.99 -19.33
C LYS D 49 8.96 14.40 -19.30
N ILE D 50 8.33 14.21 -18.14
CA ILE D 50 6.98 14.72 -17.91
C ILE D 50 7.06 16.24 -17.92
N SER D 51 6.14 16.87 -18.64
CA SER D 51 6.08 18.33 -18.65
C SER D 51 5.82 18.86 -17.25
N ASP D 52 6.34 20.05 -16.95
CA ASP D 52 6.04 20.69 -15.68
C ASP D 52 4.54 20.76 -15.43
N GLU D 53 3.76 21.11 -16.46
CA GLU D 53 2.32 21.23 -16.29
C GLU D 53 1.67 19.90 -15.93
N ASP D 54 2.06 18.82 -16.61
CA ASP D 54 1.51 17.51 -16.25
C ASP D 54 1.90 17.11 -14.83
N PHE D 55 3.10 17.47 -14.40
CA PHE D 55 3.52 16.97 -13.10
C PHE D 55 2.88 17.78 -11.98
N GLN D 56 2.73 19.10 -12.18
CA GLN D 56 1.93 19.90 -11.27
C GLN D 56 0.57 19.26 -11.04
N PHE D 57 -0.06 18.74 -12.12
CA PHE D 57 -1.40 18.15 -12.01
C PHE D 57 -1.34 16.86 -11.21
N ILE D 58 -0.33 16.04 -11.45
CA ILE D 58 -0.15 14.86 -10.60
C ILE D 58 -0.01 15.29 -9.14
N LEU D 59 0.81 16.30 -8.87
CA LEU D 59 0.99 16.70 -7.48
C LEU D 59 -0.32 17.19 -6.88
N GLU D 60 -1.12 17.89 -7.69
CA GLU D 60 -2.39 18.44 -7.21
C GLU D 60 -3.36 17.33 -6.82
N ALA D 61 -3.34 16.21 -7.56
CA ALA D 61 -4.11 15.04 -7.13
C ALA D 61 -3.69 14.61 -5.74
N GLY D 62 -2.38 14.64 -5.49
CA GLY D 62 -1.90 14.36 -4.15
C GLY D 62 -2.43 15.36 -3.14
N ARG D 63 -2.29 16.65 -3.44
CA ARG D 63 -2.72 17.70 -2.50
C ARG D 63 -4.21 17.64 -2.18
N LEU D 64 -5.04 17.31 -3.16
CA LEU D 64 -6.49 17.28 -2.97
C LEU D 64 -6.95 15.99 -2.31
N SER D 65 -6.03 15.11 -1.97
CA SER D 65 -6.42 13.84 -1.37
C SER D 65 -7.07 14.10 -0.02
N PRO D 66 -8.09 13.34 0.35
CA PRO D 66 -8.58 13.37 1.72
C PRO D 66 -7.58 12.77 2.70
N SER D 67 -7.84 12.98 3.97
CA SER D 67 -6.97 12.55 5.04
C SER D 67 -7.77 12.60 6.32
N SER D 68 -7.44 11.70 7.25
CA SER D 68 -8.20 11.57 8.49
C SER D 68 -8.12 12.87 9.29
N VAL D 69 -9.27 13.36 9.72
CA VAL D 69 -9.39 14.60 10.45
C VAL D 69 -8.81 15.74 9.64
N GLY D 70 -8.67 15.55 8.33
CA GLY D 70 -8.20 16.61 7.45
C GLY D 70 -6.85 17.17 7.80
N LEU D 71 -5.96 16.39 8.43
CA LEU D 71 -4.71 16.95 8.90
C LEU D 71 -3.61 16.95 7.84
N GLU D 72 -3.89 16.43 6.64
CA GLU D 72 -2.95 16.37 5.53
C GLU D 72 -1.54 16.12 6.08
N PRO D 73 -1.31 14.98 6.74
CA PRO D 73 -0.03 14.77 7.46
C PRO D 73 1.13 14.37 6.56
N TRP D 74 1.29 15.01 5.41
CA TRP D 74 2.30 14.53 4.48
C TRP D 74 3.17 15.65 3.96
N GLN D 75 4.21 15.22 3.21
CA GLN D 75 5.03 16.09 2.40
C GLN D 75 5.54 15.29 1.21
N PHE D 76 5.49 15.91 0.02
CA PHE D 76 5.94 15.29 -1.22
C PHE D 76 7.29 15.90 -1.59
N VAL D 77 8.33 15.06 -1.64
CA VAL D 77 9.68 15.53 -1.92
C VAL D 77 10.12 14.97 -3.27
N VAL D 78 10.31 15.85 -4.23
CA VAL D 78 10.66 15.47 -5.59
C VAL D 78 12.19 15.46 -5.69
N VAL D 79 12.76 14.28 -5.80
CA VAL D 79 14.21 14.11 -5.83
C VAL D 79 14.65 14.03 -7.29
N GLN D 80 15.07 15.16 -7.83
CA GLN D 80 15.61 15.21 -9.17
C GLN D 80 17.13 15.19 -9.18
N ASN D 81 17.75 15.52 -8.06
CA ASN D 81 19.19 15.49 -7.92
C ASN D 81 19.74 14.08 -8.11
N LYS D 82 20.61 13.91 -9.10
CA LYS D 82 21.07 12.56 -9.45
C LYS D 82 21.84 11.89 -8.33
N GLU D 83 22.58 12.66 -7.53
CA GLU D 83 23.40 12.05 -6.48
C GLU D 83 22.54 11.49 -5.36
N LEU D 84 21.53 12.24 -4.93
CA LEU D 84 20.64 11.71 -3.90
C LEU D 84 19.87 10.50 -4.41
N ARG D 85 19.46 10.52 -5.68
CA ARG D 85 18.88 9.32 -6.27
C ARG D 85 19.83 8.14 -6.08
N GLU D 86 21.11 8.34 -6.40
CA GLU D 86 22.06 7.24 -6.35
C GLU D 86 22.31 6.78 -4.92
N LYS D 87 22.35 7.71 -3.97
CA LYS D 87 22.43 7.30 -2.56
C LYS D 87 21.25 6.41 -2.21
N LEU D 88 20.06 6.79 -2.68
CA LEU D 88 18.87 6.00 -2.39
C LEU D 88 18.89 4.68 -3.14
N ARG D 89 19.30 4.71 -4.42
N ARG D 89 19.29 4.71 -4.42
CA ARG D 89 19.34 3.48 -5.20
CA ARG D 89 19.34 3.47 -5.19
C ARG D 89 20.18 2.41 -4.51
C ARG D 89 20.18 2.40 -4.49
N GLN D 90 21.26 2.83 -3.84
CA GLN D 90 22.15 1.87 -3.19
C GLN D 90 21.48 1.14 -2.05
N VAL D 91 20.39 1.66 -1.51
CA VAL D 91 19.71 1.06 -0.37
C VAL D 91 18.30 0.62 -0.70
N SER D 92 17.95 0.60 -1.99
CA SER D 92 16.56 0.41 -2.42
C SER D 92 16.54 -0.63 -3.52
N TRP D 93 16.49 -1.93 -3.13
CA TRP D 93 16.54 -3.00 -4.11
C TRP D 93 15.32 -3.01 -5.01
N GLY D 94 14.21 -2.39 -4.58
CA GLY D 94 13.01 -2.28 -5.38
C GLY D 94 12.99 -1.14 -6.37
N ALA D 95 14.00 -0.26 -6.36
CA ALA D 95 13.97 0.92 -7.23
C ALA D 95 15.14 0.93 -8.19
N GLN D 96 15.72 -0.25 -8.46
CA GLN D 96 16.96 -0.29 -9.22
C GLN D 96 16.79 0.32 -10.59
N GLY D 97 15.71 -0.04 -11.29
CA GLY D 97 15.50 0.44 -12.64
C GLY D 97 14.75 1.76 -12.66
N GLN D 98 13.95 2.01 -11.62
CA GLN D 98 13.12 3.21 -11.57
C GLN D 98 13.95 4.47 -11.28
N LEU D 99 14.78 4.42 -10.22
CA LEU D 99 15.51 5.60 -9.78
C LEU D 99 16.36 6.23 -10.87
N PRO D 100 17.14 5.49 -11.63
CA PRO D 100 17.98 6.14 -12.65
C PRO D 100 17.24 6.57 -13.91
N THR D 101 16.02 6.09 -14.17
CA THR D 101 15.31 6.46 -15.38
C THR D 101 14.09 7.33 -15.18
N ALA D 102 13.50 7.35 -13.98
CA ALA D 102 12.25 8.08 -13.78
C ALA D 102 12.39 9.53 -14.20
N SER D 103 11.38 10.04 -14.89
CA SER D 103 11.28 11.47 -15.15
C SER D 103 11.24 12.25 -13.82
N HIS D 104 10.37 11.84 -12.93
CA HIS D 104 10.21 12.47 -11.64
C HIS D 104 10.13 11.40 -10.59
N PHE D 105 10.71 11.68 -9.42
CA PHE D 105 10.76 10.69 -8.36
C PHE D 105 10.40 11.36 -7.05
N VAL D 106 9.49 10.73 -6.30
CA VAL D 106 8.81 11.40 -5.20
C VAL D 106 9.01 10.58 -3.93
N LEU D 107 9.46 11.26 -2.88
CA LEU D 107 9.39 10.71 -1.53
C LEU D 107 8.12 11.21 -0.87
N LEU D 108 7.23 10.30 -0.51
CA LEU D 108 6.09 10.63 0.33
C LEU D 108 6.53 10.50 1.78
N LEU D 109 6.55 11.62 2.48
CA LEU D 109 6.87 11.68 3.89
C LEU D 109 5.60 11.86 4.72
N GLY D 110 5.50 11.10 5.80
CA GLY D 110 4.50 11.35 6.80
C GLY D 110 5.04 12.24 7.92
N ARG D 111 4.13 13.03 8.51
CA ARG D 111 4.43 13.73 9.75
C ARG D 111 4.65 12.71 10.87
N THR D 112 5.62 12.98 11.75
CA THR D 112 5.96 12.03 12.81
C THR D 112 5.00 12.18 13.97
N ALA D 113 5.14 11.27 14.93
CA ALA D 113 4.17 11.13 16.02
C ALA D 113 4.07 12.40 16.86
N LYS D 114 5.18 13.10 17.09
CA LYS D 114 5.13 14.30 17.93
C LYS D 114 4.31 15.40 17.27
N GLU D 115 4.20 15.41 15.94
CA GLU D 115 3.42 16.38 15.21
C GLU D 115 1.92 16.13 15.21
N MET D 116 1.46 14.99 15.73
CA MET D 116 0.10 14.54 15.42
C MET D 116 -0.77 14.32 16.64
N ARG D 117 -0.44 14.91 17.79
CA ARG D 117 -1.22 14.76 19.01
C ARG D 117 -1.99 16.04 19.29
N ARG D 118 -3.02 15.90 20.15
CA ARG D 118 -3.89 17.03 20.48
C ARG D 118 -3.10 18.28 20.83
N ASP D 119 -1.96 18.12 21.50
CA ASP D 119 -1.16 19.23 21.96
C ASP D 119 -0.02 19.54 21.00
N SER D 120 -0.05 19.00 19.79
CA SER D 120 0.99 19.30 18.80
C SER D 120 0.67 20.63 18.11
N GLY D 121 1.72 21.41 17.86
CA GLY D 121 1.51 22.68 17.19
C GLY D 121 1.06 22.51 15.75
N TYR D 122 1.56 21.48 15.07
CA TYR D 122 1.11 21.24 13.70
C TYR D 122 -0.40 21.06 13.65
N VAL D 123 -0.94 20.21 14.52
CA VAL D 123 -2.39 20.01 14.52
C VAL D 123 -3.12 21.33 14.75
N ALA D 124 -2.66 22.12 15.72
CA ALA D 124 -3.34 23.37 16.05
C ALA D 124 -3.34 24.35 14.87
N ASP D 125 -2.19 24.52 14.21
CA ASP D 125 -2.12 25.43 13.07
C ASP D 125 -2.94 24.92 11.89
N GLN D 126 -2.82 23.64 11.55
CA GLN D 126 -3.58 23.08 10.44
C GLN D 126 -5.07 23.32 10.64
N LEU D 127 -5.59 22.98 11.82
CA LEU D 127 -7.01 23.11 12.04
C LEU D 127 -7.44 24.57 12.04
N LYS D 128 -6.64 25.43 12.64
CA LYS D 128 -7.02 26.82 12.77
C LYS D 128 -6.81 27.59 11.48
N HIS D 129 -5.61 27.49 10.90
CA HIS D 129 -5.26 28.43 9.84
C HIS D 129 -5.56 27.89 8.46
N VAL D 130 -5.62 26.58 8.28
CA VAL D 130 -5.92 25.96 7.00
C VAL D 130 -7.37 25.54 6.92
N LYS D 131 -7.84 24.75 7.90
CA LYS D 131 -9.21 24.28 7.88
C LYS D 131 -10.21 25.33 8.35
N LYS D 132 -9.73 26.41 8.99
CA LYS D 132 -10.61 27.49 9.47
C LYS D 132 -11.65 26.95 10.47
N MET D 133 -11.27 25.98 11.25
CA MET D 133 -12.18 25.44 12.26
C MET D 133 -12.45 26.50 13.33
N PRO D 134 -13.71 26.76 13.70
CA PRO D 134 -13.98 27.76 14.74
C PRO D 134 -13.35 27.40 16.08
N GLU D 135 -12.91 28.43 16.81
CA GLU D 135 -12.16 28.23 18.04
C GLU D 135 -12.88 27.29 19.01
N ASP D 136 -14.19 27.46 19.14
CA ASP D 136 -14.93 26.59 20.05
C ASP D 136 -14.83 25.13 19.61
N ILE D 137 -14.88 24.88 18.29
CA ILE D 137 -14.80 23.51 17.82
C ILE D 137 -13.38 22.96 17.99
N ILE D 138 -12.37 23.79 17.75
CA ILE D 138 -11.00 23.32 17.95
C ILE D 138 -10.84 22.82 19.38
N GLU D 139 -11.36 23.59 20.33
CA GLU D 139 -11.18 23.24 21.74
C GLU D 139 -11.84 21.90 22.04
N ASN D 140 -13.09 21.73 21.60
CA ASN D 140 -13.71 20.42 21.70
C ASN D 140 -12.83 19.37 21.04
N MET D 141 -12.27 19.68 19.87
CA MET D 141 -11.44 18.73 19.16
C MET D 141 -10.18 18.39 19.96
N LEU D 142 -9.47 19.40 20.47
CA LEU D 142 -8.12 19.21 20.97
C LEU D 142 -8.03 19.15 22.50
N LYS D 143 -9.12 19.34 23.21
CA LYS D 143 -9.09 19.24 24.66
C LYS D 143 -8.75 17.81 25.12
N GLU D 144 -8.32 17.72 26.38
CA GLU D 144 -8.07 16.42 26.99
C GLU D 144 -9.33 15.56 26.96
N ASP D 145 -9.17 14.29 26.62
N ASP D 145 -9.16 14.27 26.65
CA ASP D 145 -10.32 13.41 26.44
CA ASP D 145 -10.28 13.37 26.38
C ASP D 145 -11.33 14.02 25.46
C ASP D 145 -11.31 14.04 25.48
N GLY D 146 -10.83 14.76 24.47
CA GLY D 146 -11.67 15.33 23.43
C GLY D 146 -11.67 14.45 22.19
N VAL D 147 -12.32 14.97 21.14
CA VAL D 147 -12.57 14.17 19.93
C VAL D 147 -11.29 13.48 19.50
N LEU D 148 -10.23 14.27 19.30
CA LEU D 148 -9.02 13.75 18.69
C LEU D 148 -8.36 12.70 19.58
N GLU D 149 -8.25 12.99 20.88
CA GLU D 149 -7.60 12.04 21.77
C GLU D 149 -8.46 10.79 21.96
N SER D 150 -9.78 10.98 22.13
CA SER D 150 -10.68 9.83 22.25
C SER D 150 -10.54 8.94 21.04
N PHE D 151 -10.50 9.54 19.84
CA PHE D 151 -10.30 8.74 18.64
C PHE D 151 -8.90 8.13 18.63
N GLN D 152 -7.86 8.96 18.81
CA GLN D 152 -6.50 8.48 18.64
C GLN D 152 -6.16 7.38 19.63
N ASP D 153 -6.60 7.53 20.88
CA ASP D 153 -6.21 6.64 21.96
C ASP D 153 -7.22 5.49 22.16
N GLY D 154 -8.47 5.83 22.50
CA GLY D 154 -9.45 4.80 22.79
C GLY D 154 -9.85 3.99 21.57
N ASP D 155 -10.19 4.65 20.47
CA ASP D 155 -10.74 3.95 19.31
C ASP D 155 -9.67 3.22 18.51
N PHE D 156 -8.49 3.84 18.34
CA PHE D 156 -7.49 3.31 17.42
C PHE D 156 -6.16 3.01 18.07
N HIS D 157 -6.03 3.17 19.38
CA HIS D 157 -4.86 2.74 20.16
C HIS D 157 -3.55 3.17 19.49
N LEU D 158 -3.49 4.44 19.11
CA LEU D 158 -2.32 5.00 18.48
C LEU D 158 -1.25 5.46 19.47
N TYR D 159 -1.59 5.59 20.76
CA TYR D 159 -0.58 5.87 21.77
C TYR D 159 0.14 4.60 22.23
N GLU D 160 -0.24 3.43 21.71
CA GLU D 160 0.50 2.22 22.01
C GLU D 160 1.98 2.40 21.72
N SER D 161 2.33 3.26 20.78
CA SER D 161 3.70 3.43 20.35
C SER D 161 3.80 4.55 19.33
N ASP D 162 4.95 5.22 19.26
CA ASP D 162 5.22 6.13 18.17
C ASP D 162 4.97 5.46 16.83
N ARG D 163 5.23 4.17 16.74
CA ARG D 163 5.04 3.49 15.46
C ARG D 163 3.56 3.42 15.10
N ALA D 164 2.73 3.05 16.06
CA ALA D 164 1.29 3.04 15.84
C ALA D 164 0.82 4.38 15.29
N MET D 165 1.32 5.48 15.89
CA MET D 165 0.96 6.82 15.46
C MET D 165 1.42 7.06 14.02
N PHE D 166 2.66 6.69 13.72
CA PHE D 166 3.22 6.99 12.41
C PHE D 166 2.58 6.14 11.33
N ASP D 167 2.28 4.88 11.64
CA ASP D 167 1.69 4.00 10.65
C ASP D 167 0.34 4.54 10.22
N TRP D 168 -0.44 5.06 11.19
CA TRP D 168 -1.70 5.70 10.85
C TRP D 168 -1.48 6.89 9.92
N VAL D 169 -0.47 7.71 10.21
CA VAL D 169 -0.11 8.81 9.30
C VAL D 169 0.22 8.28 7.91
N SER D 170 0.97 7.19 7.87
CA SER D 170 1.48 6.66 6.61
C SER D 170 0.33 6.20 5.73
N LYS D 171 -0.62 5.48 6.33
CA LYS D 171 -1.86 5.13 5.66
C LYS D 171 -2.43 6.31 4.89
N GLN D 172 -2.62 7.46 5.58
CA GLN D 172 -3.12 8.65 4.90
C GLN D 172 -2.30 8.93 3.65
N THR D 173 -0.96 8.80 3.74
CA THR D 173 -0.08 9.07 2.61
C THR D 173 -0.30 8.08 1.47
N TYR D 174 -0.90 6.91 1.74
CA TYR D 174 -1.13 6.00 0.65
C TYR D 174 -2.37 6.38 -0.13
N ILE D 175 -3.25 7.16 0.48
CA ILE D 175 -4.35 7.78 -0.26
C ILE D 175 -3.80 8.68 -1.35
N ALA D 176 -2.87 9.58 -0.97
CA ALA D 176 -2.31 10.51 -1.93
C ALA D 176 -1.51 9.79 -3.00
N LEU D 177 -0.77 8.75 -2.57
CA LEU D 177 -0.03 7.91 -3.50
C LEU D 177 -0.95 7.38 -4.60
N ALA D 178 -2.04 6.73 -4.20
CA ALA D 178 -2.95 6.16 -5.17
C ALA D 178 -3.45 7.23 -6.11
N ASN D 179 -3.93 8.35 -5.54
CA ASN D 179 -4.51 9.39 -6.37
C ASN D 179 -3.48 9.91 -7.36
N MET D 180 -2.24 10.08 -6.92
CA MET D 180 -1.22 10.53 -7.85
C MET D 180 -1.02 9.53 -8.98
N MET D 181 -0.95 8.25 -8.66
CA MET D 181 -0.75 7.25 -9.70
C MET D 181 -1.95 7.24 -10.66
N THR D 182 -3.17 7.29 -10.11
CA THR D 182 -4.37 7.22 -10.93
C THR D 182 -4.49 8.45 -11.83
N ALA D 183 -4.17 9.62 -11.29
CA ALA D 183 -4.20 10.84 -12.08
C ALA D 183 -3.23 10.77 -13.23
N ALA D 184 -2.02 10.29 -12.97
CA ALA D 184 -1.02 10.19 -14.02
C ALA D 184 -1.48 9.21 -15.10
N ALA D 185 -2.11 8.11 -14.67
CA ALA D 185 -2.53 7.11 -15.64
C ALA D 185 -3.61 7.69 -16.54
N LEU D 186 -4.51 8.51 -15.97
CA LEU D 186 -5.61 9.01 -16.77
C LEU D 186 -5.13 9.86 -17.94
N ILE D 187 -3.95 10.44 -17.85
CA ILE D 187 -3.41 11.22 -18.95
C ILE D 187 -2.24 10.49 -19.62
N GLY D 188 -2.14 9.19 -19.38
CA GLY D 188 -1.18 8.37 -20.12
C GLY D 188 0.23 8.35 -19.57
N ILE D 189 0.41 8.60 -18.29
CA ILE D 189 1.73 8.68 -17.67
C ILE D 189 1.89 7.49 -16.75
N ASP D 190 3.01 6.81 -16.86
CA ASP D 190 3.27 5.64 -16.04
C ASP D 190 3.91 6.01 -14.73
N SER D 191 3.84 5.06 -13.79
CA SER D 191 4.31 5.28 -12.44
C SER D 191 4.71 3.94 -11.85
N CYS D 192 5.35 3.98 -10.69
CA CYS D 192 5.55 2.78 -9.90
C CYS D 192 5.57 3.14 -8.43
N PRO D 193 4.67 2.57 -7.62
CA PRO D 193 4.83 2.70 -6.16
C PRO D 193 5.98 1.84 -5.68
N ILE D 194 6.63 2.30 -4.61
CA ILE D 194 7.89 1.69 -4.20
C ILE D 194 8.06 1.73 -2.69
N GLU D 195 7.87 0.56 -2.05
CA GLU D 195 8.18 0.28 -0.65
C GLU D 195 9.54 -0.38 -0.48
N GLY D 196 10.20 -0.75 -1.58
CA GLY D 196 11.29 -1.70 -1.54
C GLY D 196 12.65 -1.10 -1.24
N PHE D 197 12.84 -0.68 0.01
CA PHE D 197 14.03 0.05 0.44
C PHE D 197 14.28 -0.26 1.90
N ASN D 198 15.51 -0.07 2.35
CA ASN D 198 15.82 -0.29 3.76
C ASN D 198 15.41 0.94 4.56
N TYR D 199 14.42 0.79 5.43
CA TYR D 199 13.98 1.93 6.20
C TYR D 199 15.15 2.60 6.90
N ASP D 200 15.85 1.83 7.74
CA ASP D 200 16.92 2.41 8.57
C ASP D 200 17.89 3.24 7.75
N LYS D 201 18.34 2.70 6.62
CA LYS D 201 19.35 3.41 5.84
C LYS D 201 18.75 4.62 5.14
N VAL D 202 17.57 4.47 4.55
CA VAL D 202 16.95 5.60 3.88
C VAL D 202 16.67 6.71 4.89
N HIS D 203 16.17 6.33 6.08
CA HIS D 203 15.95 7.32 7.12
C HIS D 203 17.22 8.10 7.43
N ASP D 204 18.35 7.39 7.60
CA ASP D 204 19.60 8.07 7.91
C ASP D 204 19.99 9.01 6.78
N ILE D 205 19.94 8.52 5.54
CA ILE D 205 20.22 9.42 4.41
C ILE D 205 19.37 10.68 4.53
N LEU D 206 18.05 10.52 4.61
CA LEU D 206 17.17 11.68 4.59
C LEU D 206 17.41 12.54 5.83
N GLU D 207 17.64 11.91 6.98
CA GLU D 207 17.93 12.67 8.20
C GLU D 207 19.15 13.56 8.00
N LYS D 208 20.26 12.98 7.53
CA LYS D 208 21.49 13.75 7.39
C LYS D 208 21.37 14.82 6.31
N GLU D 209 20.54 14.60 5.29
CA GLU D 209 20.45 15.57 4.20
C GLU D 209 19.55 16.76 4.54
N GLY D 210 18.82 16.71 5.66
CA GLY D 210 17.93 17.78 6.06
C GLY D 210 16.46 17.56 5.71
N VAL D 211 16.16 16.53 4.91
CA VAL D 211 14.82 16.32 4.37
C VAL D 211 13.79 16.11 5.45
N LEU D 212 14.17 15.50 6.56
CA LEU D 212 13.20 15.17 7.61
C LEU D 212 12.93 16.36 8.53
N GLU D 213 13.56 17.51 8.27
CA GLU D 213 13.22 18.80 8.90
C GLU D 213 13.12 18.68 10.44
N ASP D 214 14.28 18.44 11.05
CA ASP D 214 14.41 18.34 12.51
C ASP D 214 13.38 17.36 13.07
N GLY D 215 13.34 16.17 12.46
CA GLY D 215 12.45 15.12 12.90
C GLY D 215 10.97 15.45 12.85
N ARG D 216 10.56 16.37 11.95
CA ARG D 216 9.13 16.61 11.78
C ARG D 216 8.48 15.59 10.83
N PHE D 217 9.28 14.90 10.00
CA PHE D 217 8.80 13.94 9.05
C PHE D 217 9.64 12.68 9.09
N ASP D 218 9.12 11.63 8.46
CA ASP D 218 9.85 10.40 8.24
C ASP D 218 9.39 9.80 6.92
N ILE D 219 10.18 8.88 6.38
CA ILE D 219 9.87 8.30 5.09
C ILE D 219 8.70 7.34 5.25
N SER D 220 7.72 7.44 4.34
CA SER D 220 6.58 6.54 4.31
C SER D 220 6.65 5.60 3.10
N VAL D 221 6.71 6.16 1.89
CA VAL D 221 6.73 5.34 0.67
C VAL D 221 7.22 6.24 -0.45
N MET D 222 7.70 5.62 -1.52
CA MET D 222 8.22 6.33 -2.68
C MET D 222 7.36 6.06 -3.89
N ALA D 223 7.52 6.92 -4.90
CA ALA D 223 6.78 6.83 -6.14
C ALA D 223 7.62 7.38 -7.27
N ALA D 224 7.68 6.63 -8.37
CA ALA D 224 8.37 7.05 -9.57
C ALA D 224 7.33 7.31 -10.64
N PHE D 225 7.64 8.25 -11.55
CA PHE D 225 6.73 8.61 -12.63
C PHE D 225 7.53 8.82 -13.90
N GLY D 226 6.96 8.37 -15.02
CA GLY D 226 7.54 8.66 -16.31
C GLY D 226 6.81 7.89 -17.38
N TYR D 227 7.48 7.69 -18.50
CA TYR D 227 6.96 6.95 -19.64
C TYR D 227 7.65 5.60 -19.79
N ARG D 228 6.86 4.56 -20.06
CA ARG D 228 7.42 3.21 -20.17
C ARG D 228 8.33 3.09 -21.39
N VAL D 229 9.29 2.16 -21.31
CA VAL D 229 10.06 1.74 -22.48
C VAL D 229 9.62 0.38 -22.99
N LYS D 230 9.08 -0.47 -22.13
CA LYS D 230 8.64 -1.81 -22.47
C LYS D 230 7.14 -1.87 -22.23
N GLU D 231 6.45 -2.67 -23.05
CA GLU D 231 5.04 -2.92 -22.78
C GLU D 231 4.89 -4.04 -21.76
N PRO D 232 3.94 -3.91 -20.85
CA PRO D 232 3.87 -4.82 -19.70
C PRO D 232 3.12 -6.11 -20.02
N ARG D 233 3.30 -7.09 -19.13
N ARG D 233 3.31 -7.08 -19.14
CA ARG D 233 2.55 -8.32 -19.19
CA ARG D 233 2.54 -8.32 -19.21
C ARG D 233 1.08 -8.03 -18.87
C ARG D 233 1.09 -8.04 -18.87
N PRO D 234 0.18 -8.93 -19.26
CA PRO D 234 -1.20 -8.79 -18.83
C PRO D 234 -1.30 -8.65 -17.31
N LYS D 235 -2.13 -7.72 -16.87
CA LYS D 235 -2.41 -7.53 -15.46
C LYS D 235 -3.13 -8.74 -14.88
N THR D 236 -2.85 -9.04 -13.61
CA THR D 236 -3.51 -10.14 -12.93
C THR D 236 -4.02 -9.67 -11.59
N ARG D 237 -5.24 -10.09 -11.28
CA ARG D 237 -5.87 -9.74 -10.02
C ARG D 237 -6.77 -10.87 -9.61
N ARG D 238 -7.01 -10.99 -8.31
CA ARG D 238 -8.04 -11.87 -7.82
C ARG D 238 -9.39 -11.54 -8.45
N ALA D 239 -10.20 -12.56 -8.64
CA ALA D 239 -11.53 -12.38 -9.17
C ALA D 239 -12.40 -11.65 -8.19
N LEU D 240 -13.43 -10.98 -8.73
CA LEU D 240 -14.27 -10.11 -7.92
C LEU D 240 -15.00 -10.89 -6.84
N ASP D 241 -15.31 -12.16 -7.09
CA ASP D 241 -15.99 -12.99 -6.10
C ASP D 241 -15.03 -13.56 -5.05
N GLN D 242 -13.73 -13.40 -5.25
CA GLN D 242 -12.78 -13.70 -4.18
C GLN D 242 -12.63 -12.55 -3.20
N ILE D 243 -12.81 -11.30 -3.64
CA ILE D 243 -12.47 -10.14 -2.82
C ILE D 243 -13.69 -9.31 -2.43
N VAL D 244 -14.91 -9.75 -2.76
CA VAL D 244 -16.10 -9.00 -2.44
C VAL D 244 -17.15 -9.88 -1.79
N LYS D 245 -17.62 -9.48 -0.63
CA LYS D 245 -18.68 -10.17 0.11
C LYS D 245 -19.83 -9.18 0.33
N TRP D 246 -21.02 -9.57 -0.08
CA TRP D 246 -22.24 -8.86 0.27
C TRP D 246 -22.89 -9.42 1.52
N VAL D 247 -23.33 -8.53 2.39
CA VAL D 247 -24.07 -8.89 3.58
C VAL D 247 -25.40 -8.17 3.48
N GLU D 248 -26.41 -8.87 2.98
CA GLU D 248 -27.68 -8.22 2.68
C GLU D 248 -28.65 -8.28 3.84
N MET E 21 -25.73 -11.96 -8.73
CA MET E 21 -24.66 -12.94 -8.72
C MET E 21 -23.30 -12.23 -8.81
N MET E 22 -22.25 -12.93 -8.37
CA MET E 22 -20.90 -12.40 -8.42
C MET E 22 -19.95 -13.40 -9.06
N THR E 23 -20.35 -14.64 -9.21
CA THR E 23 -19.54 -15.64 -9.87
C THR E 23 -19.74 -15.59 -11.37
N GLU E 24 -20.94 -15.26 -11.83
CA GLU E 24 -21.15 -15.08 -13.26
C GLU E 24 -20.40 -13.85 -13.73
N GLN E 25 -20.38 -12.81 -12.89
CA GLN E 25 -19.65 -11.59 -13.22
C GLN E 25 -18.17 -11.88 -13.39
N SER E 26 -17.60 -12.71 -12.51
CA SER E 26 -16.20 -13.06 -12.63
C SER E 26 -15.95 -13.88 -13.88
N LYS E 27 -16.94 -14.69 -14.28
CA LYS E 27 -16.83 -15.43 -15.53
C LYS E 27 -16.87 -14.49 -16.74
N LYS E 28 -17.73 -13.47 -16.71
CA LYS E 28 -17.69 -12.46 -17.77
C LYS E 28 -16.33 -11.78 -17.84
N GLN E 29 -15.72 -11.52 -16.68
CA GLN E 29 -14.46 -10.82 -16.65
C GLN E 29 -13.38 -11.65 -17.33
N GLU E 30 -13.31 -12.92 -16.98
CA GLU E 30 -12.37 -13.84 -17.61
C GLU E 30 -12.50 -13.81 -19.12
N ILE E 31 -13.72 -13.95 -19.63
CA ILE E 31 -13.92 -13.90 -21.08
C ILE E 31 -13.44 -12.57 -21.65
N LEU E 32 -13.81 -11.45 -21.01
CA LEU E 32 -13.36 -10.17 -21.51
C LEU E 32 -11.84 -10.08 -21.47
N ASP E 33 -11.22 -10.64 -20.43
CA ASP E 33 -9.76 -10.67 -20.39
C ASP E 33 -9.19 -11.32 -21.64
N ALA E 34 -9.79 -12.43 -22.07
CA ALA E 34 -9.27 -13.14 -23.22
C ALA E 34 -9.48 -12.32 -24.49
N PHE E 35 -10.65 -11.70 -24.64
CA PHE E 35 -10.86 -10.78 -25.74
C PHE E 35 -9.83 -9.65 -25.73
N GLN E 36 -9.41 -9.23 -24.54
CA GLN E 36 -8.36 -8.22 -24.46
C GLN E 36 -7.00 -8.80 -24.77
N PHE E 37 -6.76 -10.05 -24.33
CA PHE E 37 -5.47 -10.70 -24.55
C PHE E 37 -5.20 -10.96 -26.02
N ARG E 38 -6.21 -11.26 -26.80
CA ARG E 38 -6.00 -11.46 -28.23
C ARG E 38 -5.63 -10.14 -28.87
N HIS E 39 -4.66 -10.18 -29.79
CA HIS E 39 -4.27 -9.01 -30.55
C HIS E 39 -3.66 -9.48 -31.87
N ALA E 40 -3.39 -8.54 -32.76
CA ALA E 40 -2.87 -8.90 -34.07
C ALA E 40 -1.36 -9.15 -33.99
N THR E 41 -1.03 -10.31 -33.41
CA THR E 41 0.37 -10.66 -33.17
C THR E 41 1.20 -10.67 -34.46
N LYS E 42 2.32 -9.93 -34.43
CA LYS E 42 3.16 -9.74 -35.59
C LYS E 42 4.22 -10.82 -35.75
N GLU E 43 4.58 -11.48 -34.65
CA GLU E 43 5.71 -12.37 -34.58
C GLU E 43 5.47 -13.32 -33.44
N PHE E 44 5.76 -14.60 -33.66
CA PHE E 44 5.59 -15.60 -32.62
C PHE E 44 6.95 -16.16 -32.22
N ASP E 45 6.94 -16.85 -31.08
CA ASP E 45 8.11 -17.57 -30.59
C ASP E 45 8.38 -18.77 -31.47
N PRO E 46 9.46 -18.80 -32.24
CA PRO E 46 9.69 -19.95 -33.13
C PRO E 46 9.95 -21.25 -32.38
N ASP E 47 10.36 -21.20 -31.12
CA ASP E 47 10.71 -22.42 -30.39
C ASP E 47 9.60 -22.89 -29.47
N ARG E 48 8.52 -22.13 -29.28
CA ARG E 48 7.40 -22.55 -28.46
C ARG E 48 6.24 -22.95 -29.37
N LYS E 49 5.81 -24.20 -29.26
CA LYS E 49 4.86 -24.77 -30.23
C LYS E 49 3.55 -25.11 -29.53
N ILE E 50 2.44 -24.85 -30.20
CA ILE E 50 1.14 -25.14 -29.61
C ILE E 50 0.96 -26.65 -29.57
N SER E 51 0.42 -27.16 -28.47
CA SER E 51 0.31 -28.58 -28.31
C SER E 51 -0.71 -29.12 -29.30
N ASP E 52 -0.46 -30.35 -29.75
CA ASP E 52 -1.35 -31.00 -30.71
C ASP E 52 -2.79 -30.97 -30.24
N GLU E 53 -3.02 -31.20 -28.94
CA GLU E 53 -4.38 -31.26 -28.39
C GLU E 53 -4.99 -29.88 -28.21
N ASP E 54 -4.18 -28.89 -27.80
CA ASP E 54 -4.65 -27.50 -27.76
C ASP E 54 -5.04 -27.04 -29.16
N PHE E 55 -4.27 -27.46 -30.17
CA PHE E 55 -4.56 -26.96 -31.50
C PHE E 55 -5.78 -27.63 -32.11
N GLN E 56 -6.01 -28.90 -31.79
CA GLN E 56 -7.27 -29.53 -32.17
C GLN E 56 -8.45 -28.75 -31.60
N PHE E 57 -8.30 -28.25 -30.37
CA PHE E 57 -9.36 -27.48 -29.72
C PHE E 57 -9.65 -26.20 -30.52
N ILE E 58 -8.61 -25.56 -31.05
CA ILE E 58 -8.83 -24.36 -31.82
C ILE E 58 -9.63 -24.67 -33.08
N LEU E 59 -9.29 -25.75 -33.77
CA LEU E 59 -9.99 -26.10 -35.01
C LEU E 59 -11.41 -26.56 -34.75
N GLU E 60 -11.64 -27.19 -33.61
CA GLU E 60 -12.99 -27.60 -33.23
C GLU E 60 -13.91 -26.39 -33.05
N ALA E 61 -13.39 -25.29 -32.52
CA ALA E 61 -14.17 -24.07 -32.47
C ALA E 61 -14.53 -23.58 -33.86
N GLY E 62 -13.59 -23.71 -34.81
CA GLY E 62 -13.92 -23.51 -36.20
C GLY E 62 -15.01 -24.45 -36.67
N ARG E 63 -14.87 -25.74 -36.33
CA ARG E 63 -15.81 -26.74 -36.83
C ARG E 63 -17.21 -26.51 -36.29
N LEU E 64 -17.33 -26.19 -35.00
CA LEU E 64 -18.63 -25.97 -34.36
C LEU E 64 -19.26 -24.61 -34.74
N SER E 65 -18.57 -23.78 -35.50
CA SER E 65 -19.14 -22.48 -35.86
C SER E 65 -20.42 -22.66 -36.69
N PRO E 66 -21.40 -21.78 -36.52
CA PRO E 66 -22.58 -21.83 -37.38
C PRO E 66 -22.25 -21.32 -38.77
N SER E 67 -23.17 -21.59 -39.70
CA SER E 67 -22.99 -21.24 -41.10
C SER E 67 -24.38 -21.09 -41.70
N SER E 68 -24.50 -20.19 -42.67
CA SER E 68 -25.79 -19.98 -43.31
C SER E 68 -26.28 -21.26 -43.96
N VAL E 69 -27.53 -21.63 -43.66
CA VAL E 69 -28.20 -22.80 -44.23
C VAL E 69 -27.48 -24.06 -43.75
N GLY E 70 -26.63 -23.89 -42.74
CA GLY E 70 -25.88 -25.01 -42.18
C GLY E 70 -25.00 -25.73 -43.16
N LEU E 71 -24.51 -25.03 -44.19
CA LEU E 71 -23.79 -25.70 -45.27
C LEU E 71 -22.30 -25.86 -44.99
N GLU E 72 -21.78 -25.28 -43.91
CA GLU E 72 -20.38 -25.42 -43.50
C GLU E 72 -19.44 -25.36 -44.73
N PRO E 73 -19.44 -24.25 -45.46
CA PRO E 73 -18.81 -24.22 -46.78
C PRO E 73 -17.32 -23.91 -46.72
N TRP E 74 -16.60 -24.58 -45.85
CA TRP E 74 -15.23 -24.19 -45.63
C TRP E 74 -14.33 -25.41 -45.55
N GLN E 75 -13.04 -25.15 -45.68
CA GLN E 75 -11.99 -26.12 -45.42
C GLN E 75 -10.85 -25.36 -44.78
N PHE E 76 -10.31 -25.90 -43.70
CA PHE E 76 -9.17 -25.35 -43.01
C PHE E 76 -7.93 -26.15 -43.42
N VAL E 77 -6.92 -25.49 -43.96
CA VAL E 77 -5.69 -26.14 -44.36
C VAL E 77 -4.57 -25.70 -43.43
N VAL E 78 -3.89 -26.65 -42.81
CA VAL E 78 -2.84 -26.37 -41.85
C VAL E 78 -1.50 -26.52 -42.57
N VAL E 79 -0.82 -25.39 -42.79
CA VAL E 79 0.42 -25.34 -43.57
C VAL E 79 1.58 -25.29 -42.58
N GLN E 80 2.12 -26.46 -42.28
CA GLN E 80 3.34 -26.56 -41.47
C GLN E 80 4.58 -26.74 -42.35
N ASN E 81 4.40 -27.15 -43.60
CA ASN E 81 5.49 -27.22 -44.55
C ASN E 81 6.17 -25.87 -44.68
N LYS E 82 7.43 -25.80 -44.27
CA LYS E 82 8.15 -24.52 -44.30
C LYS E 82 8.33 -23.98 -45.72
N GLU E 83 8.42 -24.86 -46.71
CA GLU E 83 8.61 -24.39 -48.09
C GLU E 83 7.37 -23.67 -48.60
N LEU E 84 6.19 -24.30 -48.43
CA LEU E 84 4.95 -23.67 -48.85
C LEU E 84 4.68 -22.39 -48.07
N ARG E 85 4.99 -22.40 -46.78
CA ARG E 85 4.94 -21.18 -46.00
C ARG E 85 5.74 -20.08 -46.66
N GLU E 86 6.95 -20.42 -47.12
CA GLU E 86 7.81 -19.41 -47.72
C GLU E 86 7.24 -18.94 -49.06
N LYS E 87 6.74 -19.84 -49.88
CA LYS E 87 6.12 -19.41 -51.14
C LYS E 87 5.02 -18.39 -50.88
N LEU E 88 4.23 -18.60 -49.82
CA LEU E 88 3.15 -17.65 -49.55
C LEU E 88 3.70 -16.33 -49.00
N ARG E 89 4.76 -16.40 -48.19
CA ARG E 89 5.33 -15.19 -47.62
C ARG E 89 5.77 -14.24 -48.72
N GLN E 90 6.34 -14.78 -49.80
CA GLN E 90 6.79 -13.95 -50.89
C GLN E 90 5.66 -13.15 -51.52
N VAL E 91 4.40 -13.59 -51.32
CA VAL E 91 3.23 -12.94 -51.88
C VAL E 91 2.26 -12.43 -50.81
N SER E 92 2.64 -12.46 -49.54
CA SER E 92 1.75 -12.06 -48.43
C SER E 92 2.46 -11.02 -47.57
N TRP E 93 2.42 -9.78 -48.04
CA TRP E 93 3.08 -8.67 -47.35
C TRP E 93 2.66 -8.56 -45.88
N GLY E 94 1.39 -8.86 -45.59
CA GLY E 94 0.88 -8.77 -44.23
C GLY E 94 1.33 -9.89 -43.29
N ALA E 95 1.94 -10.95 -43.82
CA ALA E 95 2.28 -12.14 -43.03
C ALA E 95 3.78 -12.33 -42.83
N GLN E 96 4.58 -11.27 -42.96
CA GLN E 96 6.02 -11.43 -43.04
C GLN E 96 6.63 -11.95 -41.74
N GLY E 97 6.10 -11.55 -40.60
CA GLY E 97 6.65 -12.00 -39.34
C GLY E 97 5.97 -13.28 -38.87
N GLN E 98 4.73 -13.44 -39.31
CA GLN E 98 3.89 -14.52 -38.82
C GLN E 98 4.17 -15.82 -39.55
N LEU E 99 4.32 -15.76 -40.88
CA LEU E 99 4.48 -16.98 -41.64
C LEU E 99 5.72 -17.76 -41.24
N PRO E 100 6.87 -17.13 -41.01
CA PRO E 100 8.06 -17.87 -40.58
C PRO E 100 8.04 -18.37 -39.14
N THR E 101 7.31 -17.69 -38.23
CA THR E 101 7.39 -17.98 -36.80
C THR E 101 6.15 -18.66 -36.22
N ALA E 102 5.01 -18.64 -36.91
CA ALA E 102 3.80 -19.20 -36.33
C ALA E 102 4.00 -20.67 -35.98
N SER E 103 3.61 -21.04 -34.76
CA SER E 103 3.46 -22.44 -34.41
C SER E 103 2.66 -23.18 -35.47
N HIS E 104 1.51 -22.63 -35.85
CA HIS E 104 0.61 -23.25 -36.82
C HIS E 104 0.03 -22.15 -37.70
N PHE E 105 -0.14 -22.44 -38.99
CA PHE E 105 -0.65 -21.48 -39.94
C PHE E 105 -1.79 -22.13 -40.71
N VAL E 106 -2.93 -21.44 -40.78
CA VAL E 106 -4.16 -21.98 -41.33
C VAL E 106 -4.62 -21.14 -42.51
N LEU E 107 -4.92 -21.82 -43.61
CA LEU E 107 -5.61 -21.21 -44.74
C LEU E 107 -7.07 -21.54 -44.59
N LEU E 108 -7.92 -20.52 -44.49
CA LEU E 108 -9.36 -20.72 -44.49
C LEU E 108 -9.85 -20.64 -45.93
N LEU E 109 -10.31 -21.76 -46.44
CA LEU E 109 -10.82 -21.86 -47.79
C LEU E 109 -12.34 -21.94 -47.72
N GLY E 110 -12.97 -21.39 -48.75
CA GLY E 110 -14.41 -21.50 -48.92
C GLY E 110 -14.72 -22.33 -50.15
N ARG E 111 -15.84 -23.03 -50.10
CA ARG E 111 -16.43 -23.61 -51.30
C ARG E 111 -16.59 -22.54 -52.36
N THR E 112 -16.47 -22.97 -53.62
CA THR E 112 -16.60 -22.10 -54.76
C THR E 112 -18.07 -22.04 -55.22
N ALA E 113 -18.36 -21.05 -56.06
CA ALA E 113 -19.74 -20.83 -56.53
C ALA E 113 -20.32 -22.09 -57.16
N LYS E 114 -19.50 -22.85 -57.89
CA LYS E 114 -19.92 -24.13 -58.45
C LYS E 114 -20.59 -25.02 -57.41
N GLU E 115 -20.18 -24.91 -56.15
CA GLU E 115 -20.45 -25.92 -55.14
C GLU E 115 -21.64 -25.57 -54.25
N MET E 116 -22.24 -24.40 -54.43
CA MET E 116 -23.15 -23.82 -53.43
C MET E 116 -24.53 -23.51 -54.00
N ARG E 117 -24.83 -23.90 -55.22
CA ARG E 117 -26.13 -23.65 -55.83
C ARG E 117 -27.08 -24.82 -55.55
N ARG E 118 -28.38 -24.56 -55.69
CA ARG E 118 -29.38 -25.57 -55.36
C ARG E 118 -29.11 -26.90 -56.03
N ASP E 119 -28.44 -26.89 -57.19
CA ASP E 119 -28.18 -28.09 -57.97
C ASP E 119 -26.77 -28.64 -57.77
N SER E 120 -25.96 -28.01 -56.91
CA SER E 120 -24.64 -28.55 -56.62
C SER E 120 -24.77 -29.83 -55.79
N GLY E 121 -23.82 -30.75 -56.02
CA GLY E 121 -23.83 -31.99 -55.26
C GLY E 121 -23.47 -31.75 -53.81
N TYR E 122 -22.45 -30.91 -53.57
CA TYR E 122 -22.03 -30.64 -52.20
C TYR E 122 -23.21 -30.21 -51.33
N VAL E 123 -24.09 -29.36 -51.86
CA VAL E 123 -25.22 -28.89 -51.06
C VAL E 123 -26.13 -30.05 -50.69
N ALA E 124 -26.59 -30.80 -51.70
CA ALA E 124 -27.58 -31.83 -51.44
C ALA E 124 -27.01 -32.92 -50.58
N ASP E 125 -25.71 -33.19 -50.73
CA ASP E 125 -25.04 -34.19 -49.90
C ASP E 125 -24.98 -33.73 -48.45
N GLN E 126 -24.59 -32.47 -48.25
CA GLN E 126 -24.45 -31.94 -46.89
C GLN E 126 -25.78 -31.93 -46.17
N LEU E 127 -26.85 -31.54 -46.87
CA LEU E 127 -28.16 -31.44 -46.22
C LEU E 127 -28.71 -32.83 -45.91
N LYS E 128 -28.52 -33.80 -46.81
CA LYS E 128 -29.13 -35.11 -46.59
C LYS E 128 -28.32 -35.95 -45.61
N HIS E 129 -27.01 -36.03 -45.80
CA HIS E 129 -26.22 -36.99 -45.03
C HIS E 129 -25.67 -36.43 -43.72
N VAL E 130 -25.32 -35.15 -43.66
CA VAL E 130 -24.80 -34.61 -42.41
C VAL E 130 -25.94 -34.03 -41.59
N LYS E 131 -26.67 -33.06 -42.18
CA LYS E 131 -27.71 -32.38 -41.44
C LYS E 131 -28.95 -33.24 -41.23
N LYS E 132 -29.06 -34.39 -41.91
CA LYS E 132 -30.16 -35.33 -41.71
C LYS E 132 -31.51 -34.66 -41.97
N MET E 133 -31.54 -33.80 -42.95
CA MET E 133 -32.76 -33.11 -43.34
C MET E 133 -33.63 -34.06 -44.14
N PRO E 134 -34.88 -34.31 -43.73
CA PRO E 134 -35.70 -35.32 -44.43
C PRO E 134 -35.87 -34.99 -45.91
N GLU E 135 -36.04 -36.04 -46.72
N GLU E 135 -36.04 -36.05 -46.71
CA GLU E 135 -36.16 -35.83 -48.16
CA GLU E 135 -36.21 -35.90 -48.15
C GLU E 135 -37.29 -34.87 -48.49
C GLU E 135 -37.29 -34.86 -48.48
N ASP E 136 -38.35 -34.84 -47.67
CA ASP E 136 -39.46 -33.93 -47.93
C ASP E 136 -38.99 -32.48 -47.96
N ILE E 137 -38.14 -32.11 -47.00
CA ILE E 137 -37.69 -30.73 -46.87
C ILE E 137 -36.48 -30.47 -47.77
N ILE E 138 -35.69 -31.51 -48.07
CA ILE E 138 -34.62 -31.36 -49.06
C ILE E 138 -35.21 -30.88 -50.38
N GLU E 139 -36.39 -31.38 -50.73
CA GLU E 139 -37.00 -31.05 -52.02
C GLU E 139 -37.52 -29.61 -52.00
N ASN E 140 -38.26 -29.24 -50.96
CA ASN E 140 -38.68 -27.84 -50.82
C ASN E 140 -37.47 -26.91 -50.74
N MET E 141 -36.38 -27.36 -50.12
CA MET E 141 -35.21 -26.50 -50.02
C MET E 141 -34.61 -26.24 -51.40
N LEU E 142 -34.35 -27.31 -52.17
CA LEU E 142 -33.49 -27.20 -53.33
C LEU E 142 -34.25 -27.24 -54.66
N LYS E 143 -35.58 -27.18 -54.63
CA LYS E 143 -36.31 -27.08 -55.89
C LYS E 143 -35.98 -25.75 -56.57
N GLU E 144 -36.44 -25.60 -57.82
CA GLU E 144 -36.41 -24.30 -58.45
C GLU E 144 -37.46 -23.42 -57.78
N ASP E 145 -37.09 -22.14 -57.57
CA ASP E 145 -37.88 -21.20 -56.77
C ASP E 145 -38.05 -21.67 -55.33
N GLY E 146 -37.23 -22.63 -54.92
CA GLY E 146 -37.28 -23.19 -53.59
C GLY E 146 -36.71 -22.23 -52.55
N VAL E 147 -36.63 -22.74 -51.32
CA VAL E 147 -36.19 -21.90 -50.21
C VAL E 147 -34.81 -21.34 -50.50
N LEU E 148 -33.87 -22.20 -50.92
CA LEU E 148 -32.51 -21.73 -51.12
C LEU E 148 -32.44 -20.72 -52.25
N GLU E 149 -32.94 -21.08 -53.44
CA GLU E 149 -32.82 -20.20 -54.59
C GLU E 149 -33.49 -18.85 -54.35
N SER E 150 -34.67 -18.86 -53.71
CA SER E 150 -35.33 -17.59 -53.37
C SER E 150 -34.46 -16.72 -52.48
N PHE E 151 -33.65 -17.33 -51.61
CA PHE E 151 -32.77 -16.55 -50.75
C PHE E 151 -31.53 -16.08 -51.52
N GLN E 152 -30.79 -17.04 -52.11
CA GLN E 152 -29.55 -16.69 -52.78
C GLN E 152 -29.79 -15.68 -53.89
N ASP E 153 -30.77 -15.94 -54.74
CA ASP E 153 -31.01 -15.10 -55.91
C ASP E 153 -31.84 -13.86 -55.56
N GLY E 154 -33.10 -14.07 -55.16
CA GLY E 154 -33.99 -12.95 -54.96
C GLY E 154 -33.62 -12.07 -53.78
N ASP E 155 -33.27 -12.68 -52.65
CA ASP E 155 -33.05 -11.93 -51.43
C ASP E 155 -31.68 -11.28 -51.37
N PHE E 156 -30.64 -11.99 -51.78
CA PHE E 156 -29.28 -11.54 -51.56
C PHE E 156 -28.51 -11.33 -52.86
N HIS E 157 -29.16 -11.49 -54.01
CA HIS E 157 -28.57 -11.15 -55.31
C HIS E 157 -27.25 -11.86 -55.53
N LEU E 158 -27.13 -13.10 -55.05
CA LEU E 158 -25.87 -13.83 -55.14
C LEU E 158 -25.68 -14.56 -56.47
N TYR E 159 -26.73 -14.67 -57.29
CA TYR E 159 -26.55 -15.12 -58.67
C TYR E 159 -25.95 -14.02 -59.55
N GLU E 160 -25.96 -12.75 -59.10
CA GLU E 160 -25.46 -11.67 -59.91
C GLU E 160 -24.02 -11.89 -60.38
N SER E 161 -23.27 -12.75 -59.70
CA SER E 161 -21.88 -13.01 -60.06
C SER E 161 -21.41 -14.22 -59.27
N ASP E 162 -20.40 -14.91 -59.81
CA ASP E 162 -19.78 -15.99 -59.07
C ASP E 162 -18.98 -15.44 -57.89
N ARG E 163 -18.49 -14.20 -57.97
CA ARG E 163 -17.78 -13.58 -56.86
C ARG E 163 -18.74 -13.13 -55.76
N ALA E 164 -19.97 -12.77 -56.11
CA ALA E 164 -20.96 -12.49 -55.06
C ALA E 164 -21.26 -13.76 -54.26
N MET E 165 -21.45 -14.88 -54.96
CA MET E 165 -21.69 -16.13 -54.26
C MET E 165 -20.51 -16.48 -53.35
N PHE E 166 -19.28 -16.28 -53.82
CA PHE E 166 -18.13 -16.69 -53.02
C PHE E 166 -17.92 -15.76 -51.83
N ASP E 167 -18.14 -14.45 -52.02
CA ASP E 167 -18.01 -13.53 -50.89
C ASP E 167 -19.01 -13.90 -49.80
N TRP E 168 -20.21 -14.35 -50.17
CA TRP E 168 -21.17 -14.77 -49.15
C TRP E 168 -20.65 -15.99 -48.40
N VAL E 169 -20.07 -16.94 -49.13
CA VAL E 169 -19.37 -18.08 -48.53
C VAL E 169 -18.24 -17.59 -47.65
N SER E 170 -17.48 -16.62 -48.15
CA SER E 170 -16.33 -16.11 -47.39
C SER E 170 -16.79 -15.51 -46.08
N LYS E 171 -17.95 -14.85 -46.09
CA LYS E 171 -18.49 -14.33 -44.85
C LYS E 171 -18.60 -15.46 -43.83
N GLN E 172 -19.15 -16.62 -44.25
CA GLN E 172 -19.27 -17.75 -43.33
C GLN E 172 -17.92 -18.08 -42.70
N THR E 173 -16.85 -18.07 -43.50
CA THR E 173 -15.57 -18.52 -42.99
C THR E 173 -15.06 -17.60 -41.90
N TYR E 174 -15.47 -16.32 -41.95
CA TYR E 174 -15.00 -15.33 -40.97
C TYR E 174 -15.59 -15.61 -39.59
N ILE E 175 -16.77 -16.22 -39.54
CA ILE E 175 -17.27 -16.78 -38.30
C ILE E 175 -16.28 -17.81 -37.74
N ALA E 176 -15.82 -18.74 -38.58
CA ALA E 176 -14.90 -19.77 -38.10
C ALA E 176 -13.59 -19.14 -37.64
N LEU E 177 -13.14 -18.13 -38.38
CA LEU E 177 -11.91 -17.43 -38.05
C LEU E 177 -12.01 -16.79 -36.68
N ALA E 178 -13.02 -15.94 -36.47
CA ALA E 178 -13.20 -15.26 -35.19
C ALA E 178 -13.21 -16.26 -34.04
N ASN E 179 -13.92 -17.37 -34.21
CA ASN E 179 -14.06 -18.35 -33.13
C ASN E 179 -12.75 -19.08 -32.86
N MET E 180 -11.99 -19.42 -33.91
CA MET E 180 -10.69 -20.03 -33.64
C MET E 180 -9.83 -19.09 -32.82
N MET E 181 -9.79 -17.81 -33.22
CA MET E 181 -8.98 -16.84 -32.51
C MET E 181 -9.42 -16.70 -31.06
N THR E 182 -10.73 -16.61 -30.86
CA THR E 182 -11.25 -16.44 -29.53
C THR E 182 -10.96 -17.66 -28.67
N ALA E 183 -11.13 -18.86 -29.24
CA ALA E 183 -10.85 -20.09 -28.51
C ALA E 183 -9.40 -20.14 -28.08
N ALA E 184 -8.50 -19.79 -29.01
CA ALA E 184 -7.08 -19.77 -28.68
C ALA E 184 -6.83 -18.86 -27.49
N ALA E 185 -7.35 -17.63 -27.58
CA ALA E 185 -7.08 -16.64 -26.54
C ALA E 185 -7.58 -17.08 -25.18
N LEU E 186 -8.71 -17.79 -25.13
CA LEU E 186 -9.22 -18.23 -23.85
C LEU E 186 -8.28 -19.20 -23.15
N ILE E 187 -7.42 -19.87 -23.89
CA ILE E 187 -6.45 -20.77 -23.27
C ILE E 187 -5.03 -20.21 -23.41
N GLY E 188 -4.92 -18.89 -23.58
CA GLY E 188 -3.64 -18.23 -23.47
C GLY E 188 -2.82 -18.28 -24.73
N ILE E 189 -3.44 -18.44 -25.89
CA ILE E 189 -2.71 -18.66 -27.13
C ILE E 189 -2.99 -17.51 -28.08
N ASP E 190 -1.91 -16.91 -28.58
CA ASP E 190 -2.00 -15.76 -29.48
C ASP E 190 -2.35 -16.19 -30.90
N SER E 191 -2.76 -15.21 -31.68
CA SER E 191 -3.18 -15.47 -33.05
C SER E 191 -2.94 -14.21 -33.86
N CYS E 192 -3.26 -14.30 -35.17
CA CYS E 192 -3.32 -13.10 -35.98
C CYS E 192 -4.12 -13.37 -37.25
N PRO E 193 -5.25 -12.70 -37.45
CA PRO E 193 -5.96 -12.82 -38.73
C PRO E 193 -5.18 -12.12 -39.83
N ILE E 194 -5.37 -12.60 -41.06
CA ILE E 194 -4.52 -12.19 -42.17
C ILE E 194 -5.27 -12.17 -43.48
N GLU E 195 -5.50 -10.98 -44.01
CA GLU E 195 -5.97 -10.79 -45.37
C GLU E 195 -4.89 -10.23 -46.28
N GLY E 196 -3.74 -9.86 -45.72
CA GLY E 196 -2.71 -9.12 -46.44
C GLY E 196 -1.89 -9.98 -47.38
N PHE E 197 -2.52 -10.46 -48.44
CA PHE E 197 -1.87 -11.32 -49.41
C PHE E 197 -2.48 -11.06 -50.77
N ASN E 198 -1.68 -11.20 -51.82
CA ASN E 198 -2.14 -10.94 -53.17
C ASN E 198 -3.01 -12.12 -53.63
N TYR E 199 -4.31 -11.89 -53.77
CA TYR E 199 -5.21 -13.00 -54.01
C TYR E 199 -4.75 -13.83 -55.20
N ASP E 200 -4.53 -13.18 -56.33
CA ASP E 200 -4.21 -13.88 -57.57
C ASP E 200 -3.04 -14.83 -57.36
N LYS E 201 -1.95 -14.32 -56.78
CA LYS E 201 -0.75 -15.13 -56.63
C LYS E 201 -0.98 -16.27 -55.65
N VAL E 202 -1.68 -15.98 -54.56
CA VAL E 202 -1.99 -17.05 -53.63
C VAL E 202 -2.93 -18.05 -54.28
N HIS E 203 -3.94 -17.56 -55.01
CA HIS E 203 -4.82 -18.51 -55.67
C HIS E 203 -4.02 -19.43 -56.58
N ASP E 204 -3.07 -18.87 -57.34
CA ASP E 204 -2.33 -19.66 -58.32
C ASP E 204 -1.42 -20.67 -57.64
N ILE E 205 -0.77 -20.26 -56.53
CA ILE E 205 -0.01 -21.21 -55.72
C ILE E 205 -0.89 -22.38 -55.30
N LEU E 206 -1.97 -22.09 -54.57
CA LEU E 206 -2.78 -23.17 -54.02
C LEU E 206 -3.36 -24.06 -55.10
N GLU E 207 -3.67 -23.49 -56.27
CA GLU E 207 -4.21 -24.31 -57.36
C GLU E 207 -3.21 -25.38 -57.76
N LYS E 208 -1.98 -24.96 -58.05
CA LYS E 208 -0.98 -25.90 -58.54
C LYS E 208 -0.63 -26.92 -57.47
N GLU E 209 -0.59 -26.52 -56.20
CA GLU E 209 -0.32 -27.48 -55.15
C GLU E 209 -1.48 -28.42 -54.90
N GLY E 210 -2.56 -28.33 -55.66
CA GLY E 210 -3.72 -29.19 -55.46
C GLY E 210 -4.59 -28.84 -54.28
N VAL E 211 -4.25 -27.79 -53.53
CA VAL E 211 -5.01 -27.43 -52.33
C VAL E 211 -6.45 -27.07 -52.66
N LEU E 212 -6.70 -26.52 -53.84
CA LEU E 212 -8.05 -26.07 -54.14
C LEU E 212 -8.94 -27.16 -54.70
N GLU E 213 -8.45 -28.40 -54.81
CA GLU E 213 -9.25 -29.60 -55.11
C GLU E 213 -10.14 -29.46 -56.34
N ASP E 214 -9.49 -29.29 -57.48
CA ASP E 214 -10.18 -29.21 -58.76
C ASP E 214 -11.22 -28.10 -58.73
N GLY E 215 -10.81 -26.96 -58.18
CA GLY E 215 -11.64 -25.77 -58.16
C GLY E 215 -12.86 -25.83 -57.27
N ARG E 216 -12.92 -26.82 -56.36
CA ARG E 216 -14.03 -26.86 -55.41
C ARG E 216 -13.87 -25.80 -54.31
N PHE E 217 -12.64 -25.38 -54.05
CA PHE E 217 -12.32 -24.46 -52.97
C PHE E 217 -11.56 -23.27 -53.53
N ASP E 218 -11.71 -22.12 -52.87
CA ASP E 218 -10.85 -20.96 -53.11
C ASP E 218 -10.51 -20.33 -51.76
N ILE E 219 -9.34 -19.67 -51.72
CA ILE E 219 -8.88 -18.99 -50.52
C ILE E 219 -9.83 -17.88 -50.12
N SER E 220 -9.99 -17.69 -48.81
CA SER E 220 -10.84 -16.67 -48.19
C SER E 220 -10.10 -15.79 -47.20
N VAL E 221 -9.26 -16.41 -46.33
CA VAL E 221 -8.51 -15.66 -45.35
C VAL E 221 -7.56 -16.65 -44.68
N MET E 222 -6.50 -16.13 -44.08
CA MET E 222 -5.56 -16.96 -43.36
C MET E 222 -5.49 -16.51 -41.91
N ALA E 223 -4.86 -17.35 -41.10
CA ALA E 223 -4.76 -17.09 -39.67
C ALA E 223 -3.51 -17.77 -39.15
N ALA E 224 -2.73 -17.04 -38.35
CA ALA E 224 -1.59 -17.61 -37.66
C ALA E 224 -1.91 -17.83 -36.19
N PHE E 225 -1.25 -18.83 -35.59
CA PHE E 225 -1.43 -19.12 -34.18
C PHE E 225 -0.05 -19.40 -33.57
N GLY E 226 0.08 -19.13 -32.30
CA GLY E 226 1.38 -19.23 -31.66
C GLY E 226 1.41 -18.44 -30.37
N TYR E 227 2.61 -18.33 -29.84
CA TYR E 227 2.89 -17.65 -28.57
C TYR E 227 3.66 -16.37 -28.85
N ARG E 228 3.18 -15.26 -28.28
CA ARG E 228 3.82 -13.97 -28.47
C ARG E 228 5.26 -14.00 -27.97
N VAL E 229 6.09 -13.09 -28.52
CA VAL E 229 7.42 -12.83 -27.98
C VAL E 229 7.55 -11.40 -27.44
N LYS E 230 6.80 -10.44 -27.96
CA LYS E 230 6.78 -9.08 -27.45
C LYS E 230 5.40 -8.79 -26.91
N GLU E 231 5.31 -8.16 -25.74
CA GLU E 231 4.01 -7.75 -25.21
C GLU E 231 3.44 -6.62 -26.06
N PRO E 232 2.14 -6.68 -26.38
CA PRO E 232 1.56 -5.67 -27.28
C PRO E 232 1.30 -4.33 -26.59
N ARG E 233 1.19 -3.30 -27.43
CA ARG E 233 0.81 -1.98 -26.98
C ARG E 233 -0.68 -1.96 -26.62
N PRO E 234 -1.12 -0.98 -25.84
CA PRO E 234 -2.51 -0.97 -25.39
C PRO E 234 -3.50 -1.02 -26.55
N LYS E 235 -4.57 -1.80 -26.35
CA LYS E 235 -5.58 -1.98 -27.39
C LYS E 235 -6.43 -0.73 -27.55
N THR E 236 -6.82 -0.43 -28.79
CA THR E 236 -7.60 0.75 -29.11
C THR E 236 -8.84 0.39 -29.90
N ARG E 237 -9.99 0.89 -29.44
CA ARG E 237 -11.27 0.69 -30.12
C ARG E 237 -12.13 1.93 -29.99
N ARG E 238 -12.97 2.14 -31.00
CA ARG E 238 -14.06 3.10 -30.87
C ARG E 238 -14.80 2.88 -29.55
N ALA E 239 -15.41 3.94 -29.04
CA ALA E 239 -16.19 3.83 -27.81
C ALA E 239 -17.54 3.18 -28.11
N LEU E 240 -18.10 2.53 -27.09
CA LEU E 240 -19.41 1.89 -27.23
C LEU E 240 -20.46 2.86 -27.75
N ASP E 241 -20.47 4.09 -27.23
CA ASP E 241 -21.47 5.06 -27.65
C ASP E 241 -21.22 5.57 -29.08
N GLN E 242 -20.09 5.19 -29.68
CA GLN E 242 -19.90 5.46 -31.10
C GLN E 242 -20.38 4.34 -31.99
N ILE E 243 -20.33 3.08 -31.51
CA ILE E 243 -20.64 1.96 -32.38
C ILE E 243 -22.03 1.36 -32.14
N VAL E 244 -22.69 1.74 -31.05
CA VAL E 244 -23.99 1.20 -30.70
C VAL E 244 -25.06 2.28 -30.75
N LYS E 245 -26.21 1.95 -31.33
CA LYS E 245 -27.38 2.82 -31.35
C LYS E 245 -28.63 1.99 -31.02
N TRP E 246 -29.48 2.53 -30.17
CA TRP E 246 -30.70 1.88 -29.74
C TRP E 246 -31.91 2.49 -30.43
N VAL E 247 -32.85 1.67 -30.83
CA VAL E 247 -34.13 2.12 -31.37
C VAL E 247 -35.19 1.51 -30.45
N GLU E 248 -35.58 2.26 -29.43
CA GLU E 248 -36.45 1.73 -28.40
C GLU E 248 -37.94 1.90 -28.70
N MET F 22 -5.26 -30.25 -16.91
CA MET F 22 -6.35 -30.96 -16.23
C MET F 22 -7.42 -29.96 -15.77
N THR F 23 -6.99 -28.76 -15.35
CA THR F 23 -7.90 -27.62 -15.26
C THR F 23 -7.85 -26.76 -16.50
N GLU F 24 -6.77 -26.85 -17.29
CA GLU F 24 -6.81 -26.29 -18.64
C GLU F 24 -7.61 -27.19 -19.56
N GLN F 25 -7.59 -28.49 -19.28
CA GLN F 25 -8.40 -29.45 -20.02
C GLN F 25 -9.86 -29.36 -19.61
N SER F 26 -10.13 -28.97 -18.36
CA SER F 26 -11.51 -28.68 -17.98
C SER F 26 -11.96 -27.36 -18.58
N LYS F 27 -11.04 -26.39 -18.66
CA LYS F 27 -11.35 -25.15 -19.35
C LYS F 27 -11.74 -25.43 -20.79
N LYS F 28 -10.93 -26.23 -21.49
CA LYS F 28 -11.24 -26.55 -22.88
C LYS F 28 -12.60 -27.19 -22.98
N GLN F 29 -12.94 -28.04 -22.02
CA GLN F 29 -14.20 -28.76 -22.12
C GLN F 29 -15.37 -27.83 -21.84
N GLU F 30 -15.21 -26.90 -20.90
CA GLU F 30 -16.28 -25.93 -20.66
C GLU F 30 -16.53 -25.10 -21.92
N ILE F 31 -15.44 -24.65 -22.56
CA ILE F 31 -15.58 -23.83 -23.77
C ILE F 31 -16.31 -24.60 -24.87
N LEU F 32 -15.93 -25.85 -25.11
CA LEU F 32 -16.61 -26.57 -26.18
C LEU F 32 -18.07 -26.81 -25.82
N ASP F 33 -18.36 -27.07 -24.55
CA ASP F 33 -19.75 -27.16 -24.12
C ASP F 33 -20.51 -25.94 -24.57
N ALA F 34 -19.90 -24.76 -24.45
CA ALA F 34 -20.56 -23.55 -24.91
C ALA F 34 -20.79 -23.59 -26.42
N PHE F 35 -19.78 -24.01 -27.19
CA PHE F 35 -19.99 -24.10 -28.64
C PHE F 35 -21.03 -25.15 -29.00
N GLN F 36 -21.20 -26.18 -28.17
CA GLN F 36 -22.32 -27.09 -28.36
C GLN F 36 -23.64 -26.46 -27.92
N PHE F 37 -23.61 -25.64 -26.86
CA PHE F 37 -24.82 -25.00 -26.35
C PHE F 37 -25.40 -24.03 -27.37
N ARG F 38 -24.55 -23.21 -27.97
CA ARG F 38 -25.02 -22.29 -28.98
C ARG F 38 -25.66 -23.08 -30.12
N HIS F 39 -26.89 -22.70 -30.46
CA HIS F 39 -27.59 -23.24 -31.60
C HIS F 39 -28.41 -22.10 -32.21
N ALA F 40 -28.74 -22.26 -33.49
CA ALA F 40 -29.52 -21.27 -34.22
C ALA F 40 -30.95 -21.29 -33.68
N THR F 41 -31.16 -20.57 -32.59
CA THR F 41 -32.46 -20.60 -31.91
C THR F 41 -33.54 -19.94 -32.75
N LYS F 42 -34.64 -20.67 -33.00
CA LYS F 42 -35.67 -20.19 -33.91
C LYS F 42 -36.73 -19.39 -33.19
N GLU F 43 -36.81 -19.53 -31.87
CA GLU F 43 -37.83 -18.90 -31.03
C GLU F 43 -37.28 -18.81 -29.61
N PHE F 44 -37.47 -17.66 -28.98
CA PHE F 44 -37.02 -17.42 -27.62
C PHE F 44 -38.21 -17.40 -26.68
N ASP F 45 -37.93 -17.55 -25.40
CA ASP F 45 -38.92 -17.32 -24.35
C ASP F 45 -39.10 -15.82 -24.16
N PRO F 46 -40.19 -15.22 -24.66
CA PRO F 46 -40.35 -13.77 -24.55
C PRO F 46 -40.55 -13.26 -23.13
N ASP F 47 -40.65 -14.12 -22.13
CA ASP F 47 -40.83 -13.70 -20.75
C ASP F 47 -39.53 -13.69 -19.99
N ARG F 48 -38.41 -13.88 -20.66
CA ARG F 48 -37.12 -13.90 -19.99
C ARG F 48 -36.24 -12.89 -20.73
N LYS F 49 -35.89 -11.82 -20.05
CA LYS F 49 -35.05 -10.79 -20.64
C LYS F 49 -33.60 -10.94 -20.21
N ILE F 50 -32.69 -10.64 -21.14
CA ILE F 50 -31.28 -10.61 -20.83
C ILE F 50 -31.00 -9.40 -19.96
N SER F 51 -30.30 -9.59 -18.86
CA SER F 51 -29.97 -8.47 -17.99
C SER F 51 -29.22 -7.39 -18.75
N ASP F 52 -29.32 -6.14 -18.28
CA ASP F 52 -28.63 -5.08 -19.01
C ASP F 52 -27.11 -5.29 -18.93
N GLU F 53 -26.63 -5.68 -17.75
CA GLU F 53 -25.21 -5.99 -17.61
C GLU F 53 -24.79 -7.08 -18.59
N ASP F 54 -25.59 -8.15 -18.72
CA ASP F 54 -25.20 -9.25 -19.59
C ASP F 54 -25.21 -8.82 -21.06
N PHE F 55 -26.09 -7.91 -21.44
CA PHE F 55 -26.12 -7.53 -22.85
C PHE F 55 -24.98 -6.60 -23.17
N GLN F 56 -24.65 -5.69 -22.25
CA GLN F 56 -23.48 -4.84 -22.44
C GLN F 56 -22.22 -5.69 -22.60
N PHE F 57 -22.13 -6.77 -21.82
CA PHE F 57 -21.05 -7.73 -22.02
C PHE F 57 -21.06 -8.26 -23.45
N ILE F 58 -22.23 -8.70 -23.93
CA ILE F 58 -22.32 -9.17 -25.31
C ILE F 58 -21.84 -8.10 -26.27
N LEU F 59 -22.28 -6.86 -26.09
CA LEU F 59 -21.92 -5.81 -27.03
C LEU F 59 -20.41 -5.54 -26.97
N GLU F 60 -19.83 -5.64 -25.78
CA GLU F 60 -18.40 -5.45 -25.63
C GLU F 60 -17.62 -6.51 -26.41
N ALA F 61 -18.15 -7.73 -26.47
CA ALA F 61 -17.51 -8.76 -27.29
C ALA F 61 -17.45 -8.30 -28.73
N GLY F 62 -18.55 -7.71 -29.22
CA GLY F 62 -18.53 -7.15 -30.56
C GLY F 62 -17.51 -6.04 -30.69
N ARG F 63 -17.44 -5.19 -29.67
CA ARG F 63 -16.60 -4.00 -29.74
C ARG F 63 -15.13 -4.37 -29.79
N LEU F 64 -14.73 -5.38 -29.01
CA LEU F 64 -13.33 -5.76 -28.94
C LEU F 64 -12.90 -6.65 -30.11
N SER F 65 -13.81 -6.95 -31.05
CA SER F 65 -13.46 -7.84 -32.16
C SER F 65 -12.42 -7.19 -33.06
N PRO F 66 -11.53 -7.98 -33.66
CA PRO F 66 -10.58 -7.41 -34.63
C PRO F 66 -11.27 -7.06 -35.94
N SER F 67 -10.55 -6.33 -36.79
CA SER F 67 -11.07 -5.92 -38.08
C SER F 67 -9.89 -5.59 -38.98
N SER F 68 -10.07 -5.82 -40.28
CA SER F 68 -9.01 -5.48 -41.23
C SER F 68 -8.61 -4.01 -41.08
N VAL F 69 -7.31 -3.78 -40.91
CA VAL F 69 -6.71 -2.46 -40.75
C VAL F 69 -7.25 -1.75 -39.52
N GLY F 70 -7.87 -2.50 -38.60
CA GLY F 70 -8.44 -1.95 -37.38
C GLY F 70 -9.42 -0.80 -37.62
N LEU F 71 -10.15 -0.86 -38.75
CA LEU F 71 -11.07 0.21 -39.14
C LEU F 71 -12.44 0.11 -38.50
N GLU F 72 -12.77 -0.98 -37.81
CA GLU F 72 -14.01 -1.15 -37.07
C GLU F 72 -15.19 -0.64 -37.92
N PRO F 73 -15.36 -1.13 -39.14
CA PRO F 73 -16.32 -0.57 -40.09
C PRO F 73 -17.77 -1.01 -39.85
N TRP F 74 -18.22 -0.89 -38.60
CA TRP F 74 -19.51 -1.45 -38.25
C TRP F 74 -20.29 -0.56 -37.28
N GLN F 75 -21.60 -0.81 -37.21
CA GLN F 75 -22.46 -0.28 -36.16
C GLN F 75 -23.42 -1.37 -35.72
N PHE F 76 -23.68 -1.45 -34.41
CA PHE F 76 -24.64 -2.40 -33.87
C PHE F 76 -25.87 -1.62 -33.41
N VAL F 77 -26.97 -1.80 -34.11
CA VAL F 77 -28.23 -1.12 -33.81
C VAL F 77 -29.13 -2.08 -33.04
N VAL F 78 -29.37 -1.80 -31.77
CA VAL F 78 -30.25 -2.64 -30.96
C VAL F 78 -31.68 -2.17 -31.19
N VAL F 79 -32.43 -2.97 -31.93
CA VAL F 79 -33.81 -2.66 -32.29
C VAL F 79 -34.73 -3.34 -31.27
N GLN F 80 -35.24 -2.58 -30.32
CA GLN F 80 -36.23 -3.06 -29.37
C GLN F 80 -37.64 -2.60 -29.66
N ASN F 81 -37.80 -1.44 -30.31
CA ASN F 81 -39.10 -0.96 -30.74
C ASN F 81 -39.94 -2.04 -31.40
N LYS F 82 -41.11 -2.32 -30.83
CA LYS F 82 -41.94 -3.39 -31.38
C LYS F 82 -42.36 -3.09 -32.82
N GLU F 83 -42.65 -1.82 -33.12
CA GLU F 83 -43.12 -1.48 -34.46
C GLU F 83 -42.06 -1.74 -35.52
N LEU F 84 -40.83 -1.27 -35.29
CA LEU F 84 -39.80 -1.46 -36.31
C LEU F 84 -39.49 -2.94 -36.47
N ARG F 85 -39.48 -3.70 -35.37
CA ARG F 85 -39.26 -5.13 -35.45
C ARG F 85 -40.30 -5.78 -36.34
N GLU F 86 -41.55 -5.29 -36.27
CA GLU F 86 -42.62 -5.91 -37.04
C GLU F 86 -42.51 -5.54 -38.52
N LYS F 87 -42.11 -4.30 -38.80
CA LYS F 87 -41.80 -3.96 -40.19
C LYS F 87 -40.79 -4.95 -40.75
N LEU F 88 -39.76 -5.25 -39.96
CA LEU F 88 -38.72 -6.16 -40.41
C LEU F 88 -39.26 -7.58 -40.56
N ARG F 89 -40.10 -8.03 -39.61
CA ARG F 89 -40.64 -9.38 -39.70
C ARG F 89 -41.33 -9.60 -41.04
N GLN F 90 -42.01 -8.56 -41.53
CA GLN F 90 -42.78 -8.73 -42.75
C GLN F 90 -41.91 -8.94 -43.98
N VAL F 91 -40.61 -8.70 -43.89
CA VAL F 91 -39.75 -8.82 -45.06
C VAL F 91 -38.55 -9.72 -44.78
N SER F 92 -38.59 -10.43 -43.63
CA SER F 92 -37.46 -11.23 -43.13
C SER F 92 -37.98 -12.64 -42.88
N TRP F 93 -38.06 -13.43 -43.95
CA TRP F 93 -38.66 -14.75 -43.79
C TRP F 93 -37.85 -15.65 -42.88
N GLY F 94 -36.55 -15.36 -42.71
CA GLY F 94 -35.76 -16.08 -41.76
C GLY F 94 -35.93 -15.68 -40.31
N ALA F 95 -36.81 -14.74 -40.00
CA ALA F 95 -36.87 -14.20 -38.65
C ALA F 95 -38.27 -14.25 -38.04
N GLN F 96 -39.17 -15.04 -38.61
CA GLN F 96 -40.54 -15.04 -38.10
C GLN F 96 -40.61 -15.38 -36.61
N GLY F 97 -39.78 -16.34 -36.15
CA GLY F 97 -39.87 -16.73 -34.76
C GLY F 97 -39.08 -15.82 -33.84
N GLN F 98 -37.98 -15.26 -34.33
CA GLN F 98 -37.03 -14.57 -33.46
C GLN F 98 -37.42 -13.12 -33.21
N LEU F 99 -37.77 -12.39 -34.26
CA LEU F 99 -38.10 -10.97 -34.12
C LEU F 99 -39.14 -10.71 -33.04
N PRO F 100 -40.25 -11.45 -32.96
CA PRO F 100 -41.23 -11.17 -31.90
C PRO F 100 -40.85 -11.68 -30.51
N THR F 101 -39.93 -12.63 -30.40
CA THR F 101 -39.61 -13.21 -29.11
C THR F 101 -38.28 -12.77 -28.52
N ALA F 102 -37.38 -12.26 -29.32
CA ALA F 102 -36.00 -12.06 -28.87
C ALA F 102 -35.93 -11.04 -27.75
N SER F 103 -35.09 -11.33 -26.74
CA SER F 103 -34.86 -10.31 -25.72
C SER F 103 -34.26 -9.04 -26.33
N HIS F 104 -33.21 -9.19 -27.13
CA HIS F 104 -32.60 -8.09 -27.86
C HIS F 104 -32.39 -8.51 -29.31
N PHE F 105 -32.65 -7.59 -30.22
CA PHE F 105 -32.41 -7.82 -31.63
C PHE F 105 -31.42 -6.78 -32.13
N VAL F 106 -30.39 -7.25 -32.84
CA VAL F 106 -29.30 -6.40 -33.26
C VAL F 106 -29.19 -6.41 -34.76
N LEU F 107 -29.18 -5.22 -35.35
CA LEU F 107 -28.80 -5.06 -36.74
C LEU F 107 -27.31 -4.73 -36.78
N LEU F 108 -26.55 -5.54 -37.50
CA LEU F 108 -25.13 -5.28 -37.72
C LEU F 108 -25.01 -4.54 -39.04
N LEU F 109 -24.61 -3.27 -38.98
CA LEU F 109 -24.44 -2.44 -40.15
C LEU F 109 -22.97 -2.36 -40.54
N GLY F 110 -22.71 -2.34 -41.82
CA GLY F 110 -21.37 -2.11 -42.35
C GLY F 110 -21.29 -0.70 -42.90
N ARG F 111 -20.15 -0.06 -42.68
CA ARG F 111 -19.80 1.13 -43.44
C ARG F 111 -19.94 0.83 -44.93
N THR F 112 -20.37 1.86 -45.66
CA THR F 112 -20.56 1.80 -47.10
C THR F 112 -19.23 2.06 -47.82
N ALA F 113 -19.20 1.68 -49.11
CA ALA F 113 -17.97 1.80 -49.90
C ALA F 113 -17.36 3.20 -49.80
N LYS F 114 -18.18 4.23 -49.99
CA LYS F 114 -17.68 5.61 -49.95
C LYS F 114 -16.97 5.95 -48.65
N GLU F 115 -17.16 5.16 -47.59
CA GLU F 115 -16.56 5.46 -46.29
C GLU F 115 -15.25 4.73 -46.07
N MET F 116 -14.81 3.90 -47.01
CA MET F 116 -13.68 3.01 -46.76
C MET F 116 -12.51 3.16 -47.75
N ARG F 117 -12.55 4.13 -48.66
CA ARG F 117 -11.45 4.33 -49.60
C ARG F 117 -10.38 5.23 -48.96
N ARG F 118 -9.19 5.27 -49.58
CA ARG F 118 -8.05 5.91 -48.95
C ARG F 118 -8.27 7.40 -48.69
N ASP F 119 -9.24 8.02 -49.36
CA ASP F 119 -9.56 9.42 -49.18
C ASP F 119 -10.86 9.64 -48.43
N SER F 120 -11.34 8.61 -47.72
CA SER F 120 -12.58 8.72 -46.98
C SER F 120 -12.27 9.27 -45.59
N GLY F 121 -13.14 10.16 -45.11
CA GLY F 121 -12.89 10.81 -43.83
C GLY F 121 -12.97 9.86 -42.65
N TYR F 122 -13.96 8.96 -42.65
CA TYR F 122 -14.04 7.97 -41.58
C TYR F 122 -12.70 7.26 -41.39
N VAL F 123 -12.07 6.84 -42.48
CA VAL F 123 -10.79 6.16 -42.36
C VAL F 123 -9.77 7.03 -41.63
N ALA F 124 -9.71 8.31 -42.00
CA ALA F 124 -8.68 9.20 -41.45
C ALA F 124 -8.92 9.46 -39.98
N ASP F 125 -10.17 9.70 -39.59
N ASP F 125 -10.18 9.75 -39.61
CA ASP F 125 -10.43 9.94 -38.18
CA ASP F 125 -10.51 9.90 -38.20
C ASP F 125 -10.22 8.66 -37.37
C ASP F 125 -10.13 8.64 -37.44
N GLN F 126 -10.57 7.49 -37.95
CA GLN F 126 -10.42 6.23 -37.22
C GLN F 126 -8.95 5.96 -36.91
N LEU F 127 -8.10 6.10 -37.92
CA LEU F 127 -6.68 5.80 -37.69
C LEU F 127 -6.02 6.83 -36.80
N LYS F 128 -6.31 8.12 -37.00
CA LYS F 128 -5.62 9.15 -36.25
C LYS F 128 -6.13 9.22 -34.80
N HIS F 129 -7.45 9.26 -34.61
CA HIS F 129 -7.97 9.61 -33.29
C HIS F 129 -8.29 8.41 -32.42
N VAL F 130 -8.59 7.26 -33.01
CA VAL F 130 -8.86 6.05 -32.22
C VAL F 130 -7.59 5.21 -32.15
N LYS F 131 -7.06 4.83 -33.32
CA LYS F 131 -5.87 4.01 -33.41
C LYS F 131 -4.60 4.75 -33.04
N LYS F 132 -4.65 6.08 -32.93
CA LYS F 132 -3.48 6.89 -32.57
C LYS F 132 -2.29 6.53 -33.44
N MET F 133 -2.54 6.34 -34.72
CA MET F 133 -1.45 6.09 -35.65
C MET F 133 -0.67 7.38 -35.88
N PRO F 134 0.67 7.35 -35.78
CA PRO F 134 1.44 8.56 -36.05
C PRO F 134 1.38 8.98 -37.51
N GLU F 135 1.34 10.29 -37.74
CA GLU F 135 1.07 10.81 -39.08
C GLU F 135 2.08 10.31 -40.10
N ASP F 136 3.33 10.04 -39.68
CA ASP F 136 4.28 9.42 -40.61
C ASP F 136 3.71 8.15 -41.21
N ILE F 137 3.17 7.26 -40.38
CA ILE F 137 2.64 5.99 -40.87
C ILE F 137 1.26 6.17 -41.49
N ILE F 138 0.49 7.16 -41.06
CA ILE F 138 -0.79 7.39 -41.71
C ILE F 138 -0.58 7.74 -43.18
N GLU F 139 0.50 8.48 -43.48
CA GLU F 139 0.73 8.93 -44.85
C GLU F 139 1.13 7.78 -45.75
N ASN F 140 2.02 6.90 -45.28
CA ASN F 140 2.29 5.67 -46.00
C ASN F 140 1.00 4.88 -46.21
N MET F 141 0.13 4.86 -45.20
CA MET F 141 -1.10 4.08 -45.30
C MET F 141 -2.04 4.65 -46.36
N LEU F 142 -2.22 5.97 -46.41
CA LEU F 142 -3.34 6.52 -47.17
C LEU F 142 -2.96 7.28 -48.43
N LYS F 143 -1.67 7.61 -48.62
CA LYS F 143 -1.24 8.23 -49.87
C LYS F 143 -1.71 7.44 -51.08
N GLU F 144 -1.76 8.07 -52.25
N GLU F 144 -1.76 8.07 -52.24
CA GLU F 144 -2.07 7.33 -53.46
CA GLU F 144 -2.06 7.34 -53.47
C GLU F 144 -1.12 6.15 -53.60
C GLU F 144 -1.11 6.15 -53.61
N ASP F 145 -1.69 4.99 -53.97
CA ASP F 145 -0.92 3.74 -54.09
C ASP F 145 -0.19 3.40 -52.79
N GLY F 146 -0.75 3.82 -51.66
CA GLY F 146 -0.19 3.52 -50.36
C GLY F 146 -0.51 2.09 -49.92
N VAL F 147 -0.29 1.83 -48.64
CA VAL F 147 -0.57 0.50 -48.11
C VAL F 147 -2.02 0.12 -48.35
N LEU F 148 -2.95 1.04 -48.05
CA LEU F 148 -4.36 0.69 -48.12
C LEU F 148 -4.81 0.52 -49.56
N GLU F 149 -4.47 1.46 -50.44
CA GLU F 149 -4.85 1.32 -51.84
C GLU F 149 -4.21 0.06 -52.42
N SER F 150 -2.91 -0.13 -52.16
CA SER F 150 -2.22 -1.34 -52.64
C SER F 150 -2.95 -2.60 -52.21
N PHE F 151 -3.57 -2.59 -51.03
CA PHE F 151 -4.29 -3.75 -50.57
C PHE F 151 -5.67 -3.86 -51.20
N GLN F 152 -6.48 -2.81 -51.05
CA GLN F 152 -7.87 -2.87 -51.48
C GLN F 152 -7.96 -3.13 -52.97
N ASP F 153 -6.97 -2.65 -53.73
CA ASP F 153 -7.07 -2.60 -55.18
C ASP F 153 -6.26 -3.71 -55.82
N GLY F 154 -4.96 -3.74 -55.54
CA GLY F 154 -4.11 -4.75 -56.17
C GLY F 154 -4.37 -6.13 -55.65
N ASP F 155 -4.46 -6.27 -54.32
CA ASP F 155 -4.49 -7.60 -53.73
C ASP F 155 -5.89 -8.20 -53.70
N PHE F 156 -6.90 -7.42 -53.33
CA PHE F 156 -8.23 -7.96 -53.08
C PHE F 156 -9.28 -7.50 -54.08
N HIS F 157 -8.92 -6.62 -55.03
CA HIS F 157 -9.82 -6.22 -56.11
C HIS F 157 -11.13 -5.61 -55.59
N LEU F 158 -11.01 -4.70 -54.61
CA LEU F 158 -12.20 -4.11 -54.00
C LEU F 158 -12.66 -2.85 -54.72
N TYR F 159 -11.85 -2.31 -55.64
CA TYR F 159 -12.30 -1.21 -56.49
C TYR F 159 -13.13 -1.71 -57.66
N GLU F 160 -13.20 -3.02 -57.85
CA GLU F 160 -13.99 -3.59 -58.94
C GLU F 160 -15.44 -3.11 -58.92
N SER F 161 -15.97 -2.76 -57.74
CA SER F 161 -17.34 -2.26 -57.62
C SER F 161 -17.61 -1.88 -56.17
N ASP F 162 -18.75 -1.20 -55.96
CA ASP F 162 -19.14 -0.82 -54.61
C ASP F 162 -19.48 -2.06 -53.79
N ARG F 163 -20.12 -3.06 -54.41
CA ARG F 163 -20.52 -4.25 -53.65
C ARG F 163 -19.31 -5.02 -53.14
N ALA F 164 -18.40 -5.38 -54.04
CA ALA F 164 -17.15 -6.01 -53.62
C ALA F 164 -16.56 -5.35 -52.37
N MET F 165 -16.49 -4.01 -52.35
CA MET F 165 -15.89 -3.31 -51.21
C MET F 165 -16.76 -3.45 -49.96
N PHE F 166 -18.10 -3.41 -50.12
CA PHE F 166 -18.98 -3.55 -48.96
C PHE F 166 -18.93 -4.97 -48.42
N ASP F 167 -18.93 -5.96 -49.30
CA ASP F 167 -18.80 -7.35 -48.88
C ASP F 167 -17.55 -7.54 -48.03
N TRP F 168 -16.47 -6.86 -48.39
CA TRP F 168 -15.27 -6.93 -47.57
C TRP F 168 -15.56 -6.39 -46.17
N VAL F 169 -16.32 -5.29 -46.10
CA VAL F 169 -16.71 -4.72 -44.81
C VAL F 169 -17.63 -5.69 -44.08
N SER F 170 -18.59 -6.24 -44.81
CA SER F 170 -19.54 -7.21 -44.25
C SER F 170 -18.79 -8.35 -43.59
N LYS F 171 -17.82 -8.94 -44.31
CA LYS F 171 -17.03 -10.01 -43.72
C LYS F 171 -16.52 -9.62 -42.35
N GLN F 172 -16.07 -8.37 -42.20
CA GLN F 172 -15.61 -7.91 -40.89
C GLN F 172 -16.75 -7.97 -39.87
N THR F 173 -17.96 -7.58 -40.28
CA THR F 173 -19.06 -7.56 -39.31
C THR F 173 -19.35 -8.97 -38.82
N TYR F 174 -19.00 -10.00 -39.61
CA TYR F 174 -19.32 -11.37 -39.23
C TYR F 174 -18.38 -11.87 -38.12
N ILE F 175 -17.17 -11.31 -38.06
CA ILE F 175 -16.30 -11.50 -36.89
C ILE F 175 -16.98 -11.00 -35.63
N ALA F 176 -17.46 -9.74 -35.64
CA ALA F 176 -18.17 -9.22 -34.47
C ALA F 176 -19.39 -10.09 -34.17
N LEU F 177 -20.07 -10.58 -35.21
CA LEU F 177 -21.23 -11.46 -35.03
C LEU F 177 -20.83 -12.76 -34.33
N ALA F 178 -19.75 -13.39 -34.79
CA ALA F 178 -19.34 -14.64 -34.15
C ALA F 178 -19.01 -14.38 -32.69
N ASN F 179 -18.33 -13.25 -32.41
CA ASN F 179 -17.85 -13.06 -31.05
C ASN F 179 -19.02 -12.80 -30.12
N MET F 180 -20.02 -12.07 -30.60
CA MET F 180 -21.14 -11.78 -29.72
C MET F 180 -21.94 -13.03 -29.41
N MET F 181 -22.15 -13.90 -30.40
CA MET F 181 -22.91 -15.13 -30.16
C MET F 181 -22.14 -16.06 -29.23
N THR F 182 -20.84 -16.15 -29.44
CA THR F 182 -19.99 -16.96 -28.59
C THR F 182 -19.90 -16.39 -27.18
N ALA F 183 -19.75 -15.07 -27.05
CA ALA F 183 -19.71 -14.50 -25.71
C ALA F 183 -21.01 -14.82 -24.99
N ALA F 184 -22.13 -14.69 -25.69
CA ALA F 184 -23.41 -14.97 -25.10
C ALA F 184 -23.50 -16.43 -24.66
N ALA F 185 -23.04 -17.37 -25.50
CA ALA F 185 -23.21 -18.78 -25.17
C ALA F 185 -22.39 -19.16 -23.96
N LEU F 186 -21.18 -18.61 -23.83
CA LEU F 186 -20.32 -18.92 -22.70
C LEU F 186 -20.95 -18.55 -21.35
N ILE F 187 -21.96 -17.68 -21.35
CA ILE F 187 -22.70 -17.38 -20.15
C ILE F 187 -24.14 -17.90 -20.25
N GLY F 188 -24.37 -18.86 -21.13
CA GLY F 188 -25.66 -19.49 -21.19
C GLY F 188 -26.77 -18.70 -21.84
N ILE F 189 -26.43 -17.73 -22.69
CA ILE F 189 -27.44 -17.01 -23.47
C ILE F 189 -27.46 -17.53 -24.90
N ASP F 190 -28.67 -17.75 -25.42
CA ASP F 190 -28.88 -18.23 -26.78
C ASP F 190 -28.90 -17.07 -27.76
N SER F 191 -28.74 -17.39 -29.03
CA SER F 191 -28.71 -16.39 -30.08
C SER F 191 -29.17 -17.05 -31.36
N CYS F 192 -29.42 -16.20 -32.38
CA CYS F 192 -29.59 -16.73 -33.73
C CYS F 192 -29.11 -15.71 -34.74
N PRO F 193 -28.11 -16.02 -35.56
CA PRO F 193 -27.75 -15.12 -36.65
C PRO F 193 -28.75 -15.28 -37.78
N ILE F 194 -29.00 -14.18 -38.49
CA ILE F 194 -30.11 -14.10 -39.43
C ILE F 194 -29.65 -13.40 -40.70
N GLU F 195 -29.61 -14.15 -41.80
CA GLU F 195 -29.49 -13.63 -43.16
C GLU F 195 -30.80 -13.65 -43.92
N GLY F 196 -31.82 -14.32 -43.39
CA GLY F 196 -33.06 -14.52 -44.13
C GLY F 196 -33.95 -13.30 -44.20
N PHE F 197 -33.49 -12.28 -44.92
CA PHE F 197 -34.27 -11.06 -45.14
C PHE F 197 -34.04 -10.52 -46.54
N ASN F 198 -35.06 -9.84 -47.07
CA ASN F 198 -34.96 -9.23 -48.39
C ASN F 198 -34.09 -7.99 -48.29
N TYR F 199 -32.90 -8.04 -48.90
CA TYR F 199 -31.97 -6.94 -48.75
C TYR F 199 -32.60 -5.63 -49.19
N ASP F 200 -33.21 -5.62 -50.38
CA ASP F 200 -33.75 -4.38 -50.93
C ASP F 200 -34.79 -3.78 -49.99
N LYS F 201 -35.75 -4.59 -49.56
CA LYS F 201 -36.82 -4.10 -48.70
C LYS F 201 -36.29 -3.65 -47.35
N VAL F 202 -35.44 -4.46 -46.73
CA VAL F 202 -34.84 -4.08 -45.44
C VAL F 202 -34.07 -2.78 -45.59
N HIS F 203 -33.36 -2.60 -46.71
CA HIS F 203 -32.60 -1.36 -46.93
C HIS F 203 -33.54 -0.17 -46.90
N ASP F 204 -34.58 -0.19 -47.74
CA ASP F 204 -35.52 0.92 -47.79
C ASP F 204 -36.07 1.22 -46.41
N ILE F 205 -36.41 0.16 -45.65
CA ILE F 205 -37.00 0.40 -44.34
C ILE F 205 -36.03 1.18 -43.47
N LEU F 206 -34.76 0.78 -43.48
CA LEU F 206 -33.76 1.40 -42.61
C LEU F 206 -33.31 2.76 -43.13
N GLU F 207 -33.32 2.94 -44.45
CA GLU F 207 -33.07 4.27 -45.00
C GLU F 207 -34.15 5.24 -44.57
N LYS F 208 -35.42 4.86 -44.74
CA LYS F 208 -36.53 5.75 -44.38
C LYS F 208 -36.46 6.16 -42.91
N GLU F 209 -36.16 5.21 -42.03
CA GLU F 209 -36.08 5.49 -40.61
C GLU F 209 -34.82 6.28 -40.26
N GLY F 210 -33.93 6.47 -41.23
CA GLY F 210 -32.69 7.17 -40.96
C GLY F 210 -31.63 6.37 -40.24
N VAL F 211 -31.74 5.05 -40.21
CA VAL F 211 -30.78 4.26 -39.45
C VAL F 211 -29.44 4.18 -40.18
N LEU F 212 -29.47 4.21 -41.52
CA LEU F 212 -28.28 4.14 -42.36
C LEU F 212 -27.50 5.45 -42.45
N GLU F 213 -27.98 6.51 -41.78
CA GLU F 213 -27.28 7.78 -41.59
C GLU F 213 -26.67 8.34 -42.85
N ASP F 214 -27.50 8.92 -43.71
CA ASP F 214 -27.06 9.57 -44.94
C ASP F 214 -26.15 8.63 -45.72
N GLY F 215 -26.49 7.35 -45.72
CA GLY F 215 -25.71 6.38 -46.47
C GLY F 215 -24.28 6.20 -46.02
N ARG F 216 -24.00 6.46 -44.74
CA ARG F 216 -22.72 6.05 -44.19
C ARG F 216 -22.70 4.56 -43.86
N PHE F 217 -23.86 3.90 -43.90
CA PHE F 217 -24.04 2.54 -43.43
C PHE F 217 -25.00 1.80 -44.34
N ASP F 218 -24.90 0.46 -44.31
CA ASP F 218 -25.89 -0.41 -44.92
C ASP F 218 -26.01 -1.67 -44.07
N ILE F 219 -27.07 -2.44 -44.34
CA ILE F 219 -27.36 -3.65 -43.56
C ILE F 219 -26.43 -4.76 -44.00
N SER F 220 -25.73 -5.36 -43.02
CA SER F 220 -24.87 -6.51 -43.28
C SER F 220 -25.54 -7.81 -42.85
N VAL F 221 -25.89 -7.91 -41.57
CA VAL F 221 -26.49 -9.14 -41.04
C VAL F 221 -27.15 -8.78 -39.73
N MET F 222 -28.00 -9.68 -39.26
CA MET F 222 -28.86 -9.49 -38.11
C MET F 222 -28.59 -10.59 -37.09
N ALA F 223 -28.77 -10.26 -35.82
CA ALA F 223 -28.56 -11.24 -34.76
C ALA F 223 -29.57 -11.07 -33.62
N ALA F 224 -30.20 -12.17 -33.24
CA ALA F 224 -31.16 -12.22 -32.15
C ALA F 224 -30.55 -12.88 -30.92
N PHE F 225 -30.96 -12.43 -29.75
CA PHE F 225 -30.42 -12.94 -28.51
C PHE F 225 -31.56 -13.07 -27.51
N GLY F 226 -31.52 -14.16 -26.75
CA GLY F 226 -32.48 -14.39 -25.69
C GLY F 226 -32.25 -15.77 -25.10
N TYR F 227 -33.30 -16.32 -24.52
CA TYR F 227 -33.25 -17.65 -23.92
C TYR F 227 -34.19 -18.56 -24.71
N ARG F 228 -33.70 -19.74 -25.07
CA ARG F 228 -34.51 -20.67 -25.84
C ARG F 228 -35.84 -20.97 -25.15
N VAL F 229 -36.87 -21.22 -25.97
CA VAL F 229 -38.14 -21.70 -25.45
C VAL F 229 -38.30 -23.22 -25.55
N LYS F 230 -37.47 -23.90 -26.33
CA LYS F 230 -37.54 -25.36 -26.42
C LYS F 230 -36.13 -25.93 -26.52
N GLU F 231 -35.95 -27.15 -26.07
CA GLU F 231 -34.64 -27.77 -26.24
C GLU F 231 -34.43 -28.12 -27.71
N PRO F 232 -33.22 -27.93 -28.23
CA PRO F 232 -32.97 -28.15 -29.66
C PRO F 232 -32.56 -29.57 -29.99
N ARG F 233 -32.69 -29.90 -31.28
CA ARG F 233 -32.20 -31.16 -31.79
C ARG F 233 -30.67 -31.16 -31.73
N PRO F 234 -30.04 -32.34 -31.73
CA PRO F 234 -28.59 -32.39 -31.60
C PRO F 234 -27.89 -31.65 -32.73
N LYS F 235 -26.71 -31.13 -32.43
CA LYS F 235 -25.94 -30.38 -33.42
C LYS F 235 -25.31 -31.35 -34.42
N THR F 236 -25.35 -30.97 -35.71
CA THR F 236 -24.75 -31.76 -36.77
C THR F 236 -23.68 -30.94 -37.47
N ARG F 237 -22.49 -31.51 -37.61
CA ARG F 237 -21.40 -30.92 -38.37
C ARG F 237 -20.68 -32.02 -39.13
N ARG F 238 -20.08 -31.63 -40.25
CA ARG F 238 -19.05 -32.46 -40.86
C ARG F 238 -17.95 -32.74 -39.82
N ALA F 239 -17.34 -33.91 -39.95
CA ALA F 239 -16.30 -34.37 -39.04
C ALA F 239 -15.03 -33.55 -39.17
N LEU F 240 -14.27 -33.47 -38.07
CA LEU F 240 -13.05 -32.67 -38.08
C LEU F 240 -12.06 -33.18 -39.12
N ASP F 241 -11.97 -34.51 -39.31
CA ASP F 241 -11.00 -35.04 -40.27
C ASP F 241 -11.52 -34.98 -41.71
N GLN F 242 -12.77 -34.54 -41.93
CA GLN F 242 -13.22 -34.19 -43.27
C GLN F 242 -12.76 -32.81 -43.70
N ILE F 243 -12.82 -31.81 -42.79
CA ILE F 243 -12.66 -30.41 -43.21
C ILE F 243 -11.29 -29.84 -42.90
N VAL F 244 -10.39 -30.63 -42.29
CA VAL F 244 -9.04 -30.17 -42.00
C VAL F 244 -8.05 -31.03 -42.75
N LYS F 245 -7.10 -30.39 -43.43
CA LYS F 245 -6.10 -31.03 -44.26
C LYS F 245 -4.75 -30.52 -43.82
N TRP F 246 -3.81 -31.42 -43.59
CA TRP F 246 -2.49 -31.03 -43.15
C TRP F 246 -1.48 -31.15 -44.28
N VAL F 247 -0.59 -30.17 -44.31
CA VAL F 247 0.49 -30.09 -45.27
C VAL F 247 1.76 -30.00 -44.44
N GLU F 248 2.52 -31.10 -44.38
CA GLU F 248 3.73 -31.09 -43.58
C GLU F 248 4.96 -30.82 -44.43
#